data_1VH6
# 
_entry.id   1VH6 
# 
_audit_conform.dict_name       mmcif_pdbx.dic 
_audit_conform.dict_version    5.398 
_audit_conform.dict_location   http://mmcif.pdb.org/dictionaries/ascii/mmcif_pdbx.dic 
# 
loop_
_database_2.database_id 
_database_2.database_code 
_database_2.pdbx_database_accession 
_database_2.pdbx_DOI 
PDB   1VH6         pdb_00001vh6 10.2210/pdb1vh6/pdb 
RCSB  RCSB001865   ?            ?                   
WWPDB D_1000001865 ?            ?                   
# 
loop_
_pdbx_audit_revision_history.ordinal 
_pdbx_audit_revision_history.data_content_type 
_pdbx_audit_revision_history.major_revision 
_pdbx_audit_revision_history.minor_revision 
_pdbx_audit_revision_history.revision_date 
1 'Structure model' 1 0 2003-12-30 
2 'Structure model' 1 1 2008-04-26 
3 'Structure model' 1 2 2011-07-13 
4 'Structure model' 1 3 2017-10-04 
5 'Structure model' 1 4 2023-12-27 
6 'Structure model' 1 5 2024-10-30 
# 
_pdbx_audit_revision_details.ordinal             1 
_pdbx_audit_revision_details.revision_ordinal    1 
_pdbx_audit_revision_details.data_content_type   'Structure model' 
_pdbx_audit_revision_details.provider            repository 
_pdbx_audit_revision_details.type                'Initial release' 
_pdbx_audit_revision_details.description         ? 
_pdbx_audit_revision_details.details             ? 
# 
loop_
_pdbx_audit_revision_group.ordinal 
_pdbx_audit_revision_group.revision_ordinal 
_pdbx_audit_revision_group.data_content_type 
_pdbx_audit_revision_group.group 
1 2 'Structure model' 'Version format compliance' 
2 3 'Structure model' 'Derived calculations'      
3 3 'Structure model' 'Version format compliance' 
4 4 'Structure model' 'Refinement description'    
5 5 'Structure model' 'Data collection'           
6 5 'Structure model' 'Database references'       
7 5 'Structure model' 'Derived calculations'      
8 6 'Structure model' 'Structure summary'         
# 
loop_
_pdbx_audit_revision_category.ordinal 
_pdbx_audit_revision_category.revision_ordinal 
_pdbx_audit_revision_category.data_content_type 
_pdbx_audit_revision_category.category 
1 4 'Structure model' software                  
2 5 'Structure model' chem_comp_atom            
3 5 'Structure model' chem_comp_bond            
4 5 'Structure model' database_2                
5 5 'Structure model' struct_conn               
6 6 'Structure model' pdbx_entry_details        
7 6 'Structure model' pdbx_modification_feature 
# 
loop_
_pdbx_audit_revision_item.ordinal 
_pdbx_audit_revision_item.revision_ordinal 
_pdbx_audit_revision_item.data_content_type 
_pdbx_audit_revision_item.item 
1 4 'Structure model' '_software.name'                      
2 5 'Structure model' '_database_2.pdbx_DOI'                
3 5 'Structure model' '_database_2.pdbx_database_accession' 
4 5 'Structure model' '_struct_conn.pdbx_leaving_atom_flag' 
# 
_pdbx_database_status.status_code                     REL 
_pdbx_database_status.entry_id                        1VH6 
_pdbx_database_status.recvd_initial_deposition_date   2003-12-01 
_pdbx_database_status.deposit_site                    RCSB 
_pdbx_database_status.process_site                    RCSB 
_pdbx_database_status.status_code_sf                  REL 
_pdbx_database_status.SG_entry                        . 
_pdbx_database_status.pdb_format_compatible           Y 
_pdbx_database_status.status_code_mr                  ? 
_pdbx_database_status.status_code_cs                  ? 
_pdbx_database_status.methods_development_category    ? 
_pdbx_database_status.status_code_nmr_data            ? 
# 
_audit_author.name           'Structural GenomiX' 
_audit_author.pdbx_ordinal   1 
# 
_citation.id                        primary 
_citation.title                     'Structural analysis of a set of proteins resulting from a bacterial genomics project' 
_citation.journal_abbrev            Proteins 
_citation.journal_volume            60 
_citation.page_first                787 
_citation.page_last                 796 
_citation.year                      2005 
_citation.journal_id_ASTM           PSFGEY 
_citation.country                   US 
_citation.journal_id_ISSN           0887-3585 
_citation.journal_id_CSD            0867 
_citation.book_publisher            ? 
_citation.pdbx_database_id_PubMed   16021622 
_citation.pdbx_database_id_DOI      10.1002/prot.20541 
# 
loop_
_citation_author.citation_id 
_citation_author.name 
_citation_author.ordinal 
_citation_author.identifier_ORCID 
primary 'Badger, J.'             1  ? 
primary 'Sauder, J.M.'           2  ? 
primary 'Adams, J.M.'            3  ? 
primary 'Antonysamy, S.'         4  ? 
primary 'Bain, K.'               5  ? 
primary 'Bergseid, M.G.'         6  ? 
primary 'Buchanan, S.G.'         7  ? 
primary 'Buchanan, M.D.'         8  ? 
primary 'Batiyenko, Y.'          9  ? 
primary 'Christopher, J.A.'      10 ? 
primary 'Emtage, S.'             11 ? 
primary 'Eroshkina, A.'          12 ? 
primary 'Feil, I.'               13 ? 
primary 'Furlong, E.B.'          14 ? 
primary 'Gajiwala, K.S.'         15 ? 
primary 'Gao, X.'                16 ? 
primary 'He, D.'                 17 ? 
primary 'Hendle, J.'             18 ? 
primary 'Huber, A.'              19 ? 
primary 'Hoda, K.'               20 ? 
primary 'Kearins, P.'            21 ? 
primary 'Kissinger, C.'          22 ? 
primary 'Laubert, B.'            23 ? 
primary 'Lewis, H.A.'            24 ? 
primary 'Lin, J.'                25 ? 
primary 'Loomis, K.'             26 ? 
primary 'Lorimer, D.'            27 ? 
primary 'Louie, G.'              28 ? 
primary 'Maletic, M.'            29 ? 
primary 'Marsh, C.D.'            30 ? 
primary 'Miller, I.'             31 ? 
primary 'Molinari, J.'           32 ? 
primary 'Muller-Dieckmann, H.J.' 33 ? 
primary 'Newman, J.M.'           34 ? 
primary 'Noland, B.W.'           35 ? 
primary 'Pagarigan, B.'          36 ? 
primary 'Park, F.'               37 ? 
primary 'Peat, T.S.'             38 ? 
primary 'Post, K.W.'             39 ? 
primary 'Radojicic, S.'          40 ? 
primary 'Ramos, A.'              41 ? 
primary 'Romero, R.'             42 ? 
primary 'Rutter, M.E.'           43 ? 
primary 'Sanderson, W.E.'        44 ? 
primary 'Schwinn, K.D.'          45 ? 
primary 'Tresser, J.'            46 ? 
primary 'Winhoven, J.'           47 ? 
primary 'Wright, T.A.'           48 ? 
primary 'Wu, L.'                 49 ? 
primary 'Xu, J.'                 50 ? 
primary 'Harris, T.J.'           51 ? 
# 
loop_
_entity.id 
_entity.type 
_entity.src_method 
_entity.pdbx_description 
_entity.formula_weight 
_entity.pdbx_number_of_molecules 
_entity.pdbx_ec 
_entity.pdbx_mutation 
_entity.pdbx_fragment 
_entity.details 
1 polymer man 'Flagellar protein fliS' 16833.750 2  ? ? ? ? 
2 water   nat water                    18.015    12 ? ? ? ? 
# 
_entity_poly.entity_id                      1 
_entity_poly.type                           'polypeptide(L)' 
_entity_poly.nstd_linkage                   no 
_entity_poly.nstd_monomer                   yes 
_entity_poly.pdbx_seq_one_letter_code       
;(MSE)SLAIQNPYTAYQQNSVNTATPGELTL(MSE)LYNGCLKFIRLAAQAIENDD(MSE)ERKNENLIKAQNIIQELNF
TLNRNIELSAS(MSE)GA(MSE)YDY(MSE)YRRLVQANIKNDTG(MSE)LAEVEGYVTDFRDAWKQAIQSERKDRHGSG
GIAEGGSHHHHHH
;
_entity_poly.pdbx_seq_one_letter_code_can   
;MSLAIQNPYTAYQQNSVNTATPGELTLMLYNGCLKFIRLAAQAIENDDMERKNENLIKAQNIIQELNFTLNRNIELSASM
GAMYDYMYRRLVQANIKNDTGMLAEVEGYVTDFRDAWKQAIQSERKDRHGSGGIAEGGSHHHHHH
;
_entity_poly.pdbx_strand_id                 A,B 
_entity_poly.pdbx_target_identifier         ? 
# 
_pdbx_entity_nonpoly.entity_id   2 
_pdbx_entity_nonpoly.name        water 
_pdbx_entity_nonpoly.comp_id     HOH 
# 
loop_
_entity_poly_seq.entity_id 
_entity_poly_seq.num 
_entity_poly_seq.mon_id 
_entity_poly_seq.hetero 
1 1   MSE n 
1 2   SER n 
1 3   LEU n 
1 4   ALA n 
1 5   ILE n 
1 6   GLN n 
1 7   ASN n 
1 8   PRO n 
1 9   TYR n 
1 10  THR n 
1 11  ALA n 
1 12  TYR n 
1 13  GLN n 
1 14  GLN n 
1 15  ASN n 
1 16  SER n 
1 17  VAL n 
1 18  ASN n 
1 19  THR n 
1 20  ALA n 
1 21  THR n 
1 22  PRO n 
1 23  GLY n 
1 24  GLU n 
1 25  LEU n 
1 26  THR n 
1 27  LEU n 
1 28  MSE n 
1 29  LEU n 
1 30  TYR n 
1 31  ASN n 
1 32  GLY n 
1 33  CYS n 
1 34  LEU n 
1 35  LYS n 
1 36  PHE n 
1 37  ILE n 
1 38  ARG n 
1 39  LEU n 
1 40  ALA n 
1 41  ALA n 
1 42  GLN n 
1 43  ALA n 
1 44  ILE n 
1 45  GLU n 
1 46  ASN n 
1 47  ASP n 
1 48  ASP n 
1 49  MSE n 
1 50  GLU n 
1 51  ARG n 
1 52  LYS n 
1 53  ASN n 
1 54  GLU n 
1 55  ASN n 
1 56  LEU n 
1 57  ILE n 
1 58  LYS n 
1 59  ALA n 
1 60  GLN n 
1 61  ASN n 
1 62  ILE n 
1 63  ILE n 
1 64  GLN n 
1 65  GLU n 
1 66  LEU n 
1 67  ASN n 
1 68  PHE n 
1 69  THR n 
1 70  LEU n 
1 71  ASN n 
1 72  ARG n 
1 73  ASN n 
1 74  ILE n 
1 75  GLU n 
1 76  LEU n 
1 77  SER n 
1 78  ALA n 
1 79  SER n 
1 80  MSE n 
1 81  GLY n 
1 82  ALA n 
1 83  MSE n 
1 84  TYR n 
1 85  ASP n 
1 86  TYR n 
1 87  MSE n 
1 88  TYR n 
1 89  ARG n 
1 90  ARG n 
1 91  LEU n 
1 92  VAL n 
1 93  GLN n 
1 94  ALA n 
1 95  ASN n 
1 96  ILE n 
1 97  LYS n 
1 98  ASN n 
1 99  ASP n 
1 100 THR n 
1 101 GLY n 
1 102 MSE n 
1 103 LEU n 
1 104 ALA n 
1 105 GLU n 
1 106 VAL n 
1 107 GLU n 
1 108 GLY n 
1 109 TYR n 
1 110 VAL n 
1 111 THR n 
1 112 ASP n 
1 113 PHE n 
1 114 ARG n 
1 115 ASP n 
1 116 ALA n 
1 117 TRP n 
1 118 LYS n 
1 119 GLN n 
1 120 ALA n 
1 121 ILE n 
1 122 GLN n 
1 123 SER n 
1 124 GLU n 
1 125 ARG n 
1 126 LYS n 
1 127 ASP n 
1 128 ARG n 
1 129 HIS n 
1 130 GLY n 
1 131 SER n 
1 132 GLY n 
1 133 GLY n 
1 134 ILE n 
1 135 ALA n 
1 136 GLU n 
1 137 GLY n 
1 138 GLY n 
1 139 SER n 
1 140 HIS n 
1 141 HIS n 
1 142 HIS n 
1 143 HIS n 
1 144 HIS n 
1 145 HIS n 
# 
_entity_src_gen.entity_id                          1 
_entity_src_gen.pdbx_src_id                        1 
_entity_src_gen.pdbx_alt_source_flag               sample 
_entity_src_gen.pdbx_seq_type                      ? 
_entity_src_gen.pdbx_beg_seq_num                   ? 
_entity_src_gen.pdbx_end_seq_num                   ? 
_entity_src_gen.gene_src_common_name               ? 
_entity_src_gen.gene_src_genus                     Bacillus 
_entity_src_gen.pdbx_gene_src_gene                 'FLIS, BSU35330' 
_entity_src_gen.gene_src_species                   ? 
_entity_src_gen.gene_src_strain                    ? 
_entity_src_gen.gene_src_tissue                    ? 
_entity_src_gen.gene_src_tissue_fraction           ? 
_entity_src_gen.gene_src_details                   ? 
_entity_src_gen.pdbx_gene_src_fragment             ? 
_entity_src_gen.pdbx_gene_src_scientific_name      'Bacillus subtilis' 
_entity_src_gen.pdbx_gene_src_ncbi_taxonomy_id     1423 
_entity_src_gen.pdbx_gene_src_variant              ? 
_entity_src_gen.pdbx_gene_src_cell_line            ? 
_entity_src_gen.pdbx_gene_src_atcc                 ? 
_entity_src_gen.pdbx_gene_src_organ                ? 
_entity_src_gen.pdbx_gene_src_organelle            ? 
_entity_src_gen.pdbx_gene_src_cell                 ? 
_entity_src_gen.pdbx_gene_src_cellular_location    ? 
_entity_src_gen.host_org_common_name               ? 
_entity_src_gen.pdbx_host_org_scientific_name      'Escherichia coli' 
_entity_src_gen.pdbx_host_org_ncbi_taxonomy_id     562 
_entity_src_gen.host_org_genus                     Escherichia 
_entity_src_gen.pdbx_host_org_gene                 ? 
_entity_src_gen.pdbx_host_org_organ                ? 
_entity_src_gen.host_org_species                   ? 
_entity_src_gen.pdbx_host_org_tissue               ? 
_entity_src_gen.pdbx_host_org_tissue_fraction      ? 
_entity_src_gen.pdbx_host_org_strain               ? 
_entity_src_gen.pdbx_host_org_variant              ? 
_entity_src_gen.pdbx_host_org_cell_line            ? 
_entity_src_gen.pdbx_host_org_atcc                 ? 
_entity_src_gen.pdbx_host_org_culture_collection   ? 
_entity_src_gen.pdbx_host_org_cell                 ? 
_entity_src_gen.pdbx_host_org_organelle            ? 
_entity_src_gen.pdbx_host_org_cellular_location    ? 
_entity_src_gen.pdbx_host_org_vector_type          ? 
_entity_src_gen.pdbx_host_org_vector               ? 
_entity_src_gen.host_org_details                   ? 
_entity_src_gen.expression_system_id               ? 
_entity_src_gen.plasmid_name                       ? 
_entity_src_gen.plasmid_details                    ? 
_entity_src_gen.pdbx_description                   ? 
# 
loop_
_chem_comp.id 
_chem_comp.type 
_chem_comp.mon_nstd_flag 
_chem_comp.name 
_chem_comp.pdbx_synonyms 
_chem_comp.formula 
_chem_comp.formula_weight 
ALA 'L-peptide linking' y ALANINE          ? 'C3 H7 N O2'     89.093  
ARG 'L-peptide linking' y ARGININE         ? 'C6 H15 N4 O2 1' 175.209 
ASN 'L-peptide linking' y ASPARAGINE       ? 'C4 H8 N2 O3'    132.118 
ASP 'L-peptide linking' y 'ASPARTIC ACID'  ? 'C4 H7 N O4'     133.103 
CYS 'L-peptide linking' y CYSTEINE         ? 'C3 H7 N O2 S'   121.158 
GLN 'L-peptide linking' y GLUTAMINE        ? 'C5 H10 N2 O3'   146.144 
GLU 'L-peptide linking' y 'GLUTAMIC ACID'  ? 'C5 H9 N O4'     147.129 
GLY 'peptide linking'   y GLYCINE          ? 'C2 H5 N O2'     75.067  
HIS 'L-peptide linking' y HISTIDINE        ? 'C6 H10 N3 O2 1' 156.162 
HOH non-polymer         . WATER            ? 'H2 O'           18.015  
ILE 'L-peptide linking' y ISOLEUCINE       ? 'C6 H13 N O2'    131.173 
LEU 'L-peptide linking' y LEUCINE          ? 'C6 H13 N O2'    131.173 
LYS 'L-peptide linking' y LYSINE           ? 'C6 H15 N2 O2 1' 147.195 
MET 'L-peptide linking' y METHIONINE       ? 'C5 H11 N O2 S'  149.211 
MSE 'L-peptide linking' n SELENOMETHIONINE ? 'C5 H11 N O2 Se' 196.106 
PHE 'L-peptide linking' y PHENYLALANINE    ? 'C9 H11 N O2'    165.189 
PRO 'L-peptide linking' y PROLINE          ? 'C5 H9 N O2'     115.130 
SER 'L-peptide linking' y SERINE           ? 'C3 H7 N O3'     105.093 
THR 'L-peptide linking' y THREONINE        ? 'C4 H9 N O3'     119.119 
TRP 'L-peptide linking' y TRYPTOPHAN       ? 'C11 H12 N2 O2'  204.225 
TYR 'L-peptide linking' y TYROSINE         ? 'C9 H11 N O3'    181.189 
VAL 'L-peptide linking' y VALINE           ? 'C5 H11 N O2'    117.146 
# 
loop_
_pdbx_poly_seq_scheme.asym_id 
_pdbx_poly_seq_scheme.entity_id 
_pdbx_poly_seq_scheme.seq_id 
_pdbx_poly_seq_scheme.mon_id 
_pdbx_poly_seq_scheme.ndb_seq_num 
_pdbx_poly_seq_scheme.pdb_seq_num 
_pdbx_poly_seq_scheme.auth_seq_num 
_pdbx_poly_seq_scheme.pdb_mon_id 
_pdbx_poly_seq_scheme.auth_mon_id 
_pdbx_poly_seq_scheme.pdb_strand_id 
_pdbx_poly_seq_scheme.pdb_ins_code 
_pdbx_poly_seq_scheme.hetero 
A 1 1   MSE 1   -1  ?   ?   ?   A . n 
A 1 2   SER 2   0   ?   ?   ?   A . n 
A 1 3   LEU 3   1   ?   ?   ?   A . n 
A 1 4   ALA 4   2   ?   ?   ?   A . n 
A 1 5   ILE 5   3   ?   ?   ?   A . n 
A 1 6   GLN 6   4   ?   ?   ?   A . n 
A 1 7   ASN 7   5   ?   ?   ?   A . n 
A 1 8   PRO 8   6   ?   ?   ?   A . n 
A 1 9   TYR 9   7   ?   ?   ?   A . n 
A 1 10  THR 10  8   ?   ?   ?   A . n 
A 1 11  ALA 11  9   ?   ?   ?   A . n 
A 1 12  TYR 12  10  ?   ?   ?   A . n 
A 1 13  GLN 13  11  ?   ?   ?   A . n 
A 1 14  GLN 14  12  ?   ?   ?   A . n 
A 1 15  ASN 15  13  ?   ?   ?   A . n 
A 1 16  SER 16  14  ?   ?   ?   A . n 
A 1 17  VAL 17  15  ?   ?   ?   A . n 
A 1 18  ASN 18  16  ?   ?   ?   A . n 
A 1 19  THR 19  17  ?   ?   ?   A . n 
A 1 20  ALA 20  18  18  ALA ALA A . n 
A 1 21  THR 21  19  19  THR THR A . n 
A 1 22  PRO 22  20  20  PRO PRO A . n 
A 1 23  GLY 23  21  21  GLY GLY A . n 
A 1 24  GLU 24  22  22  GLU GLU A . n 
A 1 25  LEU 25  23  23  LEU LEU A . n 
A 1 26  THR 26  24  24  THR THR A . n 
A 1 27  LEU 27  25  25  LEU LEU A . n 
A 1 28  MSE 28  26  26  MSE MSE A . n 
A 1 29  LEU 29  27  27  LEU LEU A . n 
A 1 30  TYR 30  28  28  TYR TYR A . n 
A 1 31  ASN 31  29  29  ASN ASN A . n 
A 1 32  GLY 32  30  30  GLY GLY A . n 
A 1 33  CYS 33  31  31  CYS CYS A . n 
A 1 34  LEU 34  32  32  LEU LEU A . n 
A 1 35  LYS 35  33  33  LYS LYS A . n 
A 1 36  PHE 36  34  34  PHE PHE A . n 
A 1 37  ILE 37  35  35  ILE ILE A . n 
A 1 38  ARG 38  36  36  ARG ARG A . n 
A 1 39  LEU 39  37  37  LEU LEU A . n 
A 1 40  ALA 40  38  38  ALA ALA A . n 
A 1 41  ALA 41  39  39  ALA ALA A . n 
A 1 42  GLN 42  40  40  GLN GLN A . n 
A 1 43  ALA 43  41  41  ALA ALA A . n 
A 1 44  ILE 44  42  42  ILE ILE A . n 
A 1 45  GLU 45  43  43  GLU GLU A . n 
A 1 46  ASN 46  44  44  ASN ASN A . n 
A 1 47  ASP 47  45  45  ASP ASP A . n 
A 1 48  ASP 48  46  46  ASP ASP A . n 
A 1 49  MSE 49  47  47  MSE MSE A . n 
A 1 50  GLU 50  48  48  GLU GLU A . n 
A 1 51  ARG 51  49  49  ARG ARG A . n 
A 1 52  LYS 52  50  50  LYS LYS A . n 
A 1 53  ASN 53  51  51  ASN ASN A . n 
A 1 54  GLU 54  52  52  GLU GLU A . n 
A 1 55  ASN 55  53  53  ASN ASN A . n 
A 1 56  LEU 56  54  54  LEU LEU A . n 
A 1 57  ILE 57  55  55  ILE ILE A . n 
A 1 58  LYS 58  56  56  LYS LYS A . n 
A 1 59  ALA 59  57  57  ALA ALA A . n 
A 1 60  GLN 60  58  58  GLN GLN A . n 
A 1 61  ASN 61  59  59  ASN ASN A . n 
A 1 62  ILE 62  60  60  ILE ILE A . n 
A 1 63  ILE 63  61  61  ILE ILE A . n 
A 1 64  GLN 64  62  62  GLN GLN A . n 
A 1 65  GLU 65  63  63  GLU GLU A . n 
A 1 66  LEU 66  64  64  LEU LEU A . n 
A 1 67  ASN 67  65  65  ASN ASN A . n 
A 1 68  PHE 68  66  66  PHE PHE A . n 
A 1 69  THR 69  67  67  THR THR A . n 
A 1 70  LEU 70  68  68  LEU LEU A . n 
A 1 71  ASN 71  69  69  ASN ASN A . n 
A 1 72  ARG 72  70  70  ARG ARG A . n 
A 1 73  ASN 73  71  71  ASN ASN A . n 
A 1 74  ILE 74  72  72  ILE ILE A . n 
A 1 75  GLU 75  73  73  GLU GLU A . n 
A 1 76  LEU 76  74  74  LEU LEU A . n 
A 1 77  SER 77  75  75  SER SER A . n 
A 1 78  ALA 78  76  76  ALA ALA A . n 
A 1 79  SER 79  77  77  SER SER A . n 
A 1 80  MSE 80  78  78  MSE MSE A . n 
A 1 81  GLY 81  79  79  GLY GLY A . n 
A 1 82  ALA 82  80  80  ALA ALA A . n 
A 1 83  MSE 83  81  81  MSE MSE A . n 
A 1 84  TYR 84  82  82  TYR TYR A . n 
A 1 85  ASP 85  83  83  ASP ASP A . n 
A 1 86  TYR 86  84  84  TYR TYR A . n 
A 1 87  MSE 87  85  85  MSE MSE A . n 
A 1 88  TYR 88  86  86  TYR TYR A . n 
A 1 89  ARG 89  87  87  ARG ARG A . n 
A 1 90  ARG 90  88  88  ARG ARG A . n 
A 1 91  LEU 91  89  89  LEU LEU A . n 
A 1 92  VAL 92  90  90  VAL VAL A . n 
A 1 93  GLN 93  91  91  GLN GLN A . n 
A 1 94  ALA 94  92  92  ALA ALA A . n 
A 1 95  ASN 95  93  93  ASN ASN A . n 
A 1 96  ILE 96  94  94  ILE ILE A . n 
A 1 97  LYS 97  95  95  LYS LYS A . n 
A 1 98  ASN 98  96  96  ASN ASN A . n 
A 1 99  ASP 99  97  97  ASP ASP A . n 
A 1 100 THR 100 98  98  THR THR A . n 
A 1 101 GLY 101 99  99  GLY GLY A . n 
A 1 102 MSE 102 100 100 MSE MSE A . n 
A 1 103 LEU 103 101 101 LEU LEU A . n 
A 1 104 ALA 104 102 102 ALA ALA A . n 
A 1 105 GLU 105 103 103 GLU GLU A . n 
A 1 106 VAL 106 104 104 VAL VAL A . n 
A 1 107 GLU 107 105 105 GLU GLU A . n 
A 1 108 GLY 108 106 106 GLY GLY A . n 
A 1 109 TYR 109 107 107 TYR TYR A . n 
A 1 110 VAL 110 108 108 VAL VAL A . n 
A 1 111 THR 111 109 109 THR THR A . n 
A 1 112 ASP 112 110 110 ASP ASP A . n 
A 1 113 PHE 113 111 111 PHE PHE A . n 
A 1 114 ARG 114 112 112 ARG ARG A . n 
A 1 115 ASP 115 113 113 ASP ASP A . n 
A 1 116 ALA 116 114 114 ALA ALA A . n 
A 1 117 TRP 117 115 115 TRP TRP A . n 
A 1 118 LYS 118 116 116 LYS LYS A . n 
A 1 119 GLN 119 117 117 GLN GLN A . n 
A 1 120 ALA 120 118 118 ALA ALA A . n 
A 1 121 ILE 121 119 119 ILE ILE A . n 
A 1 122 GLN 122 120 ?   ?   ?   A . n 
A 1 123 SER 123 121 ?   ?   ?   A . n 
A 1 124 GLU 124 122 ?   ?   ?   A . n 
A 1 125 ARG 125 123 ?   ?   ?   A . n 
A 1 126 LYS 126 124 ?   ?   ?   A . n 
A 1 127 ASP 127 125 ?   ?   ?   A . n 
A 1 128 ARG 128 126 ?   ?   ?   A . n 
A 1 129 HIS 129 127 ?   ?   ?   A . n 
A 1 130 GLY 130 128 ?   ?   ?   A . n 
A 1 131 SER 131 129 ?   ?   ?   A . n 
A 1 132 GLY 132 130 ?   ?   ?   A . n 
A 1 133 GLY 133 131 ?   ?   ?   A . n 
A 1 134 ILE 134 132 ?   ?   ?   A . n 
A 1 135 ALA 135 133 ?   ?   ?   A . n 
A 1 136 GLU 136 134 ?   ?   ?   A . n 
A 1 137 GLY 137 135 ?   ?   ?   A . n 
A 1 138 GLY 138 136 ?   ?   ?   A . n 
A 1 139 SER 139 137 ?   ?   ?   A . n 
A 1 140 HIS 140 138 ?   ?   ?   A . n 
A 1 141 HIS 141 139 ?   ?   ?   A . n 
A 1 142 HIS 142 140 ?   ?   ?   A . n 
A 1 143 HIS 143 141 ?   ?   ?   A . n 
A 1 144 HIS 144 142 ?   ?   ?   A . n 
A 1 145 HIS 145 143 ?   ?   ?   A . n 
B 1 1   MSE 1   -1  ?   ?   ?   B . n 
B 1 2   SER 2   0   ?   ?   ?   B . n 
B 1 3   LEU 3   1   ?   ?   ?   B . n 
B 1 4   ALA 4   2   ?   ?   ?   B . n 
B 1 5   ILE 5   3   ?   ?   ?   B . n 
B 1 6   GLN 6   4   ?   ?   ?   B . n 
B 1 7   ASN 7   5   ?   ?   ?   B . n 
B 1 8   PRO 8   6   ?   ?   ?   B . n 
B 1 9   TYR 9   7   ?   ?   ?   B . n 
B 1 10  THR 10  8   ?   ?   ?   B . n 
B 1 11  ALA 11  9   ?   ?   ?   B . n 
B 1 12  TYR 12  10  ?   ?   ?   B . n 
B 1 13  GLN 13  11  ?   ?   ?   B . n 
B 1 14  GLN 14  12  ?   ?   ?   B . n 
B 1 15  ASN 15  13  ?   ?   ?   B . n 
B 1 16  SER 16  14  ?   ?   ?   B . n 
B 1 17  VAL 17  15  15  VAL VAL B . n 
B 1 18  ASN 18  16  16  ASN ASN B . n 
B 1 19  THR 19  17  17  THR THR B . n 
B 1 20  ALA 20  18  18  ALA ALA B . n 
B 1 21  THR 21  19  19  THR THR B . n 
B 1 22  PRO 22  20  20  PRO PRO B . n 
B 1 23  GLY 23  21  21  GLY GLY B . n 
B 1 24  GLU 24  22  22  GLU GLU B . n 
B 1 25  LEU 25  23  23  LEU LEU B . n 
B 1 26  THR 26  24  24  THR THR B . n 
B 1 27  LEU 27  25  25  LEU LEU B . n 
B 1 28  MSE 28  26  26  MSE MSE B . n 
B 1 29  LEU 29  27  27  LEU LEU B . n 
B 1 30  TYR 30  28  28  TYR TYR B . n 
B 1 31  ASN 31  29  29  ASN ASN B . n 
B 1 32  GLY 32  30  30  GLY GLY B . n 
B 1 33  CYS 33  31  31  CYS CYS B . n 
B 1 34  LEU 34  32  32  LEU LEU B . n 
B 1 35  LYS 35  33  33  LYS LYS B . n 
B 1 36  PHE 36  34  34  PHE PHE B . n 
B 1 37  ILE 37  35  35  ILE ILE B . n 
B 1 38  ARG 38  36  36  ARG ARG B . n 
B 1 39  LEU 39  37  37  LEU LEU B . n 
B 1 40  ALA 40  38  38  ALA ALA B . n 
B 1 41  ALA 41  39  39  ALA ALA B . n 
B 1 42  GLN 42  40  40  GLN GLN B . n 
B 1 43  ALA 43  41  41  ALA ALA B . n 
B 1 44  ILE 44  42  42  ILE ILE B . n 
B 1 45  GLU 45  43  43  GLU GLU B . n 
B 1 46  ASN 46  44  44  ASN ASN B . n 
B 1 47  ASP 47  45  45  ASP ASP B . n 
B 1 48  ASP 48  46  46  ASP ASP B . n 
B 1 49  MSE 49  47  47  MSE MSE B . n 
B 1 50  GLU 50  48  48  GLU GLU B . n 
B 1 51  ARG 51  49  49  ARG ARG B . n 
B 1 52  LYS 52  50  50  LYS LYS B . n 
B 1 53  ASN 53  51  51  ASN ASN B . n 
B 1 54  GLU 54  52  52  GLU GLU B . n 
B 1 55  ASN 55  53  53  ASN ASN B . n 
B 1 56  LEU 56  54  54  LEU LEU B . n 
B 1 57  ILE 57  55  55  ILE ILE B . n 
B 1 58  LYS 58  56  56  LYS LYS B . n 
B 1 59  ALA 59  57  57  ALA ALA B . n 
B 1 60  GLN 60  58  58  GLN GLN B . n 
B 1 61  ASN 61  59  59  ASN ASN B . n 
B 1 62  ILE 62  60  60  ILE ILE B . n 
B 1 63  ILE 63  61  61  ILE ILE B . n 
B 1 64  GLN 64  62  62  GLN GLN B . n 
B 1 65  GLU 65  63  63  GLU GLU B . n 
B 1 66  LEU 66  64  64  LEU LEU B . n 
B 1 67  ASN 67  65  65  ASN ASN B . n 
B 1 68  PHE 68  66  66  PHE PHE B . n 
B 1 69  THR 69  67  67  THR THR B . n 
B 1 70  LEU 70  68  68  LEU LEU B . n 
B 1 71  ASN 71  69  69  ASN ASN B . n 
B 1 72  ARG 72  70  70  ARG ARG B . n 
B 1 73  ASN 73  71  71  ASN ASN B . n 
B 1 74  ILE 74  72  72  ILE ILE B . n 
B 1 75  GLU 75  73  73  GLU GLU B . n 
B 1 76  LEU 76  74  74  LEU LEU B . n 
B 1 77  SER 77  75  75  SER SER B . n 
B 1 78  ALA 78  76  76  ALA ALA B . n 
B 1 79  SER 79  77  77  SER SER B . n 
B 1 80  MSE 80  78  78  MSE MSE B . n 
B 1 81  GLY 81  79  79  GLY GLY B . n 
B 1 82  ALA 82  80  80  ALA ALA B . n 
B 1 83  MSE 83  81  81  MSE MSE B . n 
B 1 84  TYR 84  82  82  TYR TYR B . n 
B 1 85  ASP 85  83  83  ASP ASP B . n 
B 1 86  TYR 86  84  84  TYR TYR B . n 
B 1 87  MSE 87  85  85  MSE MSE B . n 
B 1 88  TYR 88  86  86  TYR TYR B . n 
B 1 89  ARG 89  87  87  ARG ARG B . n 
B 1 90  ARG 90  88  88  ARG ARG B . n 
B 1 91  LEU 91  89  89  LEU LEU B . n 
B 1 92  VAL 92  90  90  VAL VAL B . n 
B 1 93  GLN 93  91  91  GLN GLN B . n 
B 1 94  ALA 94  92  92  ALA ALA B . n 
B 1 95  ASN 95  93  93  ASN ASN B . n 
B 1 96  ILE 96  94  94  ILE ILE B . n 
B 1 97  LYS 97  95  95  LYS LYS B . n 
B 1 98  ASN 98  96  96  ASN ASN B . n 
B 1 99  ASP 99  97  97  ASP ASP B . n 
B 1 100 THR 100 98  98  THR THR B . n 
B 1 101 GLY 101 99  99  GLY GLY B . n 
B 1 102 MSE 102 100 100 MSE MSE B . n 
B 1 103 LEU 103 101 101 LEU LEU B . n 
B 1 104 ALA 104 102 102 ALA ALA B . n 
B 1 105 GLU 105 103 103 GLU GLU B . n 
B 1 106 VAL 106 104 104 VAL VAL B . n 
B 1 107 GLU 107 105 105 GLU GLU B . n 
B 1 108 GLY 108 106 106 GLY GLY B . n 
B 1 109 TYR 109 107 107 TYR TYR B . n 
B 1 110 VAL 110 108 108 VAL VAL B . n 
B 1 111 THR 111 109 109 THR THR B . n 
B 1 112 ASP 112 110 110 ASP ASP B . n 
B 1 113 PHE 113 111 111 PHE PHE B . n 
B 1 114 ARG 114 112 112 ARG ARG B . n 
B 1 115 ASP 115 113 113 ASP ASP B . n 
B 1 116 ALA 116 114 114 ALA ALA B . n 
B 1 117 TRP 117 115 115 TRP TRP B . n 
B 1 118 LYS 118 116 116 LYS LYS B . n 
B 1 119 GLN 119 117 117 GLN GLN B . n 
B 1 120 ALA 120 118 118 ALA ALA B . n 
B 1 121 ILE 121 119 119 ILE ILE B . n 
B 1 122 GLN 122 120 120 GLN GLN B . n 
B 1 123 SER 123 121 121 SER SER B . n 
B 1 124 GLU 124 122 122 GLU GLU B . n 
B 1 125 ARG 125 123 ?   ?   ?   B . n 
B 1 126 LYS 126 124 ?   ?   ?   B . n 
B 1 127 ASP 127 125 ?   ?   ?   B . n 
B 1 128 ARG 128 126 ?   ?   ?   B . n 
B 1 129 HIS 129 127 ?   ?   ?   B . n 
B 1 130 GLY 130 128 ?   ?   ?   B . n 
B 1 131 SER 131 129 ?   ?   ?   B . n 
B 1 132 GLY 132 130 ?   ?   ?   B . n 
B 1 133 GLY 133 131 ?   ?   ?   B . n 
B 1 134 ILE 134 132 ?   ?   ?   B . n 
B 1 135 ALA 135 133 ?   ?   ?   B . n 
B 1 136 GLU 136 134 ?   ?   ?   B . n 
B 1 137 GLY 137 135 ?   ?   ?   B . n 
B 1 138 GLY 138 136 ?   ?   ?   B . n 
B 1 139 SER 139 137 ?   ?   ?   B . n 
B 1 140 HIS 140 138 ?   ?   ?   B . n 
B 1 141 HIS 141 139 ?   ?   ?   B . n 
B 1 142 HIS 142 140 ?   ?   ?   B . n 
B 1 143 HIS 143 141 ?   ?   ?   B . n 
B 1 144 HIS 144 142 ?   ?   ?   B . n 
B 1 145 HIS 145 143 ?   ?   ?   B . n 
# 
loop_
_pdbx_nonpoly_scheme.asym_id 
_pdbx_nonpoly_scheme.entity_id 
_pdbx_nonpoly_scheme.mon_id 
_pdbx_nonpoly_scheme.ndb_seq_num 
_pdbx_nonpoly_scheme.pdb_seq_num 
_pdbx_nonpoly_scheme.auth_seq_num 
_pdbx_nonpoly_scheme.pdb_mon_id 
_pdbx_nonpoly_scheme.auth_mon_id 
_pdbx_nonpoly_scheme.pdb_strand_id 
_pdbx_nonpoly_scheme.pdb_ins_code 
C 2 HOH 1 144 1  HOH HOH A . 
C 2 HOH 2 145 2  HOH HOH A . 
C 2 HOH 3 146 3  HOH HOH A . 
C 2 HOH 4 147 10 HOH HOH A . 
C 2 HOH 5 148 11 HOH HOH A . 
C 2 HOH 6 149 12 HOH HOH A . 
D 2 HOH 1 144 4  HOH HOH B . 
D 2 HOH 2 145 5  HOH HOH B . 
D 2 HOH 3 146 6  HOH HOH B . 
D 2 HOH 4 147 7  HOH HOH B . 
D 2 HOH 5 148 8  HOH HOH B . 
D 2 HOH 6 149 9  HOH HOH B . 
# 
loop_
_pdbx_unobs_or_zero_occ_atoms.id 
_pdbx_unobs_or_zero_occ_atoms.PDB_model_num 
_pdbx_unobs_or_zero_occ_atoms.polymer_flag 
_pdbx_unobs_or_zero_occ_atoms.occupancy_flag 
_pdbx_unobs_or_zero_occ_atoms.auth_asym_id 
_pdbx_unobs_or_zero_occ_atoms.auth_comp_id 
_pdbx_unobs_or_zero_occ_atoms.auth_seq_id 
_pdbx_unobs_or_zero_occ_atoms.PDB_ins_code 
_pdbx_unobs_or_zero_occ_atoms.auth_atom_id 
_pdbx_unobs_or_zero_occ_atoms.label_alt_id 
_pdbx_unobs_or_zero_occ_atoms.label_asym_id 
_pdbx_unobs_or_zero_occ_atoms.label_comp_id 
_pdbx_unobs_or_zero_occ_atoms.label_seq_id 
_pdbx_unobs_or_zero_occ_atoms.label_atom_id 
1  1 Y 1 A GLU 52  ? CD  ? A GLU 54  CD  
2  1 Y 1 A GLU 52  ? OE1 ? A GLU 54  OE1 
3  1 Y 1 A GLU 52  ? OE2 ? A GLU 54  OE2 
4  1 Y 1 A GLN 117 ? CD  ? A GLN 119 CD  
5  1 Y 1 A GLN 117 ? OE1 ? A GLN 119 OE1 
6  1 Y 1 A GLN 117 ? NE2 ? A GLN 119 NE2 
7  1 Y 1 B GLU 48  ? CG  ? B GLU 50  CG  
8  1 Y 1 B GLU 48  ? CD  ? B GLU 50  CD  
9  1 Y 1 B GLU 48  ? OE1 ? B GLU 50  OE1 
10 1 Y 1 B GLU 48  ? OE2 ? B GLU 50  OE2 
# 
loop_
_software.name 
_software.classification 
_software.version 
_software.citation_id 
_software.pdbx_ordinal 
MOSFLM   'data reduction' .        ? 1 
SCALA    'data scaling'   .        ? 2 
TRUNCATE 'data reduction' .        ? 3 
REFMAC   refinement       4.0      ? 4 
CCP4     'data scaling'   '(SCALA' ? 5 
TRUNCATE 'data scaling'   .        ? 6 
# 
_cell.entry_id           1VH6 
_cell.length_a           53.968 
_cell.length_b           64.151 
_cell.length_c           68.561 
_cell.angle_alpha        90.00 
_cell.angle_beta         90.00 
_cell.angle_gamma        90.00 
_cell.Z_PDB              8 
_cell.pdbx_unique_axis   ? 
# 
_symmetry.entry_id                         1VH6 
_symmetry.space_group_name_H-M             'P 21 21 21' 
_symmetry.Int_Tables_number                19 
_symmetry.pdbx_full_space_group_name_H-M   ? 
_symmetry.cell_setting                     ? 
# 
_exptl.entry_id          1VH6 
_exptl.method            'X-RAY DIFFRACTION' 
_exptl.crystals_number   1 
# 
_exptl_crystal.id                    1 
_exptl_crystal.density_meas          ? 
_exptl_crystal.density_Matthews      ? 
_exptl_crystal.density_percent_sol   ? 
_exptl_crystal.description           ? 
# 
_diffrn.id                     1 
_diffrn.crystal_id             1 
_diffrn.ambient_temp           ? 
_diffrn.ambient_temp_details   ? 
# 
_diffrn_detector.diffrn_id              1 
_diffrn_detector.detector               CCD 
_diffrn_detector.type                   MARRESEARCH 
_diffrn_detector.pdbx_collection_date   ? 
_diffrn_detector.details                ? 
# 
_diffrn_radiation.diffrn_id                        1 
_diffrn_radiation.wavelength_id                    1 
_diffrn_radiation.pdbx_diffrn_protocol             'SINGLE WAVELENGTH' 
_diffrn_radiation.pdbx_scattering_type             x-ray 
_diffrn_radiation.pdbx_monochromatic_or_laue_m_l   ? 
_diffrn_radiation.monochromator                    ? 
# 
_diffrn_radiation_wavelength.id           1 
_diffrn_radiation_wavelength.wavelength   0.9795 
_diffrn_radiation_wavelength.wt           1.0 
# 
_diffrn_source.diffrn_id                   1 
_diffrn_source.source                      SYNCHROTRON 
_diffrn_source.type                        'APS BEAMLINE 32-ID' 
_diffrn_source.pdbx_wavelength_list        0.9795 
_diffrn_source.pdbx_synchrotron_site       APS 
_diffrn_source.pdbx_synchrotron_beamline   32-ID 
_diffrn_source.pdbx_wavelength             ? 
# 
_reflns.entry_id                     1VH6 
_reflns.number_all                   8657 
_reflns.number_obs                   8657 
_reflns.d_resolution_low             46.63 
_reflns.d_resolution_high            2.50 
_reflns.percent_possible_obs         100.0 
_reflns.pdbx_redundancy              6.5 
_reflns.pdbx_Rmerge_I_obs            0.122 
_reflns.pdbx_netI_over_sigmaI        12.9 
_reflns.pdbx_ordinal                 1 
_reflns.pdbx_diffrn_id               1 
_reflns.observed_criterion_sigma_I   ? 
_reflns.observed_criterion_sigma_F   ? 
_reflns.pdbx_Rsym_value              ? 
_reflns.B_iso_Wilson_estimate        ? 
# 
_reflns_shell.d_res_low              2.64 
_reflns_shell.d_res_high             2.50 
_reflns_shell.meanI_over_sigI_obs    5.3 
_reflns_shell.Rmerge_I_obs           0.372 
_reflns_shell.percent_possible_all   100.0 
_reflns_shell.pdbx_redundancy        6.3 
_reflns_shell.pdbx_ordinal           1 
_reflns_shell.pdbx_diffrn_id         1 
_reflns_shell.pdbx_Rsym_value        ? 
# 
_refine.entry_id                                 1VH6 
_refine.pdbx_method_to_determine_struct          'Se-Met SAD phasing' 
_refine.ls_d_res_low                             46.63 
_refine.ls_d_res_high                            2.50 
_refine.solvent_model_details                    'Babinet bulk solvent correction' 
_refine.solvent_model_param_ksol                 0.999 
_refine.solvent_model_param_bsol                 396.607 
_refine.aniso_B[1][1]                            -1.839 
_refine.aniso_B[1][2]                            0.000 
_refine.aniso_B[1][3]                            0.000 
_refine.aniso_B[2][2]                            2.546 
_refine.aniso_B[2][3]                            0.000 
_refine.aniso_B[3][3]                            -0.707 
_refine.B_iso_mean                               21.548 
_refine.ls_number_reflns_obs                     8654 
_refine.ls_number_reflns_R_free                  861 
_refine.ls_R_factor_R_work                       0.263 
_refine.ls_R_factor_R_free                       0.317 
_refine.pdbx_ls_sigma_F                          0 
_refine.pdbx_refine_id                           'X-RAY DIFFRACTION' 
_refine.pdbx_diffrn_id                           1 
_refine.pdbx_TLS_residual_ADP_flag               ? 
_refine.ls_number_reflns_all                     ? 
_refine.pdbx_ls_sigma_I                          ? 
_refine.pdbx_data_cutoff_high_absF               ? 
_refine.pdbx_data_cutoff_low_absF                ? 
_refine.pdbx_data_cutoff_high_rms_absF           ? 
_refine.ls_percent_reflns_obs                    ? 
_refine.ls_R_factor_obs                          ? 
_refine.ls_R_factor_all                          ? 
_refine.ls_R_factor_R_free_error                 ? 
_refine.ls_R_factor_R_free_error_details         ? 
_refine.ls_percent_reflns_R_free                 ? 
_refine.ls_number_parameters                     ? 
_refine.ls_number_restraints                     ? 
_refine.occupancy_min                            ? 
_refine.occupancy_max                            ? 
_refine.correlation_coeff_Fo_to_Fc               ? 
_refine.correlation_coeff_Fo_to_Fc_free          ? 
_refine.pdbx_solvent_vdw_probe_radii             ? 
_refine.pdbx_solvent_ion_probe_radii             ? 
_refine.pdbx_solvent_shrinkage_radii             ? 
_refine.pdbx_ls_cross_valid_method               ? 
_refine.details                                  ? 
_refine.pdbx_starting_model                      ? 
_refine.pdbx_isotropic_thermal_model             ? 
_refine.pdbx_stereochemistry_target_values       ? 
_refine.pdbx_stereochem_target_val_spec_case     ? 
_refine.pdbx_R_Free_selection_details            ? 
_refine.pdbx_overall_ESU_R                       ? 
_refine.pdbx_overall_ESU_R_Free                  ? 
_refine.overall_SU_ML                            ? 
_refine.pdbx_overall_phase_error                 ? 
_refine.overall_SU_B                             ? 
_refine.overall_SU_R_Cruickshank_DPI             ? 
_refine.pdbx_overall_SU_R_free_Cruickshank_DPI   ? 
_refine.pdbx_overall_SU_R_Blow_DPI               ? 
_refine.pdbx_overall_SU_R_free_Blow_DPI          ? 
# 
_refine_hist.pdbx_refine_id                   'X-RAY DIFFRACTION' 
_refine_hist.cycle_id                         LAST 
_refine_hist.pdbx_number_atoms_protein        1674 
_refine_hist.pdbx_number_atoms_nucleic_acid   0 
_refine_hist.pdbx_number_atoms_ligand         0 
_refine_hist.number_atoms_solvent             12 
_refine_hist.number_atoms_total               1686 
_refine_hist.d_res_high                       2.50 
_refine_hist.d_res_low                        46.63 
# 
loop_
_refine_ls_restr.type 
_refine_ls_restr.dev_ideal 
_refine_ls_restr.pdbx_refine_id 
_refine_ls_restr.dev_ideal_target 
_refine_ls_restr.weight 
_refine_ls_restr.number 
_refine_ls_restr.pdbx_restraint_function 
p_bond_d       0.007 'X-RAY DIFFRACTION' ? ? ? ? 
p_angle_d      1.223 'X-RAY DIFFRACTION' ? ? ? ? 
p_planar_tor   0.928 'X-RAY DIFFRACTION' ? ? ? ? 
p_chiral_restr 0.084 'X-RAY DIFFRACTION' ? ? ? ? 
p_plane_restr  0.005 'X-RAY DIFFRACTION' ? ? ? ? 
p_mcbond_it    0.939 'X-RAY DIFFRACTION' ? ? ? ? 
p_mcangle_it   1.822 'X-RAY DIFFRACTION' ? ? ? ? 
p_scbond_it    2.117 'X-RAY DIFFRACTION' ? ? ? ? 
p_scangle_it   3.107 'X-RAY DIFFRACTION' ? ? ? ? 
# 
_struct.entry_id                  1VH6 
_struct.title                     'Crystal structure of a flagellar protein' 
_struct.pdbx_model_details        ? 
_struct.pdbx_CASP_flag            ? 
_struct.pdbx_model_type_details   ? 
# 
_struct_keywords.entry_id        1VH6 
_struct_keywords.pdbx_keywords   'Structural genomics, unknown function' 
_struct_keywords.text            'structural genomics, unknown function' 
# 
loop_
_struct_asym.id 
_struct_asym.pdbx_blank_PDB_chainid_flag 
_struct_asym.pdbx_modified 
_struct_asym.entity_id 
_struct_asym.details 
A N N 1 ? 
B N N 1 ? 
C N N 2 ? 
D N N 2 ? 
# 
_struct_ref.id                         1 
_struct_ref.entity_id                  1 
_struct_ref.db_name                    UNP 
_struct_ref.db_code                    FLIS_BACSU 
_struct_ref.pdbx_db_accession          P39739 
_struct_ref.pdbx_seq_one_letter_code   
;MAIQNPYTAYQQNSVNTATPGELTLMLYNGCLKFIRLAAQAIENDDMERKNENLIKAQNIIQELNFTLNRNIELSASMGA
MYDYMYRRLVQANIKNDTGMLAEVEGYVTDFRDAWKQAIQSERKDRHGSGGIA
;
_struct_ref.pdbx_align_begin           1 
_struct_ref.pdbx_db_isoform            ? 
# 
loop_
_struct_ref_seq.align_id 
_struct_ref_seq.ref_id 
_struct_ref_seq.pdbx_PDB_id_code 
_struct_ref_seq.pdbx_strand_id 
_struct_ref_seq.seq_align_beg 
_struct_ref_seq.pdbx_seq_align_beg_ins_code 
_struct_ref_seq.seq_align_end 
_struct_ref_seq.pdbx_seq_align_end_ins_code 
_struct_ref_seq.pdbx_db_accession 
_struct_ref_seq.db_align_beg 
_struct_ref_seq.pdbx_db_align_beg_ins_code 
_struct_ref_seq.db_align_end 
_struct_ref_seq.pdbx_db_align_end_ins_code 
_struct_ref_seq.pdbx_auth_seq_align_beg 
_struct_ref_seq.pdbx_auth_seq_align_end 
1 1 1VH6 A 4 ? 135 ? P39739 2 ? 133 ? 2 133 
2 1 1VH6 B 4 ? 135 ? P39739 2 ? 133 ? 2 133 
# 
loop_
_struct_ref_seq_dif.align_id 
_struct_ref_seq_dif.pdbx_pdb_id_code 
_struct_ref_seq_dif.mon_id 
_struct_ref_seq_dif.pdbx_pdb_strand_id 
_struct_ref_seq_dif.seq_num 
_struct_ref_seq_dif.pdbx_pdb_ins_code 
_struct_ref_seq_dif.pdbx_seq_db_name 
_struct_ref_seq_dif.pdbx_seq_db_accession_code 
_struct_ref_seq_dif.db_mon_id 
_struct_ref_seq_dif.pdbx_seq_db_seq_num 
_struct_ref_seq_dif.details 
_struct_ref_seq_dif.pdbx_auth_seq_num 
_struct_ref_seq_dif.pdbx_ordinal 
1 1VH6 MSE A 1   ? UNP P39739 ?   ?   'cloning artifact' -1  1  
1 1VH6 SER A 2   ? UNP P39739 ?   ?   'cloning artifact' 0   2  
1 1VH6 LEU A 3   ? UNP P39739 ?   ?   'cloning artifact' 1   3  
1 1VH6 MSE A 28  ? UNP P39739 MET 26  'modified residue' 26  4  
1 1VH6 MSE A 49  ? UNP P39739 MET 47  'modified residue' 47  5  
1 1VH6 MSE A 80  ? UNP P39739 MET 78  'modified residue' 78  6  
1 1VH6 MSE A 83  ? UNP P39739 MET 81  'modified residue' 81  7  
1 1VH6 MSE A 87  ? UNP P39739 MET 85  'modified residue' 85  8  
1 1VH6 MSE A 102 ? UNP P39739 MET 100 'modified residue' 100 9  
1 1VH6 GLU A 136 ? UNP P39739 ?   ?   'cloning artifact' 134 10 
1 1VH6 GLY A 137 ? UNP P39739 ?   ?   'cloning artifact' 135 11 
1 1VH6 GLY A 138 ? UNP P39739 ?   ?   'cloning artifact' 136 12 
1 1VH6 SER A 139 ? UNP P39739 ?   ?   'cloning artifact' 137 13 
1 1VH6 HIS A 140 ? UNP P39739 ?   ?   'cloning artifact' 138 14 
1 1VH6 HIS A 141 ? UNP P39739 ?   ?   'cloning artifact' 139 15 
1 1VH6 HIS A 142 ? UNP P39739 ?   ?   'cloning artifact' 140 16 
1 1VH6 HIS A 143 ? UNP P39739 ?   ?   'cloning artifact' 141 17 
1 1VH6 HIS A 144 ? UNP P39739 ?   ?   'cloning artifact' 142 18 
1 1VH6 HIS A 145 ? UNP P39739 ?   ?   'cloning artifact' 143 19 
2 1VH6 MSE B 1   ? UNP P39739 ?   ?   'cloning artifact' -1  20 
2 1VH6 SER B 2   ? UNP P39739 ?   ?   'cloning artifact' 0   21 
2 1VH6 LEU B 3   ? UNP P39739 ?   ?   'cloning artifact' 1   22 
2 1VH6 MSE B 28  ? UNP P39739 MET 26  'modified residue' 26  23 
2 1VH6 MSE B 49  ? UNP P39739 MET 47  'modified residue' 47  24 
2 1VH6 MSE B 80  ? UNP P39739 MET 78  'modified residue' 78  25 
2 1VH6 MSE B 83  ? UNP P39739 MET 81  'modified residue' 81  26 
2 1VH6 MSE B 87  ? UNP P39739 MET 85  'modified residue' 85  27 
2 1VH6 MSE B 102 ? UNP P39739 MET 100 'modified residue' 100 28 
2 1VH6 GLU B 136 ? UNP P39739 ?   ?   'cloning artifact' 134 29 
2 1VH6 GLY B 137 ? UNP P39739 ?   ?   'cloning artifact' 135 30 
2 1VH6 GLY B 138 ? UNP P39739 ?   ?   'cloning artifact' 136 31 
2 1VH6 SER B 139 ? UNP P39739 ?   ?   'cloning artifact' 137 32 
2 1VH6 HIS B 140 ? UNP P39739 ?   ?   'cloning artifact' 138 33 
2 1VH6 HIS B 141 ? UNP P39739 ?   ?   'cloning artifact' 139 34 
2 1VH6 HIS B 142 ? UNP P39739 ?   ?   'cloning artifact' 140 35 
2 1VH6 HIS B 143 ? UNP P39739 ?   ?   'cloning artifact' 141 36 
2 1VH6 HIS B 144 ? UNP P39739 ?   ?   'cloning artifact' 142 37 
2 1VH6 HIS B 145 ? UNP P39739 ?   ?   'cloning artifact' 143 38 
# 
_pdbx_struct_assembly.id                   1 
_pdbx_struct_assembly.details              author_and_software_defined_assembly 
_pdbx_struct_assembly.method_details       PISA,PQS 
_pdbx_struct_assembly.oligomeric_details   dimeric 
_pdbx_struct_assembly.oligomeric_count     2 
# 
loop_
_pdbx_struct_assembly_prop.biol_id 
_pdbx_struct_assembly_prop.type 
_pdbx_struct_assembly_prop.value 
_pdbx_struct_assembly_prop.details 
1 'ABSA (A^2)' 5970  ? 
1 MORE         -48   ? 
1 'SSA (A^2)'  10520 ? 
# 
_pdbx_struct_assembly_gen.assembly_id       1 
_pdbx_struct_assembly_gen.oper_expression   1 
_pdbx_struct_assembly_gen.asym_id_list      A,B,C,D 
# 
_pdbx_struct_oper_list.id                   1 
_pdbx_struct_oper_list.type                 'identity operation' 
_pdbx_struct_oper_list.name                 1_555 
_pdbx_struct_oper_list.symmetry_operation   x,y,z 
_pdbx_struct_oper_list.matrix[1][1]         1.0000000000 
_pdbx_struct_oper_list.matrix[1][2]         0.0000000000 
_pdbx_struct_oper_list.matrix[1][3]         0.0000000000 
_pdbx_struct_oper_list.vector[1]            0.0000000000 
_pdbx_struct_oper_list.matrix[2][1]         0.0000000000 
_pdbx_struct_oper_list.matrix[2][2]         1.0000000000 
_pdbx_struct_oper_list.matrix[2][3]         0.0000000000 
_pdbx_struct_oper_list.vector[2]            0.0000000000 
_pdbx_struct_oper_list.matrix[3][1]         0.0000000000 
_pdbx_struct_oper_list.matrix[3][2]         0.0000000000 
_pdbx_struct_oper_list.matrix[3][3]         1.0000000000 
_pdbx_struct_oper_list.vector[3]            0.0000000000 
# 
_struct_biol.id   1 
# 
loop_
_struct_conf.conf_type_id 
_struct_conf.id 
_struct_conf.pdbx_PDB_helix_id 
_struct_conf.beg_label_comp_id 
_struct_conf.beg_label_asym_id 
_struct_conf.beg_label_seq_id 
_struct_conf.pdbx_beg_PDB_ins_code 
_struct_conf.end_label_comp_id 
_struct_conf.end_label_asym_id 
_struct_conf.end_label_seq_id 
_struct_conf.pdbx_end_PDB_ins_code 
_struct_conf.beg_auth_comp_id 
_struct_conf.beg_auth_asym_id 
_struct_conf.beg_auth_seq_id 
_struct_conf.end_auth_comp_id 
_struct_conf.end_auth_asym_id 
_struct_conf.end_auth_seq_id 
_struct_conf.pdbx_PDB_helix_class 
_struct_conf.details 
_struct_conf.pdbx_PDB_helix_length 
HELX_P HELX_P1 1 GLY A 23 ? ASN A 46  ? GLY A 21 ASN A 44  1 ? 24 
HELX_P HELX_P2 2 ASP A 48 ? SER A 77  ? ASP A 46 SER A 75  1 ? 30 
HELX_P HELX_P3 3 ALA A 78 ? ASN A 98  ? ALA A 76 ASN A 96  1 ? 21 
HELX_P HELX_P4 4 ASP A 99 ? ILE A 121 ? ASP A 97 ILE A 119 1 ? 23 
HELX_P HELX_P5 5 GLY B 23 ? ASN B 46  ? GLY B 21 ASN B 44  1 ? 24 
HELX_P HELX_P6 6 ASP B 48 ? ASN B 98  ? ASP B 46 ASN B 96  1 ? 51 
HELX_P HELX_P7 7 ASP B 99 ? SER B 123 ? ASP B 97 SER B 121 1 ? 25 
# 
_struct_conf_type.id          HELX_P 
_struct_conf_type.criteria    ? 
_struct_conf_type.reference   ? 
# 
loop_
_struct_conn.id 
_struct_conn.conn_type_id 
_struct_conn.pdbx_leaving_atom_flag 
_struct_conn.pdbx_PDB_id 
_struct_conn.ptnr1_label_asym_id 
_struct_conn.ptnr1_label_comp_id 
_struct_conn.ptnr1_label_seq_id 
_struct_conn.ptnr1_label_atom_id 
_struct_conn.pdbx_ptnr1_label_alt_id 
_struct_conn.pdbx_ptnr1_PDB_ins_code 
_struct_conn.pdbx_ptnr1_standard_comp_id 
_struct_conn.ptnr1_symmetry 
_struct_conn.ptnr2_label_asym_id 
_struct_conn.ptnr2_label_comp_id 
_struct_conn.ptnr2_label_seq_id 
_struct_conn.ptnr2_label_atom_id 
_struct_conn.pdbx_ptnr2_label_alt_id 
_struct_conn.pdbx_ptnr2_PDB_ins_code 
_struct_conn.ptnr1_auth_asym_id 
_struct_conn.ptnr1_auth_comp_id 
_struct_conn.ptnr1_auth_seq_id 
_struct_conn.ptnr2_auth_asym_id 
_struct_conn.ptnr2_auth_comp_id 
_struct_conn.ptnr2_auth_seq_id 
_struct_conn.ptnr2_symmetry 
_struct_conn.pdbx_ptnr3_label_atom_id 
_struct_conn.pdbx_ptnr3_label_seq_id 
_struct_conn.pdbx_ptnr3_label_comp_id 
_struct_conn.pdbx_ptnr3_label_asym_id 
_struct_conn.pdbx_ptnr3_label_alt_id 
_struct_conn.pdbx_ptnr3_PDB_ins_code 
_struct_conn.details 
_struct_conn.pdbx_dist_value 
_struct_conn.pdbx_value_order 
_struct_conn.pdbx_role 
covale1  covale both ? A LEU 27  C ? ? ? 1_555 A MSE 28  N ? ? A LEU 25  A MSE 26  1_555 ? ? ? ? ? ? ? 1.322 ? ? 
covale2  covale both ? A MSE 28  C ? ? ? 1_555 A LEU 29  N ? ? A MSE 26  A LEU 27  1_555 ? ? ? ? ? ? ? 1.329 ? ? 
covale3  covale both ? A ASP 48  C ? ? ? 1_555 A MSE 49  N ? ? A ASP 46  A MSE 47  1_555 ? ? ? ? ? ? ? 1.330 ? ? 
covale4  covale both ? A MSE 49  C ? ? ? 1_555 A GLU 50  N ? ? A MSE 47  A GLU 48  1_555 ? ? ? ? ? ? ? 1.326 ? ? 
covale5  covale both ? A SER 79  C ? ? ? 1_555 A MSE 80  N ? ? A SER 77  A MSE 78  1_555 ? ? ? ? ? ? ? 1.327 ? ? 
covale6  covale both ? A MSE 80  C ? ? ? 1_555 A GLY 81  N ? ? A MSE 78  A GLY 79  1_555 ? ? ? ? ? ? ? 1.330 ? ? 
covale7  covale both ? A ALA 82  C ? ? ? 1_555 A MSE 83  N ? ? A ALA 80  A MSE 81  1_555 ? ? ? ? ? ? ? 1.328 ? ? 
covale8  covale both ? A MSE 83  C ? ? ? 1_555 A TYR 84  N ? ? A MSE 81  A TYR 82  1_555 ? ? ? ? ? ? ? 1.326 ? ? 
covale9  covale both ? A TYR 86  C ? ? ? 1_555 A MSE 87  N ? ? A TYR 84  A MSE 85  1_555 ? ? ? ? ? ? ? 1.325 ? ? 
covale10 covale both ? A MSE 87  C ? ? ? 1_555 A TYR 88  N ? ? A MSE 85  A TYR 86  1_555 ? ? ? ? ? ? ? 1.330 ? ? 
covale11 covale both ? A GLY 101 C ? ? ? 1_555 A MSE 102 N ? ? A GLY 99  A MSE 100 1_555 ? ? ? ? ? ? ? 1.332 ? ? 
covale12 covale both ? A MSE 102 C ? ? ? 1_555 A LEU 103 N ? ? A MSE 100 A LEU 101 1_555 ? ? ? ? ? ? ? 1.331 ? ? 
covale13 covale both ? B LEU 27  C ? ? ? 1_555 B MSE 28  N ? ? B LEU 25  B MSE 26  1_555 ? ? ? ? ? ? ? 1.323 ? ? 
covale14 covale both ? B MSE 28  C ? ? ? 1_555 B LEU 29  N ? ? B MSE 26  B LEU 27  1_555 ? ? ? ? ? ? ? 1.331 ? ? 
covale15 covale both ? B ASP 48  C ? ? ? 1_555 B MSE 49  N ? ? B ASP 46  B MSE 47  1_555 ? ? ? ? ? ? ? 1.326 ? ? 
covale16 covale both ? B MSE 49  C ? ? ? 1_555 B GLU 50  N ? ? B MSE 47  B GLU 48  1_555 ? ? ? ? ? ? ? 1.331 ? ? 
covale17 covale both ? B SER 79  C ? ? ? 1_555 B MSE 80  N ? ? B SER 77  B MSE 78  1_555 ? ? ? ? ? ? ? 1.331 ? ? 
covale18 covale both ? B MSE 80  C ? ? ? 1_555 B GLY 81  N ? ? B MSE 78  B GLY 79  1_555 ? ? ? ? ? ? ? 1.328 ? ? 
covale19 covale both ? B ALA 82  C ? ? ? 1_555 B MSE 83  N ? ? B ALA 80  B MSE 81  1_555 ? ? ? ? ? ? ? 1.328 ? ? 
covale20 covale both ? B MSE 83  C ? ? ? 1_555 B TYR 84  N ? ? B MSE 81  B TYR 82  1_555 ? ? ? ? ? ? ? 1.333 ? ? 
covale21 covale both ? B TYR 86  C ? ? ? 1_555 B MSE 87  N ? ? B TYR 84  B MSE 85  1_555 ? ? ? ? ? ? ? 1.332 ? ? 
covale22 covale both ? B MSE 87  C ? ? ? 1_555 B TYR 88  N ? ? B MSE 85  B TYR 86  1_555 ? ? ? ? ? ? ? 1.326 ? ? 
covale23 covale both ? B GLY 101 C ? ? ? 1_555 B MSE 102 N ? ? B GLY 99  B MSE 100 1_555 ? ? ? ? ? ? ? 1.330 ? ? 
covale24 covale both ? B MSE 102 C ? ? ? 1_555 B LEU 103 N ? ? B MSE 100 B LEU 101 1_555 ? ? ? ? ? ? ? 1.331 ? ? 
# 
_struct_conn_type.id          covale 
_struct_conn_type.criteria    ? 
_struct_conn_type.reference   ? 
# 
loop_
_pdbx_modification_feature.ordinal 
_pdbx_modification_feature.label_comp_id 
_pdbx_modification_feature.label_asym_id 
_pdbx_modification_feature.label_seq_id 
_pdbx_modification_feature.label_alt_id 
_pdbx_modification_feature.modified_residue_label_comp_id 
_pdbx_modification_feature.modified_residue_label_asym_id 
_pdbx_modification_feature.modified_residue_label_seq_id 
_pdbx_modification_feature.modified_residue_label_alt_id 
_pdbx_modification_feature.auth_comp_id 
_pdbx_modification_feature.auth_asym_id 
_pdbx_modification_feature.auth_seq_id 
_pdbx_modification_feature.PDB_ins_code 
_pdbx_modification_feature.symmetry 
_pdbx_modification_feature.modified_residue_auth_comp_id 
_pdbx_modification_feature.modified_residue_auth_asym_id 
_pdbx_modification_feature.modified_residue_auth_seq_id 
_pdbx_modification_feature.modified_residue_PDB_ins_code 
_pdbx_modification_feature.modified_residue_symmetry 
_pdbx_modification_feature.comp_id_linking_atom 
_pdbx_modification_feature.modified_residue_id_linking_atom 
_pdbx_modification_feature.modified_residue_id 
_pdbx_modification_feature.ref_pcm_id 
_pdbx_modification_feature.ref_comp_id 
_pdbx_modification_feature.type 
_pdbx_modification_feature.category 
1  MSE A 28  ? . . . . MSE A 26  ? 1_555 . . . . . . . MET 1 MSE Selenomethionine 'Named protein modification' 
2  MSE A 49  ? . . . . MSE A 47  ? 1_555 . . . . . . . MET 1 MSE Selenomethionine 'Named protein modification' 
3  MSE A 80  ? . . . . MSE A 78  ? 1_555 . . . . . . . MET 1 MSE Selenomethionine 'Named protein modification' 
4  MSE A 83  ? . . . . MSE A 81  ? 1_555 . . . . . . . MET 1 MSE Selenomethionine 'Named protein modification' 
5  MSE A 87  ? . . . . MSE A 85  ? 1_555 . . . . . . . MET 1 MSE Selenomethionine 'Named protein modification' 
6  MSE A 102 ? . . . . MSE A 100 ? 1_555 . . . . . . . MET 1 MSE Selenomethionine 'Named protein modification' 
7  MSE B 28  ? . . . . MSE B 26  ? 1_555 . . . . . . . MET 1 MSE Selenomethionine 'Named protein modification' 
8  MSE B 49  ? . . . . MSE B 47  ? 1_555 . . . . . . . MET 1 MSE Selenomethionine 'Named protein modification' 
9  MSE B 80  ? . . . . MSE B 78  ? 1_555 . . . . . . . MET 1 MSE Selenomethionine 'Named protein modification' 
10 MSE B 83  ? . . . . MSE B 81  ? 1_555 . . . . . . . MET 1 MSE Selenomethionine 'Named protein modification' 
11 MSE B 87  ? . . . . MSE B 85  ? 1_555 . . . . . . . MET 1 MSE Selenomethionine 'Named protein modification' 
12 MSE B 102 ? . . . . MSE B 100 ? 1_555 . . . . . . . MET 1 MSE Selenomethionine 'Named protein modification' 
# 
_pdbx_entry_details.entry_id                   1VH6 
_pdbx_entry_details.compound_details           ? 
_pdbx_entry_details.source_details             ? 
_pdbx_entry_details.nonpolymer_details         ? 
_pdbx_entry_details.sequence_details           ? 
_pdbx_entry_details.has_ligand_of_interest     ? 
_pdbx_entry_details.has_protein_modification   Y 
# 
loop_
_pdbx_validate_torsion.id 
_pdbx_validate_torsion.PDB_model_num 
_pdbx_validate_torsion.auth_comp_id 
_pdbx_validate_torsion.auth_asym_id 
_pdbx_validate_torsion.auth_seq_id 
_pdbx_validate_torsion.PDB_ins_code 
_pdbx_validate_torsion.label_alt_id 
_pdbx_validate_torsion.phi 
_pdbx_validate_torsion.psi 
1 1 SER A 75  ? ? 66.90  176.58  
2 1 SER B 75  ? ? 56.67  -174.62 
3 1 SER B 121 ? ? -52.82 14.84   
# 
loop_
_pdbx_struct_mod_residue.id 
_pdbx_struct_mod_residue.label_asym_id 
_pdbx_struct_mod_residue.label_comp_id 
_pdbx_struct_mod_residue.label_seq_id 
_pdbx_struct_mod_residue.auth_asym_id 
_pdbx_struct_mod_residue.auth_comp_id 
_pdbx_struct_mod_residue.auth_seq_id 
_pdbx_struct_mod_residue.PDB_ins_code 
_pdbx_struct_mod_residue.parent_comp_id 
_pdbx_struct_mod_residue.details 
1  A MSE 28  A MSE 26  ? MET SELENOMETHIONINE 
2  A MSE 49  A MSE 47  ? MET SELENOMETHIONINE 
3  A MSE 80  A MSE 78  ? MET SELENOMETHIONINE 
4  A MSE 83  A MSE 81  ? MET SELENOMETHIONINE 
5  A MSE 87  A MSE 85  ? MET SELENOMETHIONINE 
6  A MSE 102 A MSE 100 ? MET SELENOMETHIONINE 
7  B MSE 28  B MSE 26  ? MET SELENOMETHIONINE 
8  B MSE 49  B MSE 47  ? MET SELENOMETHIONINE 
9  B MSE 80  B MSE 78  ? MET SELENOMETHIONINE 
10 B MSE 83  B MSE 81  ? MET SELENOMETHIONINE 
11 B MSE 87  B MSE 85  ? MET SELENOMETHIONINE 
12 B MSE 102 B MSE 100 ? MET SELENOMETHIONINE 
# 
_refine_B_iso.class            all 
_refine_B_iso.treatment        isotropic 
_refine_B_iso.pdbx_refine_id   'X-RAY DIFFRACTION' 
_refine_B_iso.details          ? 
# 
loop_
_pdbx_unobs_or_zero_occ_residues.id 
_pdbx_unobs_or_zero_occ_residues.PDB_model_num 
_pdbx_unobs_or_zero_occ_residues.polymer_flag 
_pdbx_unobs_or_zero_occ_residues.occupancy_flag 
_pdbx_unobs_or_zero_occ_residues.auth_asym_id 
_pdbx_unobs_or_zero_occ_residues.auth_comp_id 
_pdbx_unobs_or_zero_occ_residues.auth_seq_id 
_pdbx_unobs_or_zero_occ_residues.PDB_ins_code 
_pdbx_unobs_or_zero_occ_residues.label_asym_id 
_pdbx_unobs_or_zero_occ_residues.label_comp_id 
_pdbx_unobs_or_zero_occ_residues.label_seq_id 
1  1 Y 1 A MSE -1  ? A MSE 1   
2  1 Y 1 A SER 0   ? A SER 2   
3  1 Y 1 A LEU 1   ? A LEU 3   
4  1 Y 1 A ALA 2   ? A ALA 4   
5  1 Y 1 A ILE 3   ? A ILE 5   
6  1 Y 1 A GLN 4   ? A GLN 6   
7  1 Y 1 A ASN 5   ? A ASN 7   
8  1 Y 1 A PRO 6   ? A PRO 8   
9  1 Y 1 A TYR 7   ? A TYR 9   
10 1 Y 1 A THR 8   ? A THR 10  
11 1 Y 1 A ALA 9   ? A ALA 11  
12 1 Y 1 A TYR 10  ? A TYR 12  
13 1 Y 1 A GLN 11  ? A GLN 13  
14 1 Y 1 A GLN 12  ? A GLN 14  
15 1 Y 1 A ASN 13  ? A ASN 15  
16 1 Y 1 A SER 14  ? A SER 16  
17 1 Y 1 A VAL 15  ? A VAL 17  
18 1 Y 1 A ASN 16  ? A ASN 18  
19 1 Y 1 A THR 17  ? A THR 19  
20 1 Y 1 A GLN 120 ? A GLN 122 
21 1 Y 1 A SER 121 ? A SER 123 
22 1 Y 1 A GLU 122 ? A GLU 124 
23 1 Y 1 A ARG 123 ? A ARG 125 
24 1 Y 1 A LYS 124 ? A LYS 126 
25 1 Y 1 A ASP 125 ? A ASP 127 
26 1 Y 1 A ARG 126 ? A ARG 128 
27 1 Y 1 A HIS 127 ? A HIS 129 
28 1 Y 1 A GLY 128 ? A GLY 130 
29 1 Y 1 A SER 129 ? A SER 131 
30 1 Y 1 A GLY 130 ? A GLY 132 
31 1 Y 1 A GLY 131 ? A GLY 133 
32 1 Y 1 A ILE 132 ? A ILE 134 
33 1 Y 1 A ALA 133 ? A ALA 135 
34 1 Y 1 A GLU 134 ? A GLU 136 
35 1 Y 1 A GLY 135 ? A GLY 137 
36 1 Y 1 A GLY 136 ? A GLY 138 
37 1 Y 1 A SER 137 ? A SER 139 
38 1 Y 1 A HIS 138 ? A HIS 140 
39 1 Y 1 A HIS 139 ? A HIS 141 
40 1 Y 1 A HIS 140 ? A HIS 142 
41 1 Y 1 A HIS 141 ? A HIS 143 
42 1 Y 1 A HIS 142 ? A HIS 144 
43 1 Y 1 A HIS 143 ? A HIS 145 
44 1 Y 1 B MSE -1  ? B MSE 1   
45 1 Y 1 B SER 0   ? B SER 2   
46 1 Y 1 B LEU 1   ? B LEU 3   
47 1 Y 1 B ALA 2   ? B ALA 4   
48 1 Y 1 B ILE 3   ? B ILE 5   
49 1 Y 1 B GLN 4   ? B GLN 6   
50 1 Y 1 B ASN 5   ? B ASN 7   
51 1 Y 1 B PRO 6   ? B PRO 8   
52 1 Y 1 B TYR 7   ? B TYR 9   
53 1 Y 1 B THR 8   ? B THR 10  
54 1 Y 1 B ALA 9   ? B ALA 11  
55 1 Y 1 B TYR 10  ? B TYR 12  
56 1 Y 1 B GLN 11  ? B GLN 13  
57 1 Y 1 B GLN 12  ? B GLN 14  
58 1 Y 1 B ASN 13  ? B ASN 15  
59 1 Y 1 B SER 14  ? B SER 16  
60 1 Y 1 B ARG 123 ? B ARG 125 
61 1 Y 1 B LYS 124 ? B LYS 126 
62 1 Y 1 B ASP 125 ? B ASP 127 
63 1 Y 1 B ARG 126 ? B ARG 128 
64 1 Y 1 B HIS 127 ? B HIS 129 
65 1 Y 1 B GLY 128 ? B GLY 130 
66 1 Y 1 B SER 129 ? B SER 131 
67 1 Y 1 B GLY 130 ? B GLY 132 
68 1 Y 1 B GLY 131 ? B GLY 133 
69 1 Y 1 B ILE 132 ? B ILE 134 
70 1 Y 1 B ALA 133 ? B ALA 135 
71 1 Y 1 B GLU 134 ? B GLU 136 
72 1 Y 1 B GLY 135 ? B GLY 137 
73 1 Y 1 B GLY 136 ? B GLY 138 
74 1 Y 1 B SER 137 ? B SER 139 
75 1 Y 1 B HIS 138 ? B HIS 140 
76 1 Y 1 B HIS 139 ? B HIS 141 
77 1 Y 1 B HIS 140 ? B HIS 142 
78 1 Y 1 B HIS 141 ? B HIS 143 
79 1 Y 1 B HIS 142 ? B HIS 144 
80 1 Y 1 B HIS 143 ? B HIS 145 
# 
loop_
_chem_comp_atom.comp_id 
_chem_comp_atom.atom_id 
_chem_comp_atom.type_symbol 
_chem_comp_atom.pdbx_aromatic_flag 
_chem_comp_atom.pdbx_stereo_config 
_chem_comp_atom.pdbx_ordinal 
ALA N    N  N N 1   
ALA CA   C  N S 2   
ALA C    C  N N 3   
ALA O    O  N N 4   
ALA CB   C  N N 5   
ALA OXT  O  N N 6   
ALA H    H  N N 7   
ALA H2   H  N N 8   
ALA HA   H  N N 9   
ALA HB1  H  N N 10  
ALA HB2  H  N N 11  
ALA HB3  H  N N 12  
ALA HXT  H  N N 13  
ARG N    N  N N 14  
ARG CA   C  N S 15  
ARG C    C  N N 16  
ARG O    O  N N 17  
ARG CB   C  N N 18  
ARG CG   C  N N 19  
ARG CD   C  N N 20  
ARG NE   N  N N 21  
ARG CZ   C  N N 22  
ARG NH1  N  N N 23  
ARG NH2  N  N N 24  
ARG OXT  O  N N 25  
ARG H    H  N N 26  
ARG H2   H  N N 27  
ARG HA   H  N N 28  
ARG HB2  H  N N 29  
ARG HB3  H  N N 30  
ARG HG2  H  N N 31  
ARG HG3  H  N N 32  
ARG HD2  H  N N 33  
ARG HD3  H  N N 34  
ARG HE   H  N N 35  
ARG HH11 H  N N 36  
ARG HH12 H  N N 37  
ARG HH21 H  N N 38  
ARG HH22 H  N N 39  
ARG HXT  H  N N 40  
ASN N    N  N N 41  
ASN CA   C  N S 42  
ASN C    C  N N 43  
ASN O    O  N N 44  
ASN CB   C  N N 45  
ASN CG   C  N N 46  
ASN OD1  O  N N 47  
ASN ND2  N  N N 48  
ASN OXT  O  N N 49  
ASN H    H  N N 50  
ASN H2   H  N N 51  
ASN HA   H  N N 52  
ASN HB2  H  N N 53  
ASN HB3  H  N N 54  
ASN HD21 H  N N 55  
ASN HD22 H  N N 56  
ASN HXT  H  N N 57  
ASP N    N  N N 58  
ASP CA   C  N S 59  
ASP C    C  N N 60  
ASP O    O  N N 61  
ASP CB   C  N N 62  
ASP CG   C  N N 63  
ASP OD1  O  N N 64  
ASP OD2  O  N N 65  
ASP OXT  O  N N 66  
ASP H    H  N N 67  
ASP H2   H  N N 68  
ASP HA   H  N N 69  
ASP HB2  H  N N 70  
ASP HB3  H  N N 71  
ASP HD2  H  N N 72  
ASP HXT  H  N N 73  
CYS N    N  N N 74  
CYS CA   C  N R 75  
CYS C    C  N N 76  
CYS O    O  N N 77  
CYS CB   C  N N 78  
CYS SG   S  N N 79  
CYS OXT  O  N N 80  
CYS H    H  N N 81  
CYS H2   H  N N 82  
CYS HA   H  N N 83  
CYS HB2  H  N N 84  
CYS HB3  H  N N 85  
CYS HG   H  N N 86  
CYS HXT  H  N N 87  
GLN N    N  N N 88  
GLN CA   C  N S 89  
GLN C    C  N N 90  
GLN O    O  N N 91  
GLN CB   C  N N 92  
GLN CG   C  N N 93  
GLN CD   C  N N 94  
GLN OE1  O  N N 95  
GLN NE2  N  N N 96  
GLN OXT  O  N N 97  
GLN H    H  N N 98  
GLN H2   H  N N 99  
GLN HA   H  N N 100 
GLN HB2  H  N N 101 
GLN HB3  H  N N 102 
GLN HG2  H  N N 103 
GLN HG3  H  N N 104 
GLN HE21 H  N N 105 
GLN HE22 H  N N 106 
GLN HXT  H  N N 107 
GLU N    N  N N 108 
GLU CA   C  N S 109 
GLU C    C  N N 110 
GLU O    O  N N 111 
GLU CB   C  N N 112 
GLU CG   C  N N 113 
GLU CD   C  N N 114 
GLU OE1  O  N N 115 
GLU OE2  O  N N 116 
GLU OXT  O  N N 117 
GLU H    H  N N 118 
GLU H2   H  N N 119 
GLU HA   H  N N 120 
GLU HB2  H  N N 121 
GLU HB3  H  N N 122 
GLU HG2  H  N N 123 
GLU HG3  H  N N 124 
GLU HE2  H  N N 125 
GLU HXT  H  N N 126 
GLY N    N  N N 127 
GLY CA   C  N N 128 
GLY C    C  N N 129 
GLY O    O  N N 130 
GLY OXT  O  N N 131 
GLY H    H  N N 132 
GLY H2   H  N N 133 
GLY HA2  H  N N 134 
GLY HA3  H  N N 135 
GLY HXT  H  N N 136 
HIS N    N  N N 137 
HIS CA   C  N S 138 
HIS C    C  N N 139 
HIS O    O  N N 140 
HIS CB   C  N N 141 
HIS CG   C  Y N 142 
HIS ND1  N  Y N 143 
HIS CD2  C  Y N 144 
HIS CE1  C  Y N 145 
HIS NE2  N  Y N 146 
HIS OXT  O  N N 147 
HIS H    H  N N 148 
HIS H2   H  N N 149 
HIS HA   H  N N 150 
HIS HB2  H  N N 151 
HIS HB3  H  N N 152 
HIS HD1  H  N N 153 
HIS HD2  H  N N 154 
HIS HE1  H  N N 155 
HIS HE2  H  N N 156 
HIS HXT  H  N N 157 
HOH O    O  N N 158 
HOH H1   H  N N 159 
HOH H2   H  N N 160 
ILE N    N  N N 161 
ILE CA   C  N S 162 
ILE C    C  N N 163 
ILE O    O  N N 164 
ILE CB   C  N S 165 
ILE CG1  C  N N 166 
ILE CG2  C  N N 167 
ILE CD1  C  N N 168 
ILE OXT  O  N N 169 
ILE H    H  N N 170 
ILE H2   H  N N 171 
ILE HA   H  N N 172 
ILE HB   H  N N 173 
ILE HG12 H  N N 174 
ILE HG13 H  N N 175 
ILE HG21 H  N N 176 
ILE HG22 H  N N 177 
ILE HG23 H  N N 178 
ILE HD11 H  N N 179 
ILE HD12 H  N N 180 
ILE HD13 H  N N 181 
ILE HXT  H  N N 182 
LEU N    N  N N 183 
LEU CA   C  N S 184 
LEU C    C  N N 185 
LEU O    O  N N 186 
LEU CB   C  N N 187 
LEU CG   C  N N 188 
LEU CD1  C  N N 189 
LEU CD2  C  N N 190 
LEU OXT  O  N N 191 
LEU H    H  N N 192 
LEU H2   H  N N 193 
LEU HA   H  N N 194 
LEU HB2  H  N N 195 
LEU HB3  H  N N 196 
LEU HG   H  N N 197 
LEU HD11 H  N N 198 
LEU HD12 H  N N 199 
LEU HD13 H  N N 200 
LEU HD21 H  N N 201 
LEU HD22 H  N N 202 
LEU HD23 H  N N 203 
LEU HXT  H  N N 204 
LYS N    N  N N 205 
LYS CA   C  N S 206 
LYS C    C  N N 207 
LYS O    O  N N 208 
LYS CB   C  N N 209 
LYS CG   C  N N 210 
LYS CD   C  N N 211 
LYS CE   C  N N 212 
LYS NZ   N  N N 213 
LYS OXT  O  N N 214 
LYS H    H  N N 215 
LYS H2   H  N N 216 
LYS HA   H  N N 217 
LYS HB2  H  N N 218 
LYS HB3  H  N N 219 
LYS HG2  H  N N 220 
LYS HG3  H  N N 221 
LYS HD2  H  N N 222 
LYS HD3  H  N N 223 
LYS HE2  H  N N 224 
LYS HE3  H  N N 225 
LYS HZ1  H  N N 226 
LYS HZ2  H  N N 227 
LYS HZ3  H  N N 228 
LYS HXT  H  N N 229 
MET N    N  N N 230 
MET CA   C  N S 231 
MET C    C  N N 232 
MET O    O  N N 233 
MET CB   C  N N 234 
MET CG   C  N N 235 
MET SD   S  N N 236 
MET CE   C  N N 237 
MET OXT  O  N N 238 
MET H    H  N N 239 
MET H2   H  N N 240 
MET HA   H  N N 241 
MET HB2  H  N N 242 
MET HB3  H  N N 243 
MET HG2  H  N N 244 
MET HG3  H  N N 245 
MET HE1  H  N N 246 
MET HE2  H  N N 247 
MET HE3  H  N N 248 
MET HXT  H  N N 249 
MSE N    N  N N 250 
MSE CA   C  N S 251 
MSE C    C  N N 252 
MSE O    O  N N 253 
MSE OXT  O  N N 254 
MSE CB   C  N N 255 
MSE CG   C  N N 256 
MSE SE   SE N N 257 
MSE CE   C  N N 258 
MSE H    H  N N 259 
MSE H2   H  N N 260 
MSE HA   H  N N 261 
MSE HXT  H  N N 262 
MSE HB2  H  N N 263 
MSE HB3  H  N N 264 
MSE HG2  H  N N 265 
MSE HG3  H  N N 266 
MSE HE1  H  N N 267 
MSE HE2  H  N N 268 
MSE HE3  H  N N 269 
PHE N    N  N N 270 
PHE CA   C  N S 271 
PHE C    C  N N 272 
PHE O    O  N N 273 
PHE CB   C  N N 274 
PHE CG   C  Y N 275 
PHE CD1  C  Y N 276 
PHE CD2  C  Y N 277 
PHE CE1  C  Y N 278 
PHE CE2  C  Y N 279 
PHE CZ   C  Y N 280 
PHE OXT  O  N N 281 
PHE H    H  N N 282 
PHE H2   H  N N 283 
PHE HA   H  N N 284 
PHE HB2  H  N N 285 
PHE HB3  H  N N 286 
PHE HD1  H  N N 287 
PHE HD2  H  N N 288 
PHE HE1  H  N N 289 
PHE HE2  H  N N 290 
PHE HZ   H  N N 291 
PHE HXT  H  N N 292 
PRO N    N  N N 293 
PRO CA   C  N S 294 
PRO C    C  N N 295 
PRO O    O  N N 296 
PRO CB   C  N N 297 
PRO CG   C  N N 298 
PRO CD   C  N N 299 
PRO OXT  O  N N 300 
PRO H    H  N N 301 
PRO HA   H  N N 302 
PRO HB2  H  N N 303 
PRO HB3  H  N N 304 
PRO HG2  H  N N 305 
PRO HG3  H  N N 306 
PRO HD2  H  N N 307 
PRO HD3  H  N N 308 
PRO HXT  H  N N 309 
SER N    N  N N 310 
SER CA   C  N S 311 
SER C    C  N N 312 
SER O    O  N N 313 
SER CB   C  N N 314 
SER OG   O  N N 315 
SER OXT  O  N N 316 
SER H    H  N N 317 
SER H2   H  N N 318 
SER HA   H  N N 319 
SER HB2  H  N N 320 
SER HB3  H  N N 321 
SER HG   H  N N 322 
SER HXT  H  N N 323 
THR N    N  N N 324 
THR CA   C  N S 325 
THR C    C  N N 326 
THR O    O  N N 327 
THR CB   C  N R 328 
THR OG1  O  N N 329 
THR CG2  C  N N 330 
THR OXT  O  N N 331 
THR H    H  N N 332 
THR H2   H  N N 333 
THR HA   H  N N 334 
THR HB   H  N N 335 
THR HG1  H  N N 336 
THR HG21 H  N N 337 
THR HG22 H  N N 338 
THR HG23 H  N N 339 
THR HXT  H  N N 340 
TRP N    N  N N 341 
TRP CA   C  N S 342 
TRP C    C  N N 343 
TRP O    O  N N 344 
TRP CB   C  N N 345 
TRP CG   C  Y N 346 
TRP CD1  C  Y N 347 
TRP CD2  C  Y N 348 
TRP NE1  N  Y N 349 
TRP CE2  C  Y N 350 
TRP CE3  C  Y N 351 
TRP CZ2  C  Y N 352 
TRP CZ3  C  Y N 353 
TRP CH2  C  Y N 354 
TRP OXT  O  N N 355 
TRP H    H  N N 356 
TRP H2   H  N N 357 
TRP HA   H  N N 358 
TRP HB2  H  N N 359 
TRP HB3  H  N N 360 
TRP HD1  H  N N 361 
TRP HE1  H  N N 362 
TRP HE3  H  N N 363 
TRP HZ2  H  N N 364 
TRP HZ3  H  N N 365 
TRP HH2  H  N N 366 
TRP HXT  H  N N 367 
TYR N    N  N N 368 
TYR CA   C  N S 369 
TYR C    C  N N 370 
TYR O    O  N N 371 
TYR CB   C  N N 372 
TYR CG   C  Y N 373 
TYR CD1  C  Y N 374 
TYR CD2  C  Y N 375 
TYR CE1  C  Y N 376 
TYR CE2  C  Y N 377 
TYR CZ   C  Y N 378 
TYR OH   O  N N 379 
TYR OXT  O  N N 380 
TYR H    H  N N 381 
TYR H2   H  N N 382 
TYR HA   H  N N 383 
TYR HB2  H  N N 384 
TYR HB3  H  N N 385 
TYR HD1  H  N N 386 
TYR HD2  H  N N 387 
TYR HE1  H  N N 388 
TYR HE2  H  N N 389 
TYR HH   H  N N 390 
TYR HXT  H  N N 391 
VAL N    N  N N 392 
VAL CA   C  N S 393 
VAL C    C  N N 394 
VAL O    O  N N 395 
VAL CB   C  N N 396 
VAL CG1  C  N N 397 
VAL CG2  C  N N 398 
VAL OXT  O  N N 399 
VAL H    H  N N 400 
VAL H2   H  N N 401 
VAL HA   H  N N 402 
VAL HB   H  N N 403 
VAL HG11 H  N N 404 
VAL HG12 H  N N 405 
VAL HG13 H  N N 406 
VAL HG21 H  N N 407 
VAL HG22 H  N N 408 
VAL HG23 H  N N 409 
VAL HXT  H  N N 410 
# 
loop_
_chem_comp_bond.comp_id 
_chem_comp_bond.atom_id_1 
_chem_comp_bond.atom_id_2 
_chem_comp_bond.value_order 
_chem_comp_bond.pdbx_aromatic_flag 
_chem_comp_bond.pdbx_stereo_config 
_chem_comp_bond.pdbx_ordinal 
ALA N   CA   sing N N 1   
ALA N   H    sing N N 2   
ALA N   H2   sing N N 3   
ALA CA  C    sing N N 4   
ALA CA  CB   sing N N 5   
ALA CA  HA   sing N N 6   
ALA C   O    doub N N 7   
ALA C   OXT  sing N N 8   
ALA CB  HB1  sing N N 9   
ALA CB  HB2  sing N N 10  
ALA CB  HB3  sing N N 11  
ALA OXT HXT  sing N N 12  
ARG N   CA   sing N N 13  
ARG N   H    sing N N 14  
ARG N   H2   sing N N 15  
ARG CA  C    sing N N 16  
ARG CA  CB   sing N N 17  
ARG CA  HA   sing N N 18  
ARG C   O    doub N N 19  
ARG C   OXT  sing N N 20  
ARG CB  CG   sing N N 21  
ARG CB  HB2  sing N N 22  
ARG CB  HB3  sing N N 23  
ARG CG  CD   sing N N 24  
ARG CG  HG2  sing N N 25  
ARG CG  HG3  sing N N 26  
ARG CD  NE   sing N N 27  
ARG CD  HD2  sing N N 28  
ARG CD  HD3  sing N N 29  
ARG NE  CZ   sing N N 30  
ARG NE  HE   sing N N 31  
ARG CZ  NH1  sing N N 32  
ARG CZ  NH2  doub N N 33  
ARG NH1 HH11 sing N N 34  
ARG NH1 HH12 sing N N 35  
ARG NH2 HH21 sing N N 36  
ARG NH2 HH22 sing N N 37  
ARG OXT HXT  sing N N 38  
ASN N   CA   sing N N 39  
ASN N   H    sing N N 40  
ASN N   H2   sing N N 41  
ASN CA  C    sing N N 42  
ASN CA  CB   sing N N 43  
ASN CA  HA   sing N N 44  
ASN C   O    doub N N 45  
ASN C   OXT  sing N N 46  
ASN CB  CG   sing N N 47  
ASN CB  HB2  sing N N 48  
ASN CB  HB3  sing N N 49  
ASN CG  OD1  doub N N 50  
ASN CG  ND2  sing N N 51  
ASN ND2 HD21 sing N N 52  
ASN ND2 HD22 sing N N 53  
ASN OXT HXT  sing N N 54  
ASP N   CA   sing N N 55  
ASP N   H    sing N N 56  
ASP N   H2   sing N N 57  
ASP CA  C    sing N N 58  
ASP CA  CB   sing N N 59  
ASP CA  HA   sing N N 60  
ASP C   O    doub N N 61  
ASP C   OXT  sing N N 62  
ASP CB  CG   sing N N 63  
ASP CB  HB2  sing N N 64  
ASP CB  HB3  sing N N 65  
ASP CG  OD1  doub N N 66  
ASP CG  OD2  sing N N 67  
ASP OD2 HD2  sing N N 68  
ASP OXT HXT  sing N N 69  
CYS N   CA   sing N N 70  
CYS N   H    sing N N 71  
CYS N   H2   sing N N 72  
CYS CA  C    sing N N 73  
CYS CA  CB   sing N N 74  
CYS CA  HA   sing N N 75  
CYS C   O    doub N N 76  
CYS C   OXT  sing N N 77  
CYS CB  SG   sing N N 78  
CYS CB  HB2  sing N N 79  
CYS CB  HB3  sing N N 80  
CYS SG  HG   sing N N 81  
CYS OXT HXT  sing N N 82  
GLN N   CA   sing N N 83  
GLN N   H    sing N N 84  
GLN N   H2   sing N N 85  
GLN CA  C    sing N N 86  
GLN CA  CB   sing N N 87  
GLN CA  HA   sing N N 88  
GLN C   O    doub N N 89  
GLN C   OXT  sing N N 90  
GLN CB  CG   sing N N 91  
GLN CB  HB2  sing N N 92  
GLN CB  HB3  sing N N 93  
GLN CG  CD   sing N N 94  
GLN CG  HG2  sing N N 95  
GLN CG  HG3  sing N N 96  
GLN CD  OE1  doub N N 97  
GLN CD  NE2  sing N N 98  
GLN NE2 HE21 sing N N 99  
GLN NE2 HE22 sing N N 100 
GLN OXT HXT  sing N N 101 
GLU N   CA   sing N N 102 
GLU N   H    sing N N 103 
GLU N   H2   sing N N 104 
GLU CA  C    sing N N 105 
GLU CA  CB   sing N N 106 
GLU CA  HA   sing N N 107 
GLU C   O    doub N N 108 
GLU C   OXT  sing N N 109 
GLU CB  CG   sing N N 110 
GLU CB  HB2  sing N N 111 
GLU CB  HB3  sing N N 112 
GLU CG  CD   sing N N 113 
GLU CG  HG2  sing N N 114 
GLU CG  HG3  sing N N 115 
GLU CD  OE1  doub N N 116 
GLU CD  OE2  sing N N 117 
GLU OE2 HE2  sing N N 118 
GLU OXT HXT  sing N N 119 
GLY N   CA   sing N N 120 
GLY N   H    sing N N 121 
GLY N   H2   sing N N 122 
GLY CA  C    sing N N 123 
GLY CA  HA2  sing N N 124 
GLY CA  HA3  sing N N 125 
GLY C   O    doub N N 126 
GLY C   OXT  sing N N 127 
GLY OXT HXT  sing N N 128 
HIS N   CA   sing N N 129 
HIS N   H    sing N N 130 
HIS N   H2   sing N N 131 
HIS CA  C    sing N N 132 
HIS CA  CB   sing N N 133 
HIS CA  HA   sing N N 134 
HIS C   O    doub N N 135 
HIS C   OXT  sing N N 136 
HIS CB  CG   sing N N 137 
HIS CB  HB2  sing N N 138 
HIS CB  HB3  sing N N 139 
HIS CG  ND1  sing Y N 140 
HIS CG  CD2  doub Y N 141 
HIS ND1 CE1  doub Y N 142 
HIS ND1 HD1  sing N N 143 
HIS CD2 NE2  sing Y N 144 
HIS CD2 HD2  sing N N 145 
HIS CE1 NE2  sing Y N 146 
HIS CE1 HE1  sing N N 147 
HIS NE2 HE2  sing N N 148 
HIS OXT HXT  sing N N 149 
HOH O   H1   sing N N 150 
HOH O   H2   sing N N 151 
ILE N   CA   sing N N 152 
ILE N   H    sing N N 153 
ILE N   H2   sing N N 154 
ILE CA  C    sing N N 155 
ILE CA  CB   sing N N 156 
ILE CA  HA   sing N N 157 
ILE C   O    doub N N 158 
ILE C   OXT  sing N N 159 
ILE CB  CG1  sing N N 160 
ILE CB  CG2  sing N N 161 
ILE CB  HB   sing N N 162 
ILE CG1 CD1  sing N N 163 
ILE CG1 HG12 sing N N 164 
ILE CG1 HG13 sing N N 165 
ILE CG2 HG21 sing N N 166 
ILE CG2 HG22 sing N N 167 
ILE CG2 HG23 sing N N 168 
ILE CD1 HD11 sing N N 169 
ILE CD1 HD12 sing N N 170 
ILE CD1 HD13 sing N N 171 
ILE OXT HXT  sing N N 172 
LEU N   CA   sing N N 173 
LEU N   H    sing N N 174 
LEU N   H2   sing N N 175 
LEU CA  C    sing N N 176 
LEU CA  CB   sing N N 177 
LEU CA  HA   sing N N 178 
LEU C   O    doub N N 179 
LEU C   OXT  sing N N 180 
LEU CB  CG   sing N N 181 
LEU CB  HB2  sing N N 182 
LEU CB  HB3  sing N N 183 
LEU CG  CD1  sing N N 184 
LEU CG  CD2  sing N N 185 
LEU CG  HG   sing N N 186 
LEU CD1 HD11 sing N N 187 
LEU CD1 HD12 sing N N 188 
LEU CD1 HD13 sing N N 189 
LEU CD2 HD21 sing N N 190 
LEU CD2 HD22 sing N N 191 
LEU CD2 HD23 sing N N 192 
LEU OXT HXT  sing N N 193 
LYS N   CA   sing N N 194 
LYS N   H    sing N N 195 
LYS N   H2   sing N N 196 
LYS CA  C    sing N N 197 
LYS CA  CB   sing N N 198 
LYS CA  HA   sing N N 199 
LYS C   O    doub N N 200 
LYS C   OXT  sing N N 201 
LYS CB  CG   sing N N 202 
LYS CB  HB2  sing N N 203 
LYS CB  HB3  sing N N 204 
LYS CG  CD   sing N N 205 
LYS CG  HG2  sing N N 206 
LYS CG  HG3  sing N N 207 
LYS CD  CE   sing N N 208 
LYS CD  HD2  sing N N 209 
LYS CD  HD3  sing N N 210 
LYS CE  NZ   sing N N 211 
LYS CE  HE2  sing N N 212 
LYS CE  HE3  sing N N 213 
LYS NZ  HZ1  sing N N 214 
LYS NZ  HZ2  sing N N 215 
LYS NZ  HZ3  sing N N 216 
LYS OXT HXT  sing N N 217 
MET N   CA   sing N N 218 
MET N   H    sing N N 219 
MET N   H2   sing N N 220 
MET CA  C    sing N N 221 
MET CA  CB   sing N N 222 
MET CA  HA   sing N N 223 
MET C   O    doub N N 224 
MET C   OXT  sing N N 225 
MET CB  CG   sing N N 226 
MET CB  HB2  sing N N 227 
MET CB  HB3  sing N N 228 
MET CG  SD   sing N N 229 
MET CG  HG2  sing N N 230 
MET CG  HG3  sing N N 231 
MET SD  CE   sing N N 232 
MET CE  HE1  sing N N 233 
MET CE  HE2  sing N N 234 
MET CE  HE3  sing N N 235 
MET OXT HXT  sing N N 236 
MSE N   CA   sing N N 237 
MSE N   H    sing N N 238 
MSE N   H2   sing N N 239 
MSE CA  C    sing N N 240 
MSE CA  CB   sing N N 241 
MSE CA  HA   sing N N 242 
MSE C   O    doub N N 243 
MSE C   OXT  sing N N 244 
MSE OXT HXT  sing N N 245 
MSE CB  CG   sing N N 246 
MSE CB  HB2  sing N N 247 
MSE CB  HB3  sing N N 248 
MSE CG  SE   sing N N 249 
MSE CG  HG2  sing N N 250 
MSE CG  HG3  sing N N 251 
MSE SE  CE   sing N N 252 
MSE CE  HE1  sing N N 253 
MSE CE  HE2  sing N N 254 
MSE CE  HE3  sing N N 255 
PHE N   CA   sing N N 256 
PHE N   H    sing N N 257 
PHE N   H2   sing N N 258 
PHE CA  C    sing N N 259 
PHE CA  CB   sing N N 260 
PHE CA  HA   sing N N 261 
PHE C   O    doub N N 262 
PHE C   OXT  sing N N 263 
PHE CB  CG   sing N N 264 
PHE CB  HB2  sing N N 265 
PHE CB  HB3  sing N N 266 
PHE CG  CD1  doub Y N 267 
PHE CG  CD2  sing Y N 268 
PHE CD1 CE1  sing Y N 269 
PHE CD1 HD1  sing N N 270 
PHE CD2 CE2  doub Y N 271 
PHE CD2 HD2  sing N N 272 
PHE CE1 CZ   doub Y N 273 
PHE CE1 HE1  sing N N 274 
PHE CE2 CZ   sing Y N 275 
PHE CE2 HE2  sing N N 276 
PHE CZ  HZ   sing N N 277 
PHE OXT HXT  sing N N 278 
PRO N   CA   sing N N 279 
PRO N   CD   sing N N 280 
PRO N   H    sing N N 281 
PRO CA  C    sing N N 282 
PRO CA  CB   sing N N 283 
PRO CA  HA   sing N N 284 
PRO C   O    doub N N 285 
PRO C   OXT  sing N N 286 
PRO CB  CG   sing N N 287 
PRO CB  HB2  sing N N 288 
PRO CB  HB3  sing N N 289 
PRO CG  CD   sing N N 290 
PRO CG  HG2  sing N N 291 
PRO CG  HG3  sing N N 292 
PRO CD  HD2  sing N N 293 
PRO CD  HD3  sing N N 294 
PRO OXT HXT  sing N N 295 
SER N   CA   sing N N 296 
SER N   H    sing N N 297 
SER N   H2   sing N N 298 
SER CA  C    sing N N 299 
SER CA  CB   sing N N 300 
SER CA  HA   sing N N 301 
SER C   O    doub N N 302 
SER C   OXT  sing N N 303 
SER CB  OG   sing N N 304 
SER CB  HB2  sing N N 305 
SER CB  HB3  sing N N 306 
SER OG  HG   sing N N 307 
SER OXT HXT  sing N N 308 
THR N   CA   sing N N 309 
THR N   H    sing N N 310 
THR N   H2   sing N N 311 
THR CA  C    sing N N 312 
THR CA  CB   sing N N 313 
THR CA  HA   sing N N 314 
THR C   O    doub N N 315 
THR C   OXT  sing N N 316 
THR CB  OG1  sing N N 317 
THR CB  CG2  sing N N 318 
THR CB  HB   sing N N 319 
THR OG1 HG1  sing N N 320 
THR CG2 HG21 sing N N 321 
THR CG2 HG22 sing N N 322 
THR CG2 HG23 sing N N 323 
THR OXT HXT  sing N N 324 
TRP N   CA   sing N N 325 
TRP N   H    sing N N 326 
TRP N   H2   sing N N 327 
TRP CA  C    sing N N 328 
TRP CA  CB   sing N N 329 
TRP CA  HA   sing N N 330 
TRP C   O    doub N N 331 
TRP C   OXT  sing N N 332 
TRP CB  CG   sing N N 333 
TRP CB  HB2  sing N N 334 
TRP CB  HB3  sing N N 335 
TRP CG  CD1  doub Y N 336 
TRP CG  CD2  sing Y N 337 
TRP CD1 NE1  sing Y N 338 
TRP CD1 HD1  sing N N 339 
TRP CD2 CE2  doub Y N 340 
TRP CD2 CE3  sing Y N 341 
TRP NE1 CE2  sing Y N 342 
TRP NE1 HE1  sing N N 343 
TRP CE2 CZ2  sing Y N 344 
TRP CE3 CZ3  doub Y N 345 
TRP CE3 HE3  sing N N 346 
TRP CZ2 CH2  doub Y N 347 
TRP CZ2 HZ2  sing N N 348 
TRP CZ3 CH2  sing Y N 349 
TRP CZ3 HZ3  sing N N 350 
TRP CH2 HH2  sing N N 351 
TRP OXT HXT  sing N N 352 
TYR N   CA   sing N N 353 
TYR N   H    sing N N 354 
TYR N   H2   sing N N 355 
TYR CA  C    sing N N 356 
TYR CA  CB   sing N N 357 
TYR CA  HA   sing N N 358 
TYR C   O    doub N N 359 
TYR C   OXT  sing N N 360 
TYR CB  CG   sing N N 361 
TYR CB  HB2  sing N N 362 
TYR CB  HB3  sing N N 363 
TYR CG  CD1  doub Y N 364 
TYR CG  CD2  sing Y N 365 
TYR CD1 CE1  sing Y N 366 
TYR CD1 HD1  sing N N 367 
TYR CD2 CE2  doub Y N 368 
TYR CD2 HD2  sing N N 369 
TYR CE1 CZ   doub Y N 370 
TYR CE1 HE1  sing N N 371 
TYR CE2 CZ   sing Y N 372 
TYR CE2 HE2  sing N N 373 
TYR CZ  OH   sing N N 374 
TYR OH  HH   sing N N 375 
TYR OXT HXT  sing N N 376 
VAL N   CA   sing N N 377 
VAL N   H    sing N N 378 
VAL N   H2   sing N N 379 
VAL CA  C    sing N N 380 
VAL CA  CB   sing N N 381 
VAL CA  HA   sing N N 382 
VAL C   O    doub N N 383 
VAL C   OXT  sing N N 384 
VAL CB  CG1  sing N N 385 
VAL CB  CG2  sing N N 386 
VAL CB  HB   sing N N 387 
VAL CG1 HG11 sing N N 388 
VAL CG1 HG12 sing N N 389 
VAL CG1 HG13 sing N N 390 
VAL CG2 HG21 sing N N 391 
VAL CG2 HG22 sing N N 392 
VAL CG2 HG23 sing N N 393 
VAL OXT HXT  sing N N 394 
# 
_atom_sites.entry_id                    1VH6 
_atom_sites.fract_transf_matrix[1][1]   -0.00236878 
_atom_sites.fract_transf_matrix[1][2]   0.00287297 
_atom_sites.fract_transf_matrix[1][3]   0.01815100 
_atom_sites.fract_transf_matrix[2][1]   0.00001005 
_atom_sites.fract_transf_matrix[2][2]   0.01539653 
_atom_sites.fract_transf_matrix[2][3]   -0.00243568 
_atom_sites.fract_transf_matrix[3][1]   -0.01446631 
_atom_sites.fract_transf_matrix[3][2]   -0.00028216 
_atom_sites.fract_transf_matrix[3][3]   -0.00184325 
_atom_sites.fract_transf_vector[1]      0.445289 
_atom_sites.fract_transf_vector[2]      -0.058408 
_atom_sites.fract_transf_vector[3]      0.030991 
# 
loop_
_atom_type.symbol 
C  
N  
O  
S  
SE 
# 
loop_
_atom_site.group_PDB 
_atom_site.id 
_atom_site.type_symbol 
_atom_site.label_atom_id 
_atom_site.label_alt_id 
_atom_site.label_comp_id 
_atom_site.label_asym_id 
_atom_site.label_entity_id 
_atom_site.label_seq_id 
_atom_site.pdbx_PDB_ins_code 
_atom_site.Cartn_x 
_atom_site.Cartn_y 
_atom_site.Cartn_z 
_atom_site.occupancy 
_atom_site.B_iso_or_equiv 
_atom_site.pdbx_formal_charge 
_atom_site.auth_seq_id 
_atom_site.auth_comp_id 
_atom_site.auth_asym_id 
_atom_site.auth_atom_id 
_atom_site.pdbx_PDB_model_num 
ATOM   1    N  N   . ALA A 1 20  ? -13.851 6.254   -3.696  1.00 21.86 ? 18  ALA A N   1 
ATOM   2    C  CA  . ALA A 1 20  ? -12.485 5.656   -3.651  1.00 22.30 ? 18  ALA A CA  1 
ATOM   3    C  C   . ALA A 1 20  ? -11.627 6.163   -4.803  1.00 22.46 ? 18  ALA A C   1 
ATOM   4    O  O   . ALA A 1 20  ? -12.115 6.373   -5.915  1.00 22.81 ? 18  ALA A O   1 
ATOM   5    C  CB  . ALA A 1 20  ? -12.571 4.134   -3.697  1.00 21.08 ? 18  ALA A CB  1 
ATOM   6    N  N   . THR A 1 21  ? -10.344 6.361   -4.528  1.00 22.24 ? 19  THR A N   1 
ATOM   7    C  CA  . THR A 1 21  ? -9.414  6.846   -5.539  1.00 22.09 ? 19  THR A CA  1 
ATOM   8    C  C   . THR A 1 21  ? -8.208  5.914   -5.563  1.00 20.70 ? 19  THR A C   1 
ATOM   9    O  O   . THR A 1 21  ? -7.447  5.852   -4.607  1.00 20.29 ? 19  THR A O   1 
ATOM   10   C  CB  . THR A 1 21  ? -8.940  8.290   -5.214  1.00 22.80 ? 19  THR A CB  1 
ATOM   11   O  OG1 . THR A 1 21  ? -10.080 9.131   -4.990  1.00 24.12 ? 19  THR A OG1 1 
ATOM   12   C  CG2 . THR A 1 21  ? -8.146  8.865   -6.369  1.00 22.60 ? 19  THR A CG2 1 
ATOM   13   N  N   . PRO A 1 22  ? -8.026  5.156   -6.650  1.00 19.89 ? 20  PRO A N   1 
ATOM   14   C  CA  . PRO A 1 22  ? -6.855  4.272   -6.636  1.00 19.66 ? 20  PRO A CA  1 
ATOM   15   C  C   . PRO A 1 22  ? -5.524  5.019   -6.440  1.00 19.44 ? 20  PRO A C   1 
ATOM   16   O  O   . PRO A 1 22  ? -5.150  5.878   -7.236  1.00 20.52 ? 20  PRO A O   1 
ATOM   17   C  CB  . PRO A 1 22  ? -6.958  3.525   -7.977  1.00 19.13 ? 20  PRO A CB  1 
ATOM   18   C  CG  . PRO A 1 22  ? -7.864  4.405   -8.825  1.00 19.20 ? 20  PRO A CG  1 
ATOM   19   C  CD  . PRO A 1 22  ? -8.864  4.933   -7.842  1.00 18.56 ? 20  PRO A CD  1 
ATOM   20   N  N   . GLY A 1 23  ? -4.822  4.692   -5.358  1.00 18.71 ? 21  GLY A N   1 
ATOM   21   C  CA  . GLY A 1 23  ? -3.554  5.337   -5.075  1.00 17.60 ? 21  GLY A CA  1 
ATOM   22   C  C   . GLY A 1 23  ? -3.526  6.043   -3.734  1.00 17.63 ? 21  GLY A C   1 
ATOM   23   O  O   . GLY A 1 23  ? -2.457  6.390   -3.238  1.00 16.51 ? 21  GLY A O   1 
ATOM   24   N  N   . GLU A 1 24  ? -4.704  6.246   -3.147  1.00 17.69 ? 22  GLU A N   1 
ATOM   25   C  CA  . GLU A 1 24  ? -4.842  6.915   -1.854  1.00 18.82 ? 22  GLU A CA  1 
ATOM   26   C  C   . GLU A 1 24  ? -3.960  6.386   -0.732  1.00 18.50 ? 22  GLU A C   1 
ATOM   27   O  O   . GLU A 1 24  ? -3.328  7.161   -0.025  1.00 17.96 ? 22  GLU A O   1 
ATOM   28   C  CB  . GLU A 1 24  ? -6.271  6.806   -1.338  1.00 20.37 ? 22  GLU A CB  1 
ATOM   29   C  CG  . GLU A 1 24  ? -7.336  7.140   -2.313  1.00 22.97 ? 22  GLU A CG  1 
ATOM   30   C  CD  . GLU A 1 24  ? -8.697  6.803   -1.770  1.00 23.42 ? 22  GLU A CD  1 
ATOM   31   O  OE1 . GLU A 1 24  ? -9.174  7.554   -0.898  1.00 25.62 ? 22  GLU A OE1 1 
ATOM   32   O  OE2 . GLU A 1 24  ? -9.278  5.786   -2.198  1.00 22.82 ? 22  GLU A OE2 1 
ATOM   33   N  N   . LEU A 1 25  ? -3.960  5.067   -0.545  1.00 18.90 ? 23  LEU A N   1 
ATOM   34   C  CA  . LEU A 1 25  ? -3.202  4.444   0.539   1.00 18.09 ? 23  LEU A CA  1 
ATOM   35   C  C   . LEU A 1 25  ? -1.715  4.761   0.535   1.00 17.76 ? 23  LEU A C   1 
ATOM   36   O  O   . LEU A 1 25  ? -1.124  4.938   1.597   1.00 18.10 ? 23  LEU A O   1 
ATOM   37   C  CB  . LEU A 1 25  ? -3.440  2.919   0.568   1.00 17.66 ? 23  LEU A CB  1 
ATOM   38   C  CG  . LEU A 1 25  ? -4.874  2.457   0.915   1.00 18.62 ? 23  LEU A CG  1 
ATOM   39   C  CD1 . LEU A 1 25  ? -4.927  0.958   1.196   1.00 17.95 ? 23  LEU A CD1 1 
ATOM   40   C  CD2 . LEU A 1 25  ? -5.366  3.202   2.146   1.00 19.73 ? 23  LEU A CD2 1 
ATOM   41   N  N   . THR A 1 26  ? -1.102  4.852   -0.639  1.00 17.40 ? 24  THR A N   1 
ATOM   42   C  CA  . THR A 1 26  ? 0.319   5.181   -0.689  1.00 17.51 ? 24  THR A CA  1 
ATOM   43   C  C   . THR A 1 26  ? 0.480   6.665   -0.362  1.00 17.75 ? 24  THR A C   1 
ATOM   44   O  O   . THR A 1 26  ? 1.425   7.072   0.308   1.00 17.36 ? 24  THR A O   1 
ATOM   45   C  CB  . THR A 1 26  ? 0.920   4.885   -2.071  1.00 17.29 ? 24  THR A CB  1 
ATOM   46   O  OG1 . THR A 1 26  ? 0.793   3.484   -2.348  1.00 17.39 ? 24  THR A OG1 1 
ATOM   47   C  CG2 . THR A 1 26  ? 2.393   5.271   -2.107  1.00 16.41 ? 24  THR A CG2 1 
ATOM   48   N  N   . LEU A 1 27  ? -0.456  7.474   -0.846  1.00 18.53 ? 25  LEU A N   1 
ATOM   49   C  CA  . LEU A 1 27  ? -0.427  8.896   -0.562  1.00 18.99 ? 25  LEU A CA  1 
ATOM   50   C  C   . LEU A 1 27  ? -0.492  9.002   0.962   1.00 20.87 ? 25  LEU A C   1 
ATOM   51   O  O   . LEU A 1 27  ? 0.251   9.756   1.591   1.00 21.28 ? 25  LEU A O   1 
ATOM   52   C  CB  . LEU A 1 27  ? -1.636  9.584   -1.195  1.00 16.59 ? 25  LEU A CB  1 
ATOM   53   C  CG  . LEU A 1 27  ? -1.772  11.091  -0.944  1.00 15.09 ? 25  LEU A CG  1 
ATOM   54   C  CD1 . LEU A 1 27  ? -0.524  11.813  -1.436  1.00 13.08 ? 25  LEU A CD1 1 
ATOM   55   C  CD2 . LEU A 1 27  ? -3.019  11.612  -1.647  1.00 12.52 ? 25  LEU A CD2 1 
HETATM 56   N  N   . MSE A 1 28  ? -1.374  8.212   1.552   1.00 22.67 ? 26  MSE A N   1 
HETATM 57   C  CA  . MSE A 1 28  ? -1.533  8.202   2.991   1.00 25.34 ? 26  MSE A CA  1 
HETATM 58   C  C   . MSE A 1 28  ? -0.230  7.832   3.710   1.00 23.90 ? 26  MSE A C   1 
HETATM 59   O  O   . MSE A 1 28  ? 0.116   8.433   4.724   1.00 23.51 ? 26  MSE A O   1 
HETATM 60   C  CB  . MSE A 1 28  ? -2.631  7.224   3.364   1.00 31.37 ? 26  MSE A CB  1 
HETATM 61   C  CG  . MSE A 1 28  ? -2.951  7.189   4.831   1.00 40.06 ? 26  MSE A CG  1 
HETATM 62   SE SE  . MSE A 1 28  ? -4.317  5.873   5.114   1.00 55.08 ? 26  MSE A SE  1 
HETATM 63   C  CE  . MSE A 1 28  ? -5.767  6.768   4.167   1.00 47.63 ? 26  MSE A CE  1 
ATOM   64   N  N   . LEU A 1 29  ? 0.490   6.840   3.197   1.00 22.36 ? 27  LEU A N   1 
ATOM   65   C  CA  . LEU A 1 29  ? 1.750   6.451   3.825   1.00 21.11 ? 27  LEU A CA  1 
ATOM   66   C  C   . LEU A 1 29  ? 2.756   7.609   3.763   1.00 19.81 ? 27  LEU A C   1 
ATOM   67   O  O   . LEU A 1 29  ? 3.434   7.905   4.748   1.00 18.18 ? 27  LEU A O   1 
ATOM   68   C  CB  . LEU A 1 29  ? 2.339   5.212   3.142   1.00 20.74 ? 27  LEU A CB  1 
ATOM   69   C  CG  . LEU A 1 29  ? 1.534   3.914   3.219   1.00 21.20 ? 27  LEU A CG  1 
ATOM   70   C  CD1 . LEU A 1 29  ? 2.373   2.780   2.649   1.00 21.18 ? 27  LEU A CD1 1 
ATOM   71   C  CD2 . LEU A 1 29  ? 1.148   3.612   4.666   1.00 21.14 ? 27  LEU A CD2 1 
ATOM   72   N  N   . TYR A 1 30  ? 2.842   8.259   2.604   1.00 18.81 ? 28  TYR A N   1 
ATOM   73   C  CA  . TYR A 1 30  ? 3.750   9.393   2.428   1.00 17.92 ? 28  TYR A CA  1 
ATOM   74   C  C   . TYR A 1 30  ? 3.432   10.514  3.406   1.00 16.18 ? 28  TYR A C   1 
ATOM   75   O  O   . TYR A 1 30  ? 4.328   11.063  4.034   1.00 16.68 ? 28  TYR A O   1 
ATOM   76   C  CB  . TYR A 1 30  ? 3.665   9.933   1.004   1.00 18.36 ? 28  TYR A CB  1 
ATOM   77   C  CG  . TYR A 1 30  ? 4.489   9.153   0.019   1.00 19.52 ? 28  TYR A CG  1 
ATOM   78   C  CD1 . TYR A 1 30  ? 3.912   8.605   -1.122  1.00 21.04 ? 28  TYR A CD1 1 
ATOM   79   C  CD2 . TYR A 1 30  ? 5.848   8.964   0.225   1.00 19.58 ? 28  TYR A CD2 1 
ATOM   80   C  CE1 . TYR A 1 30  ? 4.673   7.886   -2.032  1.00 21.13 ? 28  TYR A CE1 1 
ATOM   81   C  CE2 . TYR A 1 30  ? 6.613   8.249   -0.674  1.00 19.97 ? 28  TYR A CE2 1 
ATOM   82   C  CZ  . TYR A 1 30  ? 6.021   7.715   -1.797  1.00 20.30 ? 28  TYR A CZ  1 
ATOM   83   O  OH  . TYR A 1 30  ? 6.781   7.013   -2.695  1.00 22.21 ? 28  TYR A OH  1 
ATOM   84   N  N   . ASN A 1 31  ? 2.154   10.856  3.526   1.00 15.05 ? 29  ASN A N   1 
ATOM   85   C  CA  . ASN A 1 31  ? 1.737   11.905  4.446   1.00 13.64 ? 29  ASN A CA  1 
ATOM   86   C  C   . ASN A 1 31  ? 2.013   11.480  5.882   1.00 13.82 ? 29  ASN A C   1 
ATOM   87   O  O   . ASN A 1 31  ? 2.449   12.288  6.693   1.00 14.68 ? 29  ASN A O   1 
ATOM   88   C  CB  . ASN A 1 31  ? 0.254   12.241  4.253   1.00 10.84 ? 29  ASN A CB  1 
ATOM   89   C  CG  . ASN A 1 31  ? 0.010   13.084  3.006   1.00 10.54 ? 29  ASN A CG  1 
ATOM   90   O  OD1 . ASN A 1 31  ? 0.849   13.904  2.636   1.00 11.63 ? 29  ASN A OD1 1 
ATOM   91   N  ND2 . ASN A 1 31  ? -1.136  12.902  2.368   1.00 7.03  ? 29  ASN A ND2 1 
ATOM   92   N  N   . GLY A 1 32  ? 1.765   10.210  6.195   1.00 13.95 ? 30  GLY A N   1 
ATOM   93   C  CA  . GLY A 1 32  ? 2.044   9.734   7.533   1.00 13.90 ? 30  GLY A CA  1 
ATOM   94   C  C   . GLY A 1 32  ? 3.531   9.903   7.814   1.00 14.37 ? 30  GLY A C   1 
ATOM   95   O  O   . GLY A 1 32  ? 3.928   10.421  8.860   1.00 15.10 ? 30  GLY A O   1 
ATOM   96   N  N   . CYS A 1 33  ? 4.354   9.469   6.866   1.00 14.77 ? 31  CYS A N   1 
ATOM   97   C  CA  . CYS A 1 33  ? 5.804   9.551   6.987   1.00 15.98 ? 31  CYS A CA  1 
ATOM   98   C  C   . CYS A 1 33  ? 6.289   10.981  7.205   1.00 16.07 ? 31  CYS A C   1 
ATOM   99   O  O   . CYS A 1 33  ? 7.259   11.205  7.919   1.00 15.89 ? 31  CYS A O   1 
ATOM   100  C  CB  . CYS A 1 33  ? 6.474   8.978   5.734   1.00 16.19 ? 31  CYS A CB  1 
ATOM   101  S  SG  . CYS A 1 33  ? 8.285   8.895   5.820   1.00 17.77 ? 31  CYS A SG  1 
ATOM   102  N  N   . LEU A 1 34  ? 5.625   11.948  6.589   1.00 16.21 ? 32  LEU A N   1 
ATOM   103  C  CA  . LEU A 1 34  ? 6.038   13.336  6.759   1.00 16.54 ? 32  LEU A CA  1 
ATOM   104  C  C   . LEU A 1 34  ? 5.678   13.845  8.150   1.00 16.85 ? 32  LEU A C   1 
ATOM   105  O  O   . LEU A 1 34  ? 6.423   14.629  8.738   1.00 16.76 ? 32  LEU A O   1 
ATOM   106  C  CB  . LEU A 1 34  ? 5.389   14.222  5.691   1.00 15.50 ? 32  LEU A CB  1 
ATOM   107  C  CG  . LEU A 1 34  ? 5.979   14.037  4.297   1.00 13.82 ? 32  LEU A CG  1 
ATOM   108  C  CD1 . LEU A 1 34  ? 5.086   14.670  3.251   1.00 11.94 ? 32  LEU A CD1 1 
ATOM   109  C  CD2 . LEU A 1 34  ? 7.372   14.634  4.285   1.00 13.87 ? 32  LEU A CD2 1 
ATOM   110  N  N   . LYS A 1 35  ? 4.537   13.398  8.669   1.00 17.46 ? 33  LYS A N   1 
ATOM   111  C  CA  . LYS A 1 35  ? 4.082   13.809  9.995   1.00 19.17 ? 33  LYS A CA  1 
ATOM   112  C  C   . LYS A 1 35  ? 5.090   13.360  11.049  1.00 19.06 ? 33  LYS A C   1 
ATOM   113  O  O   . LYS A 1 35  ? 5.532   14.153  11.876  1.00 19.10 ? 33  LYS A O   1 
ATOM   114  C  CB  . LYS A 1 35  ? 2.704   13.198  10.318  1.00 20.53 ? 33  LYS A CB  1 
ATOM   115  C  CG  . LYS A 1 35  ? 2.317   13.337  11.805  1.00 23.44 ? 33  LYS A CG  1 
ATOM   116  C  CD  . LYS A 1 35  ? 1.142   12.454  12.223  1.00 24.36 ? 33  LYS A CD  1 
ATOM   117  C  CE  . LYS A 1 35  ? -0.181  13.061  11.791  1.00 27.59 ? 33  LYS A CE  1 
ATOM   118  N  NZ  . LYS A 1 35  ? -1.363  12.283  12.277  1.00 28.76 ? 33  LYS A NZ  1 
ATOM   119  N  N   . PHE A 1 36  ? 5.451   12.082  11.004  1.00 19.17 ? 34  PHE A N   1 
ATOM   120  C  CA  . PHE A 1 36  ? 6.394   11.516  11.959  1.00 18.99 ? 34  PHE A CA  1 
ATOM   121  C  C   . PHE A 1 36  ? 7.784   12.130  11.857  1.00 18.94 ? 34  PHE A C   1 
ATOM   122  O  O   . PHE A 1 36  ? 8.475   12.268  12.868  1.00 19.65 ? 34  PHE A O   1 
ATOM   123  C  CB  . PHE A 1 36  ? 6.444   10.000  11.783  1.00 18.93 ? 34  PHE A CB  1 
ATOM   124  C  CG  . PHE A 1 36  ? 5.108   9.340   11.977  1.00 20.45 ? 34  PHE A CG  1 
ATOM   125  C  CD1 . PHE A 1 36  ? 4.715   8.274   11.175  1.00 20.36 ? 34  PHE A CD1 1 
ATOM   126  C  CD2 . PHE A 1 36  ? 4.226   9.807   12.954  1.00 20.51 ? 34  PHE A CD2 1 
ATOM   127  C  CE1 . PHE A 1 36  ? 3.465   7.682   11.334  1.00 20.41 ? 34  PHE A CE1 1 
ATOM   128  C  CE2 . PHE A 1 36  ? 2.973   9.220   13.121  1.00 20.34 ? 34  PHE A CE2 1 
ATOM   129  C  CZ  . PHE A 1 36  ? 2.592   8.152   12.305  1.00 19.77 ? 34  PHE A CZ  1 
ATOM   130  N  N   . ILE A 1 37  ? 8.197   12.496  10.647  1.00 18.09 ? 35  ILE A N   1 
ATOM   131  C  CA  . ILE A 1 37  ? 9.498   13.129  10.460  1.00 17.28 ? 35  ILE A CA  1 
ATOM   132  C  C   . ILE A 1 37  ? 9.441   14.517  11.103  1.00 17.66 ? 35  ILE A C   1 
ATOM   133  O  O   . ILE A 1 37  ? 10.390  14.953  11.757  1.00 17.77 ? 35  ILE A O   1 
ATOM   134  C  CB  . ILE A 1 37  ? 9.846   13.314  8.964   1.00 16.60 ? 35  ILE A CB  1 
ATOM   135  C  CG1 . ILE A 1 37  ? 10.148  11.959  8.319   1.00 15.76 ? 35  ILE A CG1 1 
ATOM   136  C  CG2 . ILE A 1 37  ? 11.019  14.269  8.816   1.00 14.70 ? 35  ILE A CG2 1 
ATOM   137  C  CD1 . ILE A 1 37  ? 10.627  12.067  6.887   1.00 15.53 ? 35  ILE A CD1 1 
ATOM   138  N  N   . ARG A 1 38  ? 8.321   15.205  10.918  1.00 16.86 ? 36  ARG A N   1 
ATOM   139  C  CA  . ARG A 1 38  ? 8.164   16.541  11.470  1.00 18.00 ? 36  ARG A CA  1 
ATOM   140  C  C   . ARG A 1 38  ? 8.081   16.562  12.997  1.00 18.78 ? 36  ARG A C   1 
ATOM   141  O  O   . ARG A 1 38  ? 8.623   17.465  13.639  1.00 18.97 ? 36  ARG A O   1 
ATOM   142  C  CB  . ARG A 1 38  ? 6.930   17.208  10.863  1.00 18.20 ? 36  ARG A CB  1 
ATOM   143  C  CG  . ARG A 1 38  ? 7.108   17.585  9.397   1.00 18.47 ? 36  ARG A CG  1 
ATOM   144  C  CD  . ARG A 1 38  ? 5.790   18.009  8.790   1.00 18.58 ? 36  ARG A CD  1 
ATOM   145  N  NE  . ARG A 1 38  ? 5.897   18.224  7.354   1.00 19.04 ? 36  ARG A NE  1 
ATOM   146  C  CZ  . ARG A 1 38  ? 4.849   18.336  6.545   1.00 18.63 ? 36  ARG A CZ  1 
ATOM   147  N  NH1 . ARG A 1 38  ? 3.622   18.246  7.043   1.00 17.81 ? 36  ARG A NH1 1 
ATOM   148  N  NH2 . ARG A 1 38  ? 5.029   18.537  5.248   1.00 17.49 ? 36  ARG A NH2 1 
ATOM   149  N  N   . LEU A 1 39  ? 7.403   15.572  13.574  1.00 18.57 ? 37  LEU A N   1 
ATOM   150  C  CA  . LEU A 1 39  ? 7.277   15.476  15.023  1.00 18.58 ? 37  LEU A CA  1 
ATOM   151  C  C   . LEU A 1 39  ? 8.630   15.135  15.639  1.00 18.84 ? 37  LEU A C   1 
ATOM   152  O  O   . LEU A 1 39  ? 8.898   15.454  16.794  1.00 18.47 ? 37  LEU A O   1 
ATOM   153  C  CB  . LEU A 1 39  ? 6.253   14.394  15.398  1.00 17.62 ? 37  LEU A CB  1 
ATOM   154  C  CG  . LEU A 1 39  ? 4.777   14.748  15.188  1.00 16.93 ? 37  LEU A CG  1 
ATOM   155  C  CD1 . LEU A 1 39  ? 3.906   13.542  15.510  1.00 15.79 ? 37  LEU A CD1 1 
ATOM   156  C  CD2 . LEU A 1 39  ? 4.412   15.935  16.073  1.00 15.08 ? 37  LEU A CD2 1 
ATOM   157  N  N   . ALA A 1 40  ? 9.478   14.473  14.859  1.00 20.15 ? 38  ALA A N   1 
ATOM   158  C  CA  . ALA A 1 40  ? 10.803  14.085  15.325  1.00 20.96 ? 38  ALA A CA  1 
ATOM   159  C  C   . ALA A 1 40  ? 11.698  15.317  15.397  1.00 21.67 ? 38  ALA A C   1 
ATOM   160  O  O   . ALA A 1 40  ? 12.527  15.439  16.291  1.00 21.95 ? 38  ALA A O   1 
ATOM   161  C  CB  . ALA A 1 40  ? 11.409  13.044  14.386  1.00 20.10 ? 38  ALA A CB  1 
ATOM   162  N  N   . ALA A 1 41  ? 11.529  16.231  14.447  1.00 22.67 ? 39  ALA A N   1 
ATOM   163  C  CA  . ALA A 1 41  ? 12.321  17.454  14.438  1.00 23.95 ? 39  ALA A CA  1 
ATOM   164  C  C   . ALA A 1 41  ? 11.927  18.273  15.670  1.00 24.33 ? 39  ALA A C   1 
ATOM   165  O  O   . ALA A 1 41  ? 12.773  18.894  16.313  1.00 24.17 ? 39  ALA A O   1 
ATOM   166  C  CB  . ALA A 1 41  ? 12.059  18.249  13.149  1.00 22.65 ? 39  ALA A CB  1 
ATOM   167  N  N   . GLN A 1 42  ? 10.634  18.263  15.988  1.00 25.22 ? 40  GLN A N   1 
ATOM   168  C  CA  . GLN A 1 42  ? 10.109  18.974  17.152  1.00 26.74 ? 40  GLN A CA  1 
ATOM   169  C  C   . GLN A 1 42  ? 10.680  18.390  18.443  1.00 26.27 ? 40  GLN A C   1 
ATOM   170  O  O   . GLN A 1 42  ? 11.079  19.120  19.352  1.00 26.17 ? 40  GLN A O   1 
ATOM   171  C  CB  . GLN A 1 42  ? 8.587   18.855  17.217  1.00 28.42 ? 40  GLN A CB  1 
ATOM   172  C  CG  . GLN A 1 42  ? 7.821   19.555  16.117  1.00 31.36 ? 40  GLN A CG  1 
ATOM   173  C  CD  . GLN A 1 42  ? 6.315   19.319  16.237  1.00 33.48 ? 40  GLN A CD  1 
ATOM   174  O  OE1 . GLN A 1 42  ? 5.758   19.319  17.350  1.00 33.35 ? 40  GLN A OE1 1 
ATOM   175  N  NE2 . GLN A 1 42  ? 5.648   19.125  15.094  1.00 33.30 ? 40  GLN A NE2 1 
ATOM   176  N  N   . ALA A 1 43  ? 10.706  17.066  18.521  1.00 25.75 ? 41  ALA A N   1 
ATOM   177  C  CA  . ALA A 1 43  ? 11.212  16.392  19.705  1.00 25.85 ? 41  ALA A CA  1 
ATOM   178  C  C   . ALA A 1 43  ? 12.683  16.684  19.971  1.00 25.79 ? 41  ALA A C   1 
ATOM   179  O  O   . ALA A 1 43  ? 13.059  16.954  21.112  1.00 25.66 ? 41  ALA A O   1 
ATOM   180  C  CB  . ALA A 1 43  ? 10.983  14.883  19.588  1.00 25.85 ? 41  ALA A CB  1 
ATOM   181  N  N   . ILE A 1 44  ? 13.513  16.638  18.930  1.00 26.07 ? 42  ILE A N   1 
ATOM   182  C  CA  . ILE A 1 44  ? 14.946  16.894  19.092  1.00 27.49 ? 42  ILE A CA  1 
ATOM   183  C  C   . ILE A 1 44  ? 15.217  18.279  19.681  1.00 29.38 ? 42  ILE A C   1 
ATOM   184  O  O   . ILE A 1 44  ? 16.086  18.440  20.549  1.00 29.63 ? 42  ILE A O   1 
ATOM   185  C  CB  . ILE A 1 44  ? 15.712  16.785  17.753  1.00 26.81 ? 42  ILE A CB  1 
ATOM   186  C  CG1 . ILE A 1 44  ? 15.440  15.428  17.098  1.00 26.62 ? 42  ILE A CG1 1 
ATOM   187  C  CG2 . ILE A 1 44  ? 17.211  16.934  18.006  1.00 25.77 ? 42  ILE A CG2 1 
ATOM   188  C  CD1 . ILE A 1 44  ? 16.030  15.278  15.712  1.00 24.96 ? 42  ILE A CD1 1 
ATOM   189  N  N   . GLU A 1 45  ? 14.469  19.273  19.212  1.00 30.92 ? 43  GLU A N   1 
ATOM   190  C  CA  . GLU A 1 45  ? 14.629  20.634  19.701  1.00 33.19 ? 43  GLU A CA  1 
ATOM   191  C  C   . GLU A 1 45  ? 14.219  20.753  21.161  1.00 33.76 ? 43  GLU A C   1 
ATOM   192  O  O   . GLU A 1 45  ? 14.791  21.549  21.894  1.00 34.89 ? 43  GLU A O   1 
ATOM   193  C  CB  . GLU A 1 45  ? 13.813  21.602  18.843  1.00 34.52 ? 43  GLU A CB  1 
ATOM   194  C  CG  . GLU A 1 45  ? 14.183  21.522  17.373  1.00 37.71 ? 43  GLU A CG  1 
ATOM   195  C  CD  . GLU A 1 45  ? 13.663  22.692  16.559  1.00 39.61 ? 43  GLU A CD  1 
ATOM   196  O  OE1 . GLU A 1 45  ? 13.859  22.679  15.319  1.00 41.12 ? 43  GLU A OE1 1 
ATOM   197  O  OE2 . GLU A 1 45  ? 13.069  23.624  17.155  1.00 40.36 ? 43  GLU A OE2 1 
ATOM   198  N  N   . ASN A 1 46  ? 13.233  19.964  21.583  1.00 34.25 ? 44  ASN A N   1 
ATOM   199  C  CA  . ASN A 1 46  ? 12.772  19.984  22.969  1.00 34.50 ? 44  ASN A CA  1 
ATOM   200  C  C   . ASN A 1 46  ? 13.502  18.924  23.783  1.00 35.28 ? 44  ASN A C   1 
ATOM   201  O  O   . ASN A 1 46  ? 13.052  18.556  24.873  1.00 35.36 ? 44  ASN A O   1 
ATOM   202  C  CB  . ASN A 1 46  ? 11.276  19.698  23.053  1.00 34.74 ? 44  ASN A CB  1 
ATOM   203  C  CG  . ASN A 1 46  ? 10.454  20.617  22.180  1.00 35.73 ? 44  ASN A CG  1 
ATOM   204  O  OD1 . ASN A 1 46  ? 10.900  21.699  21.803  1.00 37.88 ? 44  ASN A OD1 1 
ATOM   205  N  ND2 . ASN A 1 46  ? 9.237   20.197  21.866  1.00 36.20 ? 44  ASN A ND2 1 
ATOM   206  N  N   . ASP A 1 47  ? 14.627  18.441  23.254  1.00 35.72 ? 45  ASP A N   1 
ATOM   207  C  CA  . ASP A 1 47  ? 15.409  17.394  23.909  1.00 35.90 ? 45  ASP A CA  1 
ATOM   208  C  C   . ASP A 1 47  ? 14.489  16.278  24.379  1.00 35.72 ? 45  ASP A C   1 
ATOM   209  O  O   . ASP A 1 47  ? 14.656  15.740  25.475  1.00 35.88 ? 45  ASP A O   1 
ATOM   210  C  CB  . ASP A 1 47  ? 16.193  17.940  25.105  1.00 36.18 ? 45  ASP A CB  1 
ATOM   211  C  CG  . ASP A 1 47  ? 17.444  18.689  24.691  1.00 37.59 ? 45  ASP A CG  1 
ATOM   212  O  OD1 . ASP A 1 47  ? 18.079  18.291  23.689  1.00 37.30 ? 45  ASP A OD1 1 
ATOM   213  O  OD2 . ASP A 1 47  ? 17.803  19.669  25.379  1.00 38.39 ? 45  ASP A OD2 1 
ATOM   214  N  N   . ASP A 1 48  ? 13.511  15.948  23.542  1.00 34.88 ? 46  ASP A N   1 
ATOM   215  C  CA  . ASP A 1 48  ? 12.549  14.895  23.843  1.00 34.68 ? 46  ASP A CA  1 
ATOM   216  C  C   . ASP A 1 48  ? 12.985  13.629  23.107  1.00 35.45 ? 46  ASP A C   1 
ATOM   217  O  O   . ASP A 1 48  ? 12.466  13.322  22.033  1.00 36.18 ? 46  ASP A O   1 
ATOM   218  C  CB  . ASP A 1 48  ? 11.168  15.322  23.360  1.00 33.92 ? 46  ASP A CB  1 
ATOM   219  C  CG  . ASP A 1 48  ? 10.068  14.391  23.818  1.00 33.31 ? 46  ASP A CG  1 
ATOM   220  O  OD1 . ASP A 1 48  ? 10.350  13.217  24.139  1.00 32.57 ? 46  ASP A OD1 1 
ATOM   221  O  OD2 . ASP A 1 48  ? 8.906   14.843  23.840  1.00 33.26 ? 46  ASP A OD2 1 
HETATM 222  N  N   . MSE A 1 49  ? 13.937  12.897  23.679  1.00 35.56 ? 47  MSE A N   1 
HETATM 223  C  CA  . MSE A 1 49  ? 14.442  11.684  23.046  1.00 35.89 ? 47  MSE A CA  1 
HETATM 224  C  C   . MSE A 1 49  ? 13.396  10.580  22.941  1.00 34.89 ? 47  MSE A C   1 
HETATM 225  O  O   . MSE A 1 49  ? 13.457  9.730   22.050  1.00 34.53 ? 47  MSE A O   1 
HETATM 226  C  CB  . MSE A 1 49  ? 15.669  11.174  23.803  1.00 37.88 ? 47  MSE A CB  1 
HETATM 227  C  CG  . MSE A 1 49  ? 16.818  12.169  23.845  1.00 41.25 ? 47  MSE A CG  1 
HETATM 228  SE SE  . MSE A 1 49  ? 17.435  12.748  22.084  1.00 48.28 ? 47  MSE A SE  1 
HETATM 229  C  CE  . MSE A 1 49  ? 18.942  11.530  21.909  1.00 45.22 ? 47  MSE A CE  1 
ATOM   230  N  N   . GLU A 1 50  ? 12.431  10.601  23.850  1.00 33.46 ? 48  GLU A N   1 
ATOM   231  C  CA  . GLU A 1 50  ? 11.374  9.602   23.867  1.00 32.63 ? 48  GLU A CA  1 
ATOM   232  C  C   . GLU A 1 50  ? 10.597  9.618   22.560  1.00 31.23 ? 48  GLU A C   1 
ATOM   233  O  O   . GLU A 1 50  ? 10.586  8.638   21.817  1.00 30.36 ? 48  GLU A O   1 
ATOM   234  C  CB  . GLU A 1 50  ? 10.407  9.887   25.022  1.00 34.47 ? 48  GLU A CB  1 
ATOM   235  C  CG  . GLU A 1 50  ? 11.084  10.104  26.369  1.00 36.09 ? 48  GLU A CG  1 
ATOM   236  C  CD  . GLU A 1 50  ? 11.609  8.811   26.966  1.00 36.47 ? 48  GLU A CD  1 
ATOM   237  O  OE1 . GLU A 1 50  ? 12.314  8.874   27.999  1.00 36.19 ? 48  GLU A OE1 1 
ATOM   238  O  OE2 . GLU A 1 50  ? 11.304  7.735   26.400  1.00 36.29 ? 48  GLU A OE2 1 
ATOM   239  N  N   . ARG A 1 51  ? 9.942   10.747  22.301  1.00 29.92 ? 49  ARG A N   1 
ATOM   240  C  CA  . ARG A 1 51  ? 9.123   10.937  21.115  1.00 29.30 ? 49  ARG A CA  1 
ATOM   241  C  C   . ARG A 1 51  ? 9.914   10.974  19.814  1.00 28.74 ? 49  ARG A C   1 
ATOM   242  O  O   . ARG A 1 51  ? 9.380   10.659  18.749  1.00 28.82 ? 49  ARG A O   1 
ATOM   243  C  CB  . ARG A 1 51  ? 8.293   12.212  21.270  1.00 29.94 ? 49  ARG A CB  1 
ATOM   244  C  CG  . ARG A 1 51  ? 7.296   12.143  22.418  1.00 30.73 ? 49  ARG A CG  1 
ATOM   245  C  CD  . ARG A 1 51  ? 6.441   13.399  22.522  1.00 32.08 ? 49  ARG A CD  1 
ATOM   246  N  NE  . ARG A 1 51  ? 5.436   13.277  23.576  1.00 34.56 ? 49  ARG A NE  1 
ATOM   247  C  CZ  . ARG A 1 51  ? 5.718   13.048  24.858  1.00 36.15 ? 49  ARG A CZ  1 
ATOM   248  N  NH1 . ARG A 1 51  ? 6.980   12.917  25.251  1.00 36.91 ? 49  ARG A NH1 1 
ATOM   249  N  NH2 . ARG A 1 51  ? 4.737   12.940  25.750  1.00 36.10 ? 49  ARG A NH2 1 
ATOM   250  N  N   . LYS A 1 52  ? 11.182  11.361  19.894  1.00 27.29 ? 50  LYS A N   1 
ATOM   251  C  CA  . LYS A 1 52  ? 12.024  11.402  18.705  1.00 26.25 ? 50  LYS A CA  1 
ATOM   252  C  C   . LYS A 1 52  ? 12.172  9.995   18.137  1.00 25.64 ? 50  LYS A C   1 
ATOM   253  O  O   . LYS A 1 52  ? 12.001  9.767   16.941  1.00 25.67 ? 50  LYS A O   1 
ATOM   254  C  CB  . LYS A 1 52  ? 13.420  11.929  19.046  1.00 26.01 ? 50  LYS A CB  1 
ATOM   255  C  CG  . LYS A 1 52  ? 14.376  11.936  17.858  1.00 24.62 ? 50  LYS A CG  1 
ATOM   256  C  CD  . LYS A 1 52  ? 15.789  12.299  18.270  1.00 23.72 ? 50  LYS A CD  1 
ATOM   257  C  CE  . LYS A 1 52  ? 16.596  11.059  18.602  1.00 23.92 ? 50  LYS A CE  1 
ATOM   258  N  NZ  . LYS A 1 52  ? 15.843  10.141  19.474  1.00 24.82 ? 50  LYS A NZ  1 
ATOM   259  N  N   . ASN A 1 53  ? 12.503  9.057   19.016  1.00 24.57 ? 51  ASN A N   1 
ATOM   260  C  CA  . ASN A 1 53  ? 12.704  7.673   18.629  1.00 24.08 ? 51  ASN A CA  1 
ATOM   261  C  C   . ASN A 1 53  ? 11.402  7.086   18.103  1.00 23.83 ? 51  ASN A C   1 
ATOM   262  O  O   . ASN A 1 53  ? 11.355  6.520   17.010  1.00 23.45 ? 51  ASN A O   1 
ATOM   263  C  CB  . ASN A 1 53  ? 13.213  6.875   19.837  1.00 23.89 ? 51  ASN A CB  1 
ATOM   264  C  CG  . ASN A 1 53  ? 13.808  5.539   19.448  1.00 23.91 ? 51  ASN A CG  1 
ATOM   265  O  OD1 . ASN A 1 53  ? 14.722  5.463   18.628  1.00 24.20 ? 51  ASN A OD1 1 
ATOM   266  N  ND2 . ASN A 1 53  ? 13.294  4.472   20.042  1.00 24.70 ? 51  ASN A ND2 1 
ATOM   267  N  N   . GLU A 1 54  ? 10.341  7.239   18.880  1.00 23.51 ? 52  GLU A N   1 
ATOM   268  C  CA  . GLU A 1 54  ? 9.037   6.726   18.488  1.00 23.72 ? 52  GLU A CA  1 
ATOM   269  C  C   . GLU A 1 54  ? 8.721   7.138   17.039  1.00 24.03 ? 52  GLU A C   1 
ATOM   270  O  O   . GLU A 1 54  ? 8.584   6.290   16.153  1.00 23.97 ? 52  GLU A O   1 
ATOM   271  C  CB  . GLU A 1 54  ? 7.972   7.264   19.456  1.00 23.38 ? 52  GLU A CB  1 
ATOM   272  C  CG  . GLU A 1 54  ? 6.604   6.622   19.333  1.00 22.78 ? 52  GLU A CG  1 
ATOM   273  N  N   . ASN A 1 55  ? 8.637   8.449   16.808  1.00 23.88 ? 53  ASN A N   1 
ATOM   274  C  CA  . ASN A 1 55  ? 8.330   9.010   15.498  1.00 23.03 ? 53  ASN A CA  1 
ATOM   275  C  C   . ASN A 1 55  ? 9.311   8.640   14.399  1.00 23.13 ? 53  ASN A C   1 
ATOM   276  O  O   . ASN A 1 55  ? 8.918   8.492   13.247  1.00 24.19 ? 53  ASN A O   1 
ATOM   277  C  CB  . ASN A 1 55  ? 8.235   10.528  15.604  1.00 23.19 ? 53  ASN A CB  1 
ATOM   278  C  CG  . ASN A 1 55  ? 7.002   10.976  16.355  1.00 23.54 ? 53  ASN A CG  1 
ATOM   279  O  OD1 . ASN A 1 55  ? 5.896   10.937  15.822  1.00 25.05 ? 53  ASN A OD1 1 
ATOM   280  N  ND2 . ASN A 1 55  ? 7.181   11.390  17.607  1.00 23.18 ? 53  ASN A ND2 1 
ATOM   281  N  N   . LEU A 1 56  ? 10.588  8.497   14.735  1.00 22.48 ? 54  LEU A N   1 
ATOM   282  C  CA  . LEU A 1 56  ? 11.569  8.133   13.716  1.00 21.04 ? 54  LEU A CA  1 
ATOM   283  C  C   . LEU A 1 56  ? 11.447  6.675   13.303  1.00 20.31 ? 54  LEU A C   1 
ATOM   284  O  O   . LEU A 1 56  ? 11.699  6.325   12.156  1.00 20.79 ? 54  LEU A O   1 
ATOM   285  C  CB  . LEU A 1 56  ? 12.986  8.422   14.203  1.00 20.94 ? 54  LEU A CB  1 
ATOM   286  C  CG  . LEU A 1 56  ? 13.376  9.890   14.071  1.00 19.51 ? 54  LEU A CG  1 
ATOM   287  C  CD1 . LEU A 1 56  ? 14.787  10.112  14.569  1.00 17.08 ? 54  LEU A CD1 1 
ATOM   288  C  CD2 . LEU A 1 56  ? 13.237  10.285  12.611  1.00 20.10 ? 54  LEU A CD2 1 
ATOM   289  N  N   . ILE A 1 57  ? 11.061  5.819   14.235  1.00 19.74 ? 55  ILE A N   1 
ATOM   290  C  CA  . ILE A 1 57  ? 10.893  4.417   13.905  1.00 19.23 ? 55  ILE A CA  1 
ATOM   291  C  C   . ILE A 1 57  ? 9.655   4.264   13.021  1.00 18.97 ? 55  ILE A C   1 
ATOM   292  O  O   . ILE A 1 57  ? 9.675   3.502   12.054  1.00 18.84 ? 55  ILE A O   1 
ATOM   293  C  CB  . ILE A 1 57  ? 10.759  3.551   15.182  1.00 19.19 ? 55  ILE A CB  1 
ATOM   294  C  CG1 . ILE A 1 57  ? 12.142  3.344   15.802  1.00 20.14 ? 55  ILE A CG1 1 
ATOM   295  C  CG2 . ILE A 1 57  ? 10.126  2.209   14.849  1.00 17.92 ? 55  ILE A CG2 1 
ATOM   296  C  CD1 . ILE A 1 57  ? 12.117  2.613   17.133  1.00 21.70 ? 55  ILE A CD1 1 
ATOM   297  N  N   . LYS A 1 58  ? 8.592   5.001   13.341  1.00 18.18 ? 56  LYS A N   1 
ATOM   298  C  CA  . LYS A 1 58  ? 7.352   4.947   12.563  1.00 17.44 ? 56  LYS A CA  1 
ATOM   299  C  C   . LYS A 1 58  ? 7.594   5.379   11.123  1.00 16.78 ? 56  LYS A C   1 
ATOM   300  O  O   . LYS A 1 58  ? 7.110   4.747   10.185  1.00 17.93 ? 56  LYS A O   1 
ATOM   301  C  CB  . LYS A 1 58  ? 6.291   5.868   13.156  1.00 17.60 ? 56  LYS A CB  1 
ATOM   302  C  CG  . LYS A 1 58  ? 5.673   5.431   14.460  1.00 18.49 ? 56  LYS A CG  1 
ATOM   303  C  CD  . LYS A 1 58  ? 4.644   6.479   14.849  1.00 21.42 ? 56  LYS A CD  1 
ATOM   304  C  CE  . LYS A 1 58  ? 3.942   6.174   16.150  1.00 22.89 ? 56  LYS A CE  1 
ATOM   305  N  NZ  . LYS A 1 58  ? 2.785   7.108   16.326  1.00 24.73 ? 56  LYS A NZ  1 
ATOM   306  N  N   . ALA A 1 59  ? 8.324   6.473   10.952  1.00 15.74 ? 57  ALA A N   1 
ATOM   307  C  CA  . ALA A 1 59  ? 8.629   6.975   9.622   1.00 16.06 ? 57  ALA A CA  1 
ATOM   308  C  C   . ALA A 1 59  ? 9.496   5.936   8.902   1.00 16.42 ? 57  ALA A C   1 
ATOM   309  O  O   . ALA A 1 59  ? 9.358   5.721   7.692   1.00 16.53 ? 57  ALA A O   1 
ATOM   310  C  CB  . ALA A 1 59  ? 9.350   8.325   9.717   1.00 14.63 ? 57  ALA A CB  1 
ATOM   311  N  N   . GLN A 1 60  ? 10.378  5.284   9.654   1.00 16.65 ? 58  GLN A N   1 
ATOM   312  C  CA  . GLN A 1 60  ? 11.237  4.251   9.092   1.00 17.54 ? 58  GLN A CA  1 
ATOM   313  C  C   . GLN A 1 60  ? 10.414  3.036   8.662   1.00 18.19 ? 58  GLN A C   1 
ATOM   314  O  O   . GLN A 1 60  ? 10.671  2.449   7.607   1.00 18.63 ? 58  GLN A O   1 
ATOM   315  C  CB  . GLN A 1 60  ? 12.282  3.823   10.117  1.00 18.65 ? 58  GLN A CB  1 
ATOM   316  C  CG  . GLN A 1 60  ? 13.545  4.695   10.120  1.00 20.35 ? 58  GLN A CG  1 
ATOM   317  C  CD  . GLN A 1 60  ? 14.296  4.617   11.430  1.00 20.02 ? 58  GLN A CD  1 
ATOM   318  O  OE1 . GLN A 1 60  ? 14.373  3.562   12.050  1.00 20.65 ? 58  GLN A OE1 1 
ATOM   319  N  NE2 . GLN A 1 60  ? 14.862  5.735   11.851  1.00 20.85 ? 58  GLN A NE2 1 
ATOM   320  N  N   . ASN A 1 61  ? 9.422   2.661   9.473   1.00 17.74 ? 59  ASN A N   1 
ATOM   321  C  CA  . ASN A 1 61  ? 8.581   1.514   9.144   1.00 16.71 ? 59  ASN A CA  1 
ATOM   322  C  C   . ASN A 1 61  ? 7.822   1.801   7.873   1.00 16.42 ? 59  ASN A C   1 
ATOM   323  O  O   . ASN A 1 61  ? 7.611   0.903   7.051   1.00 16.09 ? 59  ASN A O   1 
ATOM   324  C  CB  . ASN A 1 61  ? 7.566   1.214   10.241  1.00 16.52 ? 59  ASN A CB  1 
ATOM   325  C  CG  . ASN A 1 61  ? 8.213   0.846   11.545  1.00 17.04 ? 59  ASN A CG  1 
ATOM   326  O  OD1 . ASN A 1 61  ? 9.284   0.232   11.577  1.00 17.14 ? 59  ASN A OD1 1 
ATOM   327  N  ND2 . ASN A 1 61  ? 7.557   1.206   12.643  1.00 17.06 ? 59  ASN A ND2 1 
ATOM   328  N  N   . ILE A 1 62  ? 7.394   3.054   7.725   1.00 14.56 ? 60  ILE A N   1 
ATOM   329  C  CA  . ILE A 1 62  ? 6.660   3.445   6.535   1.00 13.63 ? 60  ILE A CA  1 
ATOM   330  C  C   . ILE A 1 62  ? 7.549   3.312   5.310   1.00 14.13 ? 60  ILE A C   1 
ATOM   331  O  O   . ILE A 1 62  ? 7.112   2.808   4.282   1.00 14.22 ? 60  ILE A O   1 
ATOM   332  C  CB  . ILE A 1 62  ? 6.109   4.886   6.655   1.00 12.25 ? 60  ILE A CB  1 
ATOM   333  C  CG1 . ILE A 1 62  ? 4.949   4.893   7.655   1.00 11.38 ? 60  ILE A CG1 1 
ATOM   334  C  CG2 . ILE A 1 62  ? 5.619   5.376   5.299   1.00 9.69  ? 60  ILE A CG2 1 
ATOM   335  C  CD1 . ILE A 1 62  ? 4.478   6.269   8.078   1.00 13.26 ? 60  ILE A CD1 1 
ATOM   336  N  N   . ILE A 1 63  ? 8.803   3.744   5.425   1.00 15.04 ? 61  ILE A N   1 
ATOM   337  C  CA  . ILE A 1 63  ? 9.732   3.642   4.306   1.00 15.13 ? 61  ILE A CA  1 
ATOM   338  C  C   . ILE A 1 63  ? 9.975   2.190   3.900   1.00 15.78 ? 61  ILE A C   1 
ATOM   339  O  O   . ILE A 1 63  ? 10.059  1.882   2.711   1.00 15.55 ? 61  ILE A O   1 
ATOM   340  C  CB  . ILE A 1 63  ? 11.078  4.306   4.630   1.00 14.76 ? 61  ILE A CB  1 
ATOM   341  C  CG1 . ILE A 1 63  ? 10.885  5.814   4.729   1.00 14.47 ? 61  ILE A CG1 1 
ATOM   342  C  CG2 . ILE A 1 63  ? 12.104  3.975   3.549   1.00 12.80 ? 61  ILE A CG2 1 
ATOM   343  C  CD1 . ILE A 1 63  ? 12.110  6.544   5.190   1.00 17.11 ? 61  ILE A CD1 1 
ATOM   344  N  N   . GLN A 1 64  ? 10.091  1.298   4.879   1.00 16.63 ? 62  GLN A N   1 
ATOM   345  C  CA  . GLN A 1 64  ? 10.302  -0.116  4.576   1.00 17.32 ? 62  GLN A CA  1 
ATOM   346  C  C   . GLN A 1 64  ? 9.034   -0.690  3.949   1.00 17.02 ? 62  GLN A C   1 
ATOM   347  O  O   . GLN A 1 64  ? 9.100   -1.553  3.067   1.00 16.15 ? 62  GLN A O   1 
ATOM   348  C  CB  . GLN A 1 64  ? 10.667  -0.893  5.845   1.00 19.18 ? 62  GLN A CB  1 
ATOM   349  C  CG  . GLN A 1 64  ? 11.981  -0.434  6.467   1.00 23.31 ? 62  GLN A CG  1 
ATOM   350  C  CD  . GLN A 1 64  ? 12.719  -1.547  7.202   1.00 25.93 ? 62  GLN A CD  1 
ATOM   351  O  OE1 . GLN A 1 64  ? 13.870  -1.381  7.597   1.00 27.43 ? 62  GLN A OE1 1 
ATOM   352  N  NE2 . GLN A 1 64  ? 12.059  -2.687  7.385   1.00 28.17 ? 62  GLN A NE2 1 
ATOM   353  N  N   . GLU A 1 65  ? 7.883   -0.190  4.393   1.00 16.64 ? 63  GLU A N   1 
ATOM   354  C  CA  . GLU A 1 65  ? 6.595   -0.637  3.868   1.00 17.17 ? 63  GLU A CA  1 
ATOM   355  C  C   . GLU A 1 65  ? 6.495   -0.287  2.386   1.00 17.12 ? 63  GLU A C   1 
ATOM   356  O  O   . GLU A 1 65  ? 6.039   -1.095  1.574   1.00 18.17 ? 63  GLU A O   1 
ATOM   357  C  CB  . GLU A 1 65  ? 5.450   0.025   4.636   1.00 17.54 ? 63  GLU A CB  1 
ATOM   358  C  CG  . GLU A 1 65  ? 4.050   -0.397  4.204   1.00 19.45 ? 63  GLU A CG  1 
ATOM   359  C  CD  . GLU A 1 65  ? 3.823   -1.909  4.285   1.00 21.71 ? 63  GLU A CD  1 
ATOM   360  O  OE1 . GLU A 1 65  ? 4.329   -2.554  5.240   1.00 20.48 ? 63  GLU A OE1 1 
ATOM   361  O  OE2 . GLU A 1 65  ? 3.120   -2.448  3.395   1.00 22.63 ? 63  GLU A OE2 1 
ATOM   362  N  N   . LEU A 1 66  ? 6.932   0.919   2.037   1.00 15.59 ? 64  LEU A N   1 
ATOM   363  C  CA  . LEU A 1 66  ? 6.902   1.377   0.655   1.00 14.74 ? 64  LEU A CA  1 
ATOM   364  C  C   . LEU A 1 66  ? 7.989   0.697   -0.165  1.00 14.60 ? 64  LEU A C   1 
ATOM   365  O  O   . LEU A 1 66  ? 7.795   0.393   -1.343  1.00 14.37 ? 64  LEU A O   1 
ATOM   366  C  CB  . LEU A 1 66  ? 7.125   2.890   0.587   1.00 13.28 ? 64  LEU A CB  1 
ATOM   367  C  CG  . LEU A 1 66  ? 6.045   3.813   1.142   1.00 14.27 ? 64  LEU A CG  1 
ATOM   368  C  CD1 . LEU A 1 66  ? 6.617   5.213   1.352   1.00 11.65 ? 64  LEU A CD1 1 
ATOM   369  C  CD2 . LEU A 1 66  ? 4.845   3.825   0.183   1.00 13.08 ? 64  LEU A CD2 1 
ATOM   370  N  N   . ASN A 1 67  ? 9.135   0.467   0.468   1.00 14.73 ? 65  ASN A N   1 
ATOM   371  C  CA  . ASN A 1 67  ? 10.275  -0.137  -0.202  1.00 14.96 ? 65  ASN A CA  1 
ATOM   372  C  C   . ASN A 1 67  ? 10.017  -1.603  -0.533  1.00 15.83 ? 65  ASN A C   1 
ATOM   373  O  O   . ASN A 1 67  ? 10.321  -2.075  -1.636  1.00 15.89 ? 65  ASN A O   1 
ATOM   374  C  CB  . ASN A 1 67  ? 11.507  0.028   0.682   1.00 15.28 ? 65  ASN A CB  1 
ATOM   375  C  CG  . ASN A 1 67  ? 12.802  -0.227  -0.060  1.00 14.84 ? 65  ASN A CG  1 
ATOM   376  O  OD1 . ASN A 1 67  ? 12.891  -0.035  -1.270  1.00 15.33 ? 65  ASN A OD1 1 
ATOM   377  N  ND2 . ASN A 1 67  ? 13.819  -0.640  0.671   1.00 15.35 ? 65  ASN A ND2 1 
ATOM   378  N  N   . PHE A 1 68  ? 9.441   -2.323  0.422   1.00 15.76 ? 66  PHE A N   1 
ATOM   379  C  CA  . PHE A 1 68  ? 9.121   -3.721  0.204   1.00 15.99 ? 66  PHE A CA  1 
ATOM   380  C  C   . PHE A 1 68  ? 8.129   -3.840  -0.960  1.00 16.20 ? 66  PHE A C   1 
ATOM   381  O  O   . PHE A 1 68  ? 8.382   -4.551  -1.937  1.00 17.24 ? 66  PHE A O   1 
ATOM   382  C  CB  . PHE A 1 68  ? 8.498   -4.329  1.464   1.00 15.01 ? 66  PHE A CB  1 
ATOM   383  C  CG  . PHE A 1 68  ? 8.269   -5.812  1.373   1.00 15.24 ? 66  PHE A CG  1 
ATOM   384  C  CD1 . PHE A 1 68  ? 9.267   -6.709  1.745   1.00 15.79 ? 66  PHE A CD1 1 
ATOM   385  C  CD2 . PHE A 1 68  ? 7.049   -6.318  0.932   1.00 15.18 ? 66  PHE A CD2 1 
ATOM   386  C  CE1 . PHE A 1 68  ? 9.047   -8.086  1.681   1.00 14.41 ? 66  PHE A CE1 1 
ATOM   387  C  CE2 . PHE A 1 68  ? 6.822   -7.692  0.865   1.00 13.27 ? 66  PHE A CE2 1 
ATOM   388  C  CZ  . PHE A 1 68  ? 7.816   -8.572  1.240   1.00 13.79 ? 66  PHE A CZ  1 
ATOM   389  N  N   . THR A 1 69  ? 7.005   -3.141  -0.854  1.00 15.48 ? 67  THR A N   1 
ATOM   390  C  CA  . THR A 1 69  ? 5.983   -3.201  -1.887  1.00 15.80 ? 67  THR A CA  1 
ATOM   391  C  C   . THR A 1 69  ? 6.559   -2.915  -3.268  1.00 16.37 ? 67  THR A C   1 
ATOM   392  O  O   . THR A 1 69  ? 6.301   -3.650  -4.222  1.00 15.90 ? 67  THR A O   1 
ATOM   393  C  CB  . THR A 1 69  ? 4.847   -2.211  -1.599  1.00 15.99 ? 67  THR A CB  1 
ATOM   394  O  OG1 . THR A 1 69  ? 4.334   -2.458  -0.285  1.00 17.61 ? 67  THR A OG1 1 
ATOM   395  C  CG2 . THR A 1 69  ? 3.717   -2.377  -2.618  1.00 13.12 ? 67  THR A CG2 1 
ATOM   396  N  N   . LEU A 1 70  ? 7.338   -1.846  -3.374  1.00 16.85 ? 68  LEU A N   1 
ATOM   397  C  CA  . LEU A 1 70  ? 7.951   -1.490  -4.644  1.00 18.19 ? 68  LEU A CA  1 
ATOM   398  C  C   . LEU A 1 70  ? 8.815   -2.628  -5.204  1.00 18.74 ? 68  LEU A C   1 
ATOM   399  O  O   . LEU A 1 70  ? 8.682   -2.987  -6.373  1.00 18.09 ? 68  LEU A O   1 
ATOM   400  C  CB  . LEU A 1 70  ? 8.799   -0.221  -4.484  1.00 17.19 ? 68  LEU A CB  1 
ATOM   401  C  CG  . LEU A 1 70  ? 9.563   0.261   -5.724  1.00 16.78 ? 68  LEU A CG  1 
ATOM   402  C  CD1 . LEU A 1 70  ? 9.733   1.765   -5.646  1.00 16.87 ? 68  LEU A CD1 1 
ATOM   403  C  CD2 . LEU A 1 70  ? 10.911  -0.429  -5.822  1.00 14.50 ? 68  LEU A CD2 1 
ATOM   404  N  N   . ASN A 1 71  ? 9.691   -3.195  -4.372  1.00 19.87 ? 69  ASN A N   1 
ATOM   405  C  CA  . ASN A 1 71  ? 10.561  -4.273  -4.828  1.00 20.78 ? 69  ASN A CA  1 
ATOM   406  C  C   . ASN A 1 71  ? 9.775   -5.478  -5.321  1.00 21.39 ? 69  ASN A C   1 
ATOM   407  O  O   . ASN A 1 71  ? 10.109  -6.058  -6.359  1.00 20.83 ? 69  ASN A O   1 
ATOM   408  C  CB  . ASN A 1 71  ? 11.538  -4.699  -3.723  1.00 22.48 ? 69  ASN A CB  1 
ATOM   409  C  CG  . ASN A 1 71  ? 12.750  -3.780  -3.624  1.00 23.99 ? 69  ASN A CG  1 
ATOM   410  O  OD1 . ASN A 1 71  ? 13.358  -3.423  -4.637  1.00 26.24 ? 69  ASN A OD1 1 
ATOM   411  N  ND2 . ASN A 1 71  ? 13.115  -3.404  -2.405  1.00 23.98 ? 69  ASN A ND2 1 
ATOM   412  N  N   . ARG A 1 72  ? 8.730   -5.860  -4.593  1.00 21.52 ? 70  ARG A N   1 
ATOM   413  C  CA  . ARG A 1 72  ? 7.925   -6.998  -5.025  1.00 22.92 ? 70  ARG A CA  1 
ATOM   414  C  C   . ARG A 1 72  ? 7.188   -6.680  -6.329  1.00 23.05 ? 70  ARG A C   1 
ATOM   415  O  O   . ARG A 1 72  ? 7.227   -7.465  -7.276  1.00 23.60 ? 70  ARG A O   1 
ATOM   416  C  CB  . ARG A 1 72  ? 6.902   -7.398  -3.956  1.00 22.74 ? 70  ARG A CB  1 
ATOM   417  C  CG  . ARG A 1 72  ? 7.488   -7.781  -2.615  1.00 24.01 ? 70  ARG A CG  1 
ATOM   418  C  CD  . ARG A 1 72  ? 8.342   -9.026  -2.694  1.00 24.54 ? 70  ARG A CD  1 
ATOM   419  N  NE  . ARG A 1 72  ? 9.653   -8.773  -3.274  1.00 25.85 ? 70  ARG A NE  1 
ATOM   420  C  CZ  . ARG A 1 72  ? 10.612  -8.062  -2.684  1.00 27.94 ? 70  ARG A CZ  1 
ATOM   421  N  NH1 . ARG A 1 72  ? 10.411  -7.524  -1.483  1.00 27.42 ? 70  ARG A NH1 1 
ATOM   422  N  NH2 . ARG A 1 72  ? 11.780  -7.893  -3.295  1.00 28.25 ? 70  ARG A NH2 1 
ATOM   423  N  N   . ASN A 1 73  ? 6.523   -5.527  -6.380  1.00 23.09 ? 71  ASN A N   1 
ATOM   424  C  CA  . ASN A 1 73  ? 5.768   -5.143  -7.574  1.00 23.31 ? 71  ASN A CA  1 
ATOM   425  C  C   . ASN A 1 73  ? 6.592   -5.149  -8.847  1.00 23.48 ? 71  ASN A C   1 
ATOM   426  O  O   . ASN A 1 73  ? 6.057   -5.327  -9.931  1.00 23.67 ? 71  ASN A O   1 
ATOM   427  C  CB  . ASN A 1 73  ? 5.142   -3.761  -7.400  1.00 22.41 ? 71  ASN A CB  1 
ATOM   428  C  CG  . ASN A 1 73  ? 4.064   -3.739  -6.337  1.00 22.04 ? 71  ASN A CG  1 
ATOM   429  O  OD1 . ASN A 1 73  ? 3.428   -2.710  -6.112  1.00 22.28 ? 71  ASN A OD1 1 
ATOM   430  N  ND2 . ASN A 1 73  ? 3.857   -4.869  -5.675  1.00 19.74 ? 71  ASN A ND2 1 
ATOM   431  N  N   . ILE A 1 74  ? 7.897   -4.951  -8.717  1.00 23.84 ? 72  ILE A N   1 
ATOM   432  C  CA  . ILE A 1 74  ? 8.775   -4.931  -9.876  1.00 23.78 ? 72  ILE A CA  1 
ATOM   433  C  C   . ILE A 1 74  ? 9.142   -6.339  -10.295 1.00 24.70 ? 72  ILE A C   1 
ATOM   434  O  O   . ILE A 1 74  ? 9.474   -6.582  -11.453 1.00 25.32 ? 72  ILE A O   1 
ATOM   435  C  CB  . ILE A 1 74  ? 10.057  -4.132  -9.571  1.00 23.58 ? 72  ILE A CB  1 
ATOM   436  C  CG1 . ILE A 1 74  ? 9.743   -2.634  -9.619  1.00 21.83 ? 72  ILE A CG1 1 
ATOM   437  C  CG2 . ILE A 1 74  ? 11.162  -4.523  -10.531 1.00 22.61 ? 72  ILE A CG2 1 
ATOM   438  C  CD1 . ILE A 1 74  ? 10.894  -1.767  -9.224  1.00 23.08 ? 72  ILE A CD1 1 
ATOM   439  N  N   . GLU A 1 75  ? 9.077   -7.263  -9.343  1.00 25.93 ? 73  GLU A N   1 
ATOM   440  C  CA  . GLU A 1 75  ? 9.390   -8.665  -9.591  1.00 27.09 ? 73  GLU A CA  1 
ATOM   441  C  C   . GLU A 1 75  ? 8.180   -9.332  -10.225 1.00 27.61 ? 73  GLU A C   1 
ATOM   442  O  O   . GLU A 1 75  ? 8.320   -10.151 -11.131 1.00 28.01 ? 73  GLU A O   1 
ATOM   443  C  CB  . GLU A 1 75  ? 9.746   -9.360  -8.277  1.00 27.20 ? 73  GLU A CB  1 
ATOM   444  C  CG  . GLU A 1 75  ? 11.031  -8.852  -7.659  1.00 30.08 ? 73  GLU A CG  1 
ATOM   445  C  CD  . GLU A 1 75  ? 11.159  -9.202  -6.184  1.00 31.84 ? 73  GLU A CD  1 
ATOM   446  O  OE1 . GLU A 1 75  ? 12.292  -9.134  -5.652  1.00 32.49 ? 73  GLU A OE1 1 
ATOM   447  O  OE2 . GLU A 1 75  ? 10.126  -9.536  -5.557  1.00 31.25 ? 73  GLU A OE2 1 
ATOM   448  N  N   . LEU A 1 76  ? 6.990   -8.983  -9.735  1.00 27.95 ? 74  LEU A N   1 
ATOM   449  C  CA  . LEU A 1 76  ? 5.745   -9.521  -10.272 1.00 27.92 ? 74  LEU A CA  1 
ATOM   450  C  C   . LEU A 1 76  ? 5.595   -9.069  -11.721 1.00 28.14 ? 74  LEU A C   1 
ATOM   451  O  O   . LEU A 1 76  ? 4.983   -9.758  -12.539 1.00 27.89 ? 74  LEU A O   1 
ATOM   452  C  CB  . LEU A 1 76  ? 4.555   -9.028  -9.443  1.00 28.16 ? 74  LEU A CB  1 
ATOM   453  C  CG  . LEU A 1 76  ? 3.996   -9.952  -8.353  1.00 28.84 ? 74  LEU A CG  1 
ATOM   454  C  CD1 . LEU A 1 76  ? 5.096   -10.822 -7.749  1.00 28.72 ? 74  LEU A CD1 1 
ATOM   455  C  CD2 . LEU A 1 76  ? 3.336   -9.095  -7.277  1.00 29.00 ? 74  LEU A CD2 1 
ATOM   456  N  N   . SER A 1 77  ? 6.167   -7.907  -12.024 1.00 28.60 ? 75  SER A N   1 
ATOM   457  C  CA  . SER A 1 77  ? 6.134   -7.326  -13.365 1.00 30.05 ? 75  SER A CA  1 
ATOM   458  C  C   . SER A 1 77  ? 4.735   -6.900  -13.812 1.00 31.10 ? 75  SER A C   1 
ATOM   459  O  O   . SER A 1 77  ? 3.744   -7.118  -13.108 1.00 31.03 ? 75  SER A O   1 
ATOM   460  C  CB  . SER A 1 77  ? 6.710   -8.308  -14.398 1.00 29.90 ? 75  SER A CB  1 
ATOM   461  O  OG  . SER A 1 77  ? 5.736   -9.243  -14.839 1.00 29.05 ? 75  SER A OG  1 
ATOM   462  N  N   . ALA A 1 78  ? 4.678   -6.301  -15.000 1.00 32.04 ? 76  ALA A N   1 
ATOM   463  C  CA  . ALA A 1 78  ? 3.434   -5.818  -15.586 1.00 32.66 ? 76  ALA A CA  1 
ATOM   464  C  C   . ALA A 1 78  ? 2.429   -6.927  -15.892 1.00 33.48 ? 76  ALA A C   1 
ATOM   465  O  O   . ALA A 1 78  ? 1.256   -6.651  -16.134 1.00 34.22 ? 76  ALA A O   1 
ATOM   466  C  CB  . ALA A 1 78  ? 3.738   -5.036  -16.854 1.00 32.39 ? 76  ALA A CB  1 
ATOM   467  N  N   . SER A 1 79  ? 2.874   -8.178  -15.896 1.00 34.03 ? 77  SER A N   1 
ATOM   468  C  CA  . SER A 1 79  ? 1.955   -9.273  -16.177 1.00 34.08 ? 77  SER A CA  1 
ATOM   469  C  C   . SER A 1 79  ? 0.913   -9.355  -15.068 1.00 33.83 ? 77  SER A C   1 
ATOM   470  O  O   . SER A 1 79  ? -0.261  -9.623  -15.324 1.00 34.19 ? 77  SER A O   1 
ATOM   471  C  CB  . SER A 1 79  ? 2.717   -10.591 -16.298 1.00 34.70 ? 77  SER A CB  1 
ATOM   472  O  OG  . SER A 1 79  ? 3.623   -10.754 -15.223 1.00 37.04 ? 77  SER A OG  1 
HETATM 473  N  N   . MSE A 1 80  ? 1.344   -9.117  -13.836 1.00 33.26 ? 78  MSE A N   1 
HETATM 474  C  CA  . MSE A 1 80  ? 0.428   -9.140  -12.706 1.00 33.68 ? 78  MSE A CA  1 
HETATM 475  C  C   . MSE A 1 80  ? -0.604  -8.030  -12.911 1.00 31.76 ? 78  MSE A C   1 
HETATM 476  O  O   . MSE A 1 80  ? -1.706  -8.082  -12.373 1.00 30.36 ? 78  MSE A O   1 
HETATM 477  C  CB  . MSE A 1 80  ? 1.194   -8.907  -11.398 1.00 36.69 ? 78  MSE A CB  1 
HETATM 478  C  CG  . MSE A 1 80  ? 0.323   -8.842  -10.146 1.00 40.17 ? 78  MSE A CG  1 
HETATM 479  SE SE  . MSE A 1 80  ? -0.493  -10.540 -9.672  1.00 47.78 ? 78  MSE A SE  1 
HETATM 480  C  CE  . MSE A 1 80  ? 0.658   -11.039 -8.207  1.00 45.23 ? 78  MSE A CE  1 
ATOM   481  N  N   . GLY A 1 81  ? -0.226  -7.029  -13.701 1.00 30.46 ? 79  GLY A N   1 
ATOM   482  C  CA  . GLY A 1 81  ? -1.103  -5.908  -13.973 1.00 29.15 ? 79  GLY A CA  1 
ATOM   483  C  C   . GLY A 1 81  ? -2.278  -6.310  -14.828 1.00 28.76 ? 79  GLY A C   1 
ATOM   484  O  O   . GLY A 1 81  ? -3.400  -5.858  -14.612 1.00 28.16 ? 79  GLY A O   1 
ATOM   485  N  N   . ALA A 1 82  ? -2.015  -7.159  -15.815 1.00 28.75 ? 80  ALA A N   1 
ATOM   486  C  CA  . ALA A 1 82  ? -3.060  -7.644  -16.702 1.00 28.60 ? 80  ALA A CA  1 
ATOM   487  C  C   . ALA A 1 82  ? -3.999  -8.550  -15.904 1.00 28.57 ? 80  ALA A C   1 
ATOM   488  O  O   . ALA A 1 82  ? -5.198  -8.629  -16.185 1.00 28.78 ? 80  ALA A O   1 
ATOM   489  C  CB  . ALA A 1 82  ? -2.441  -8.422  -17.860 1.00 27.82 ? 80  ALA A CB  1 
HETATM 490  N  N   . MSE A 1 83  ? -3.448  -9.235  -14.909 1.00 28.05 ? 81  MSE A N   1 
HETATM 491  C  CA  . MSE A 1 83  ? -4.248  -10.127 -14.095 1.00 28.85 ? 81  MSE A CA  1 
HETATM 492  C  C   . MSE A 1 83  ? -5.174  -9.307  -13.198 1.00 26.96 ? 81  MSE A C   1 
HETATM 493  O  O   . MSE A 1 83  ? -6.296  -9.713  -12.920 1.00 27.57 ? 81  MSE A O   1 
HETATM 494  C  CB  . MSE A 1 83  ? -3.346  -11.040 -13.259 1.00 33.11 ? 81  MSE A CB  1 
HETATM 495  C  CG  . MSE A 1 83  ? -4.103  -12.110 -12.492 1.00 39.61 ? 81  MSE A CG  1 
HETATM 496  SE SE  . MSE A 1 83  ? -5.094  -13.344 -13.639 1.00 50.52 ? 81  MSE A SE  1 
HETATM 497  C  CE  . MSE A 1 83  ? -4.915  -14.961 -12.575 1.00 44.93 ? 81  MSE A CE  1 
ATOM   498  N  N   . TYR A 1 84  ? -4.710  -8.150  -12.747 1.00 24.20 ? 82  TYR A N   1 
ATOM   499  C  CA  . TYR A 1 84  ? -5.543  -7.302  -11.906 1.00 22.44 ? 82  TYR A CA  1 
ATOM   500  C  C   . TYR A 1 84  ? -6.720  -6.762  -12.714 1.00 20.70 ? 82  TYR A C   1 
ATOM   501  O  O   . TYR A 1 84  ? -7.823  -6.638  -12.193 1.00 19.47 ? 82  TYR A O   1 
ATOM   502  C  CB  . TYR A 1 84  ? -4.723  -6.144  -11.327 1.00 22.46 ? 82  TYR A CB  1 
ATOM   503  C  CG  . TYR A 1 84  ? -3.931  -6.514  -10.093 1.00 23.28 ? 82  TYR A CG  1 
ATOM   504  C  CD1 . TYR A 1 84  ? -2.691  -5.927  -9.834  1.00 23.83 ? 82  TYR A CD1 1 
ATOM   505  C  CD2 . TYR A 1 84  ? -4.432  -7.433  -9.168  1.00 23.58 ? 82  TYR A CD2 1 
ATOM   506  C  CE1 . TYR A 1 84  ? -1.966  -6.244  -8.682  1.00 23.68 ? 82  TYR A CE1 1 
ATOM   507  C  CE2 . TYR A 1 84  ? -3.719  -7.759  -8.013  1.00 23.88 ? 82  TYR A CE2 1 
ATOM   508  C  CZ  . TYR A 1 84  ? -2.486  -7.158  -7.777  1.00 24.55 ? 82  TYR A CZ  1 
ATOM   509  O  OH  . TYR A 1 84  ? -1.786  -7.454  -6.629  1.00 24.05 ? 82  TYR A OH  1 
ATOM   510  N  N   . ASP A 1 85  ? -6.483  -6.454  -13.987 1.00 20.37 ? 83  ASP A N   1 
ATOM   511  C  CA  . ASP A 1 85  ? -7.539  -5.938  -14.853 1.00 20.28 ? 83  ASP A CA  1 
ATOM   512  C  C   . ASP A 1 85  ? -8.580  -7.008  -15.085 1.00 19.20 ? 83  ASP A C   1 
ATOM   513  O  O   . ASP A 1 85  ? -9.770  -6.755  -14.974 1.00 19.34 ? 83  ASP A O   1 
ATOM   514  C  CB  . ASP A 1 85  ? -6.986  -5.500  -16.211 1.00 22.18 ? 83  ASP A CB  1 
ATOM   515  C  CG  . ASP A 1 85  ? -6.138  -4.249  -16.124 1.00 25.21 ? 83  ASP A CG  1 
ATOM   516  O  OD1 . ASP A 1 85  ? -6.553  -3.286  -15.428 1.00 27.18 ? 83  ASP A OD1 1 
ATOM   517  O  OD2 . ASP A 1 85  ? -5.061  -4.224  -16.765 1.00 26.01 ? 83  ASP A OD2 1 
ATOM   518  N  N   . TYR A 1 86  ? -8.124  -8.208  -15.411 1.00 18.49 ? 84  TYR A N   1 
ATOM   519  C  CA  . TYR A 1 86  ? -9.035  -9.308  -15.651 1.00 18.67 ? 84  TYR A CA  1 
ATOM   520  C  C   . TYR A 1 86  ? -9.904  -9.561  -14.420 1.00 18.71 ? 84  TYR A C   1 
ATOM   521  O  O   . TYR A 1 86  ? -11.132 -9.646  -14.512 1.00 17.98 ? 84  TYR A O   1 
ATOM   522  C  CB  . TYR A 1 86  ? -8.262  -10.582 -15.993 1.00 18.82 ? 84  TYR A CB  1 
ATOM   523  C  CG  . TYR A 1 86  ? -9.158  -11.799 -16.062 1.00 18.97 ? 84  TYR A CG  1 
ATOM   524  C  CD1 . TYR A 1 86  ? -9.929  -12.057 -17.197 1.00 18.55 ? 84  TYR A CD1 1 
ATOM   525  C  CD2 . TYR A 1 86  ? -9.301  -12.644 -14.960 1.00 16.92 ? 84  TYR A CD2 1 
ATOM   526  C  CE1 . TYR A 1 86  ? -10.820 -13.120 -17.227 1.00 18.82 ? 84  TYR A CE1 1 
ATOM   527  C  CE2 . TYR A 1 86  ? -10.185 -13.696 -14.976 1.00 17.27 ? 84  TYR A CE2 1 
ATOM   528  C  CZ  . TYR A 1 86  ? -10.946 -13.933 -16.109 1.00 18.97 ? 84  TYR A CZ  1 
ATOM   529  O  OH  . TYR A 1 86  ? -11.854 -14.966 -16.117 1.00 19.38 ? 84  TYR A OH  1 
HETATM 530  N  N   . MSE A 1 87  ? -9.263  -9.695  -13.268 1.00 19.61 ? 85  MSE A N   1 
HETATM 531  C  CA  . MSE A 1 87  ? -10.002 -9.950  -12.037 1.00 21.22 ? 85  MSE A CA  1 
HETATM 532  C  C   . MSE A 1 87  ? -11.044 -8.861  -11.824 1.00 19.90 ? 85  MSE A C   1 
HETATM 533  O  O   . MSE A 1 87  ? -12.191 -9.147  -11.477 1.00 18.91 ? 85  MSE A O   1 
HETATM 534  C  CB  . MSE A 1 87  ? -9.042  -10.022 -10.850 1.00 25.01 ? 85  MSE A CB  1 
HETATM 535  C  CG  . MSE A 1 87  ? -8.092  -11.215 -10.905 1.00 29.63 ? 85  MSE A CG  1 
HETATM 536  SE SE  . MSE A 1 87  ? -6.854  -11.215 -9.414  1.00 39.03 ? 85  MSE A SE  1 
HETATM 537  C  CE  . MSE A 1 87  ? -5.500  -10.113 -10.178 1.00 35.10 ? 85  MSE A CE  1 
ATOM   538  N  N   . TYR A 1 88  ? -10.649 -7.611  -12.047 1.00 18.30 ? 86  TYR A N   1 
ATOM   539  C  CA  . TYR A 1 88  ? -11.579 -6.505  -11.897 1.00 16.48 ? 86  TYR A CA  1 
ATOM   540  C  C   . TYR A 1 88  ? -12.793 -6.728  -12.799 1.00 15.85 ? 86  TYR A C   1 
ATOM   541  O  O   . TYR A 1 88  ? -13.930 -6.570  -12.358 1.00 16.05 ? 86  TYR A O   1 
ATOM   542  C  CB  . TYR A 1 88  ? -10.912 -5.188  -12.271 1.00 15.87 ? 86  TYR A CB  1 
ATOM   543  C  CG  . TYR A 1 88  ? -11.822 -3.992  -12.142 1.00 16.24 ? 86  TYR A CG  1 
ATOM   544  C  CD1 . TYR A 1 88  ? -12.070 -3.405  -10.898 1.00 16.68 ? 86  TYR A CD1 1 
ATOM   545  C  CD2 . TYR A 1 88  ? -12.442 -3.441  -13.268 1.00 17.07 ? 86  TYR A CD2 1 
ATOM   546  C  CE1 . TYR A 1 88  ? -12.920 -2.286  -10.780 1.00 16.47 ? 86  TYR A CE1 1 
ATOM   547  C  CE2 . TYR A 1 88  ? -13.294 -2.330  -13.162 1.00 16.94 ? 86  TYR A CE2 1 
ATOM   548  C  CZ  . TYR A 1 88  ? -13.522 -1.761  -11.916 1.00 16.33 ? 86  TYR A CZ  1 
ATOM   549  O  OH  . TYR A 1 88  ? -14.335 -0.663  -11.820 1.00 16.42 ? 86  TYR A OH  1 
ATOM   550  N  N   . ARG A 1 89  ? -12.547 -7.101  -14.056 1.00 14.72 ? 87  ARG A N   1 
ATOM   551  C  CA  . ARG A 1 89  ? -13.627 -7.331  -15.017 1.00 14.70 ? 87  ARG A CA  1 
ATOM   552  C  C   . ARG A 1 89  ? -14.484 -8.535  -14.664 1.00 15.32 ? 87  ARG A C   1 
ATOM   553  O  O   . ARG A 1 89  ? -15.690 -8.533  -14.908 1.00 15.16 ? 87  ARG A O   1 
ATOM   554  C  CB  . ARG A 1 89  ? -13.072 -7.521  -16.427 1.00 13.58 ? 87  ARG A CB  1 
ATOM   555  C  CG  . ARG A 1 89  ? -12.407 -6.304  -17.024 1.00 11.41 ? 87  ARG A CG  1 
ATOM   556  C  CD  . ARG A 1 89  ? -12.199 -6.520  -18.506 1.00 10.48 ? 87  ARG A CD  1 
ATOM   557  N  NE  . ARG A 1 89  ? -11.330 -7.664  -18.748 1.00 10.92 ? 87  ARG A NE  1 
ATOM   558  C  CZ  . ARG A 1 89  ? -10.002 -7.590  -18.788 1.00 10.65 ? 87  ARG A CZ  1 
ATOM   559  N  NH1 . ARG A 1 89  ? -9.405  -6.425  -18.609 1.00 9.79  ? 87  ARG A NH1 1 
ATOM   560  N  NH2 . ARG A 1 89  ? -9.274  -8.676  -18.992 1.00 10.34 ? 87  ARG A NH2 1 
ATOM   561  N  N   . ARG A 1 90  ? -13.866 -9.574  -14.108 1.00 16.46 ? 88  ARG A N   1 
ATOM   562  C  CA  . ARG A 1 90  ? -14.628 -10.762 -13.724 1.00 17.74 ? 88  ARG A CA  1 
ATOM   563  C  C   . ARG A 1 90  ? -15.582 -10.425 -12.582 1.00 17.01 ? 88  ARG A C   1 
ATOM   564  O  O   . ARG A 1 90  ? -16.710 -10.914 -12.554 1.00 17.18 ? 88  ARG A O   1 
ATOM   565  C  CB  . ARG A 1 90  ? -13.702 -11.913 -13.308 1.00 18.08 ? 88  ARG A CB  1 
ATOM   566  C  CG  . ARG A 1 90  ? -13.535 -12.984 -14.378 1.00 20.88 ? 88  ARG A CG  1 
ATOM   567  C  CD  . ARG A 1 90  ? -14.627 -14.066 -14.345 1.00 22.39 ? 88  ARG A CD  1 
ATOM   568  N  NE  . ARG A 1 90  ? -14.518 -14.976 -15.494 1.00 24.87 ? 88  ARG A NE  1 
ATOM   569  C  CZ  . ARG A 1 90  ? -15.149 -16.146 -15.612 1.00 25.72 ? 88  ARG A CZ  1 
ATOM   570  N  NH1 . ARG A 1 90  ? -15.953 -16.585 -14.652 1.00 26.61 ? 88  ARG A NH1 1 
ATOM   571  N  NH2 . ARG A 1 90  ? -14.978 -16.888 -16.696 1.00 26.16 ? 88  ARG A NH2 1 
ATOM   572  N  N   . LEU A 1 91  ? -15.134 -9.582  -11.656 1.00 15.98 ? 89  LEU A N   1 
ATOM   573  C  CA  . LEU A 1 91  ? -15.972 -9.191  -10.530 1.00 15.69 ? 89  LEU A CA  1 
ATOM   574  C  C   . LEU A 1 91  ? -17.167 -8.384  -11.044 1.00 15.99 ? 89  LEU A C   1 
ATOM   575  O  O   . LEU A 1 91  ? -18.312 -8.639  -10.666 1.00 15.56 ? 89  LEU A O   1 
ATOM   576  C  CB  . LEU A 1 91  ? -15.158 -8.371  -9.515  1.00 14.61 ? 89  LEU A CB  1 
ATOM   577  C  CG  . LEU A 1 91  ? -14.013 -9.099  -8.792  1.00 14.10 ? 89  LEU A CG  1 
ATOM   578  C  CD1 . LEU A 1 91  ? -13.321 -8.164  -7.821  1.00 12.68 ? 89  LEU A CD1 1 
ATOM   579  C  CD2 . LEU A 1 91  ? -14.559 -10.300 -8.052  1.00 13.50 ? 89  LEU A CD2 1 
ATOM   580  N  N   . VAL A 1 92  ? -16.898 -7.409  -11.907 1.00 16.69 ? 90  VAL A N   1 
ATOM   581  C  CA  . VAL A 1 92  ? -17.962 -6.587  -12.486 1.00 17.06 ? 90  VAL A CA  1 
ATOM   582  C  C   . VAL A 1 92  ? -18.963 -7.512  -13.177 1.00 17.98 ? 90  VAL A C   1 
ATOM   583  O  O   . VAL A 1 92  ? -20.176 -7.369  -13.028 1.00 18.06 ? 90  VAL A O   1 
ATOM   584  C  CB  . VAL A 1 92  ? -17.400 -5.609  -13.538 1.00 16.59 ? 90  VAL A CB  1 
ATOM   585  C  CG1 . VAL A 1 92  ? -18.542 -4.904  -14.271 1.00 15.70 ? 90  VAL A CG1 1 
ATOM   586  C  CG2 . VAL A 1 92  ? -16.491 -4.599  -12.867 1.00 16.11 ? 90  VAL A CG2 1 
ATOM   587  N  N   . GLN A 1 93  ? -18.437 -8.470  -13.928 1.00 18.57 ? 91  GLN A N   1 
ATOM   588  C  CA  . GLN A 1 93  ? -19.262 -9.423  -14.645 1.00 20.04 ? 91  GLN A CA  1 
ATOM   589  C  C   . GLN A 1 93  ? -20.037 -10.304 -13.670 1.00 21.02 ? 91  GLN A C   1 
ATOM   590  O  O   . GLN A 1 93  ? -21.230 -10.543 -13.859 1.00 21.78 ? 91  GLN A O   1 
ATOM   591  C  CB  . GLN A 1 93  ? -18.366 -10.263 -15.553 1.00 21.04 ? 91  GLN A CB  1 
ATOM   592  C  CG  . GLN A 1 93  ? -19.060 -11.305 -16.396 1.00 21.01 ? 91  GLN A CG  1 
ATOM   593  C  CD  . GLN A 1 93  ? -18.088 -11.997 -17.360 1.00 22.28 ? 91  GLN A CD  1 
ATOM   594  O  OE1 . GLN A 1 93  ? -16.979 -12.406 -16.970 1.00 21.58 ? 91  GLN A OE1 1 
ATOM   595  N  NE2 . GLN A 1 93  ? -18.505 -12.140 -18.620 1.00 20.48 ? 91  GLN A NE2 1 
ATOM   596  N  N   . ALA A 1 94  ? -19.370 -10.774 -12.617 1.00 20.95 ? 92  ALA A N   1 
ATOM   597  C  CA  . ALA A 1 94  ? -20.028 -11.628 -11.629 1.00 20.57 ? 92  ALA A CA  1 
ATOM   598  C  C   . ALA A 1 94  ? -21.126 -10.875 -10.884 1.00 20.29 ? 92  ALA A C   1 
ATOM   599  O  O   . ALA A 1 94  ? -22.091 -11.474 -10.422 1.00 20.12 ? 92  ALA A O   1 
ATOM   600  C  CB  . ALA A 1 94  ? -19.012 -12.175 -10.633 1.00 20.02 ? 92  ALA A CB  1 
ATOM   601  N  N   . ASN A 1 95  ? -20.975 -9.561  -10.759 1.00 19.93 ? 93  ASN A N   1 
ATOM   602  C  CA  . ASN A 1 95  ? -21.970 -8.757  -10.066 1.00 20.24 ? 93  ASN A CA  1 
ATOM   603  C  C   . ASN A 1 95  ? -23.232 -8.648  -10.909 1.00 21.08 ? 93  ASN A C   1 
ATOM   604  O  O   . ASN A 1 95  ? -24.344 -8.678  -10.386 1.00 21.29 ? 93  ASN A O   1 
ATOM   605  C  CB  . ASN A 1 95  ? -21.432 -7.364  -9.802  1.00 19.41 ? 93  ASN A CB  1 
ATOM   606  C  CG  . ASN A 1 95  ? -22.395 -6.518  -9.017  1.00 20.07 ? 93  ASN A CG  1 
ATOM   607  O  OD1 . ASN A 1 95  ? -23.539 -6.918  -8.765  1.00 18.95 ? 93  ASN A OD1 1 
ATOM   608  N  ND2 . ASN A 1 95  ? -21.946 -5.330  -8.623  1.00 20.34 ? 93  ASN A ND2 1 
ATOM   609  N  N   . ILE A 1 96  ? -23.040 -8.504  -12.216 1.00 21.20 ? 94  ILE A N   1 
ATOM   610  C  CA  . ILE A 1 96  ? -24.135 -8.399  -13.165 1.00 21.48 ? 94  ILE A CA  1 
ATOM   611  C  C   . ILE A 1 96  ? -24.853 -9.741  -13.321 1.00 21.45 ? 94  ILE A C   1 
ATOM   612  O  O   . ILE A 1 96  ? -26.081 -9.794  -13.395 1.00 22.05 ? 94  ILE A O   1 
ATOM   613  C  CB  . ILE A 1 96  ? -23.609 -7.940  -14.560 1.00 22.08 ? 94  ILE A CB  1 
ATOM   614  C  CG1 . ILE A 1 96  ? -23.747 -6.425  -14.718 1.00 22.87 ? 94  ILE A CG1 1 
ATOM   615  C  CG2 . ILE A 1 96  ? -24.358 -8.639  -15.667 1.00 22.65 ? 94  ILE A CG2 1 
ATOM   616  C  CD1 . ILE A 1 96  ? -22.772 -5.621  -13.895 1.00 23.51 ? 94  ILE A CD1 1 
ATOM   617  N  N   . LYS A 1 97  ? -24.087 -10.825 -13.360 1.00 21.27 ? 95  LYS A N   1 
ATOM   618  C  CA  . LYS A 1 97  ? -24.661 -12.158 -13.543 1.00 21.79 ? 95  LYS A CA  1 
ATOM   619  C  C   . LYS A 1 97  ? -25.107 -12.879 -12.278 1.00 21.00 ? 95  LYS A C   1 
ATOM   620  O  O   . LYS A 1 97  ? -25.718 -13.941 -12.362 1.00 20.64 ? 95  LYS A O   1 
ATOM   621  C  CB  . LYS A 1 97  ? -23.667 -13.047 -14.286 1.00 22.50 ? 95  LYS A CB  1 
ATOM   622  C  CG  . LYS A 1 97  ? -23.249 -12.490 -15.622 1.00 25.75 ? 95  LYS A CG  1 
ATOM   623  C  CD  . LYS A 1 97  ? -24.421 -12.435 -16.589 1.00 26.90 ? 95  LYS A CD  1 
ATOM   624  C  CE  . LYS A 1 97  ? -24.826 -13.827 -16.998 1.00 28.60 ? 95  LYS A CE  1 
ATOM   625  N  NZ  . LYS A 1 97  ? -25.868 -13.802 -18.054 1.00 32.01 ? 95  LYS A NZ  1 
ATOM   626  N  N   . ASN A 1 98  ? -24.818 -12.304 -11.114 1.00 20.54 ? 96  ASN A N   1 
ATOM   627  C  CA  . ASN A 1 98  ? -25.179 -12.943 -9.853  1.00 20.28 ? 96  ASN A CA  1 
ATOM   628  C  C   . ASN A 1 98  ? -24.614 -14.356 -9.897  1.00 19.88 ? 96  ASN A C   1 
ATOM   629  O  O   . ASN A 1 98  ? -25.267 -15.317 -9.493  1.00 19.35 ? 96  ASN A O   1 
ATOM   630  C  CB  . ASN A 1 98  ? -26.698 -12.987 -9.696  1.00 19.84 ? 96  ASN A CB  1 
ATOM   631  C  CG  . ASN A 1 98  ? -27.291 -11.620 -9.458  1.00 20.52 ? 96  ASN A CG  1 
ATOM   632  O  OD1 . ASN A 1 98  ? -27.045 -10.999 -8.425  1.00 21.91 ? 96  ASN A OD1 1 
ATOM   633  N  ND2 . ASN A 1 98  ? -28.070 -11.134 -10.416 1.00 21.50 ? 96  ASN A ND2 1 
ATOM   634  N  N   . ASP A 1 99  ? -23.385 -14.457 -10.394 1.00 19.49 ? 97  ASP A N   1 
ATOM   635  C  CA  . ASP A 1 99  ? -22.692 -15.728 -10.552 1.00 20.31 ? 97  ASP A CA  1 
ATOM   636  C  C   . ASP A 1 99  ? -21.648 -15.959 -9.454  1.00 19.51 ? 97  ASP A C   1 
ATOM   637  O  O   . ASP A 1 99  ? -20.663 -15.230 -9.368  1.00 19.88 ? 97  ASP A O   1 
ATOM   638  C  CB  . ASP A 1 99  ? -22.032 -15.742 -11.940 1.00 21.26 ? 97  ASP A CB  1 
ATOM   639  C  CG  . ASP A 1 99  ? -21.457 -17.097 -12.323 1.00 23.84 ? 97  ASP A CG  1 
ATOM   640  O  OD1 . ASP A 1 99  ? -21.138 -17.261 -13.516 1.00 26.27 ? 97  ASP A OD1 1 
ATOM   641  O  OD2 . ASP A 1 99  ? -21.311 -17.993 -11.461 1.00 24.48 ? 97  ASP A OD2 1 
ATOM   642  N  N   . THR A 1 100 ? -21.862 -16.974 -8.619  1.00 19.17 ? 98  THR A N   1 
ATOM   643  C  CA  . THR A 1 100 ? -20.916 -17.279 -7.545  1.00 19.03 ? 98  THR A CA  1 
ATOM   644  C  C   . THR A 1 100 ? -19.760 -18.132 -8.038  1.00 18.10 ? 98  THR A C   1 
ATOM   645  O  O   . THR A 1 100 ? -18.765 -18.305 -7.342  1.00 18.88 ? 98  THR A O   1 
ATOM   646  C  CB  . THR A 1 100 ? -21.588 -18.008 -6.353  1.00 19.32 ? 98  THR A CB  1 
ATOM   647  O  OG1 . THR A 1 100 ? -22.158 -19.244 -6.797  1.00 19.19 ? 98  THR A OG1 1 
ATOM   648  C  CG2 . THR A 1 100 ? -22.666 -17.139 -5.739  1.00 19.63 ? 98  THR A CG2 1 
ATOM   649  N  N   . GLY A 1 101 ? -19.887 -18.672 -9.238  1.00 17.58 ? 99  GLY A N   1 
ATOM   650  C  CA  . GLY A 1 101 ? -18.810 -19.472 -9.775  1.00 17.74 ? 99  GLY A CA  1 
ATOM   651  C  C   . GLY A 1 101 ? -17.662 -18.550 -10.130 1.00 18.91 ? 99  GLY A C   1 
ATOM   652  O  O   . GLY A 1 101 ? -16.498 -18.875 -9.894  1.00 18.82 ? 99  GLY A O   1 
HETATM 653  N  N   . MSE A 1 102 ? -17.996 -17.391 -10.693 1.00 19.80 ? 100 MSE A N   1 
HETATM 654  C  CA  . MSE A 1 102 ? -16.999 -16.404 -11.089 1.00 21.17 ? 100 MSE A CA  1 
HETATM 655  C  C   . MSE A 1 102 ? -16.311 -15.830 -9.856  1.00 20.74 ? 100 MSE A C   1 
HETATM 656  O  O   . MSE A 1 102 ? -15.091 -15.597 -9.853  1.00 20.26 ? 100 MSE A O   1 
HETATM 657  C  CB  . MSE A 1 102 ? -17.656 -15.274 -11.881 1.00 24.80 ? 100 MSE A CB  1 
HETATM 658  C  CG  . MSE A 1 102 ? -18.506 -15.742 -13.041 1.00 29.48 ? 100 MSE A CG  1 
HETATM 659  SE SE  . MSE A 1 102 ? -18.987 -14.314 -14.258 1.00 38.07 ? 100 MSE A SE  1 
HETATM 660  C  CE  . MSE A 1 102 ? -18.049 -14.920 -15.829 1.00 35.81 ? 100 MSE A CE  1 
ATOM   661  N  N   . LEU A 1 103 ? -17.099 -15.592 -8.809  1.00 19.04 ? 101 LEU A N   1 
ATOM   662  C  CA  . LEU A 1 103 ? -16.540 -15.072 -7.581  1.00 18.29 ? 101 LEU A CA  1 
ATOM   663  C  C   . LEU A 1 103 ? -15.514 -16.074 -7.067  1.00 18.94 ? 101 LEU A C   1 
ATOM   664  O  O   . LEU A 1 103 ? -14.417 -15.688 -6.662  1.00 19.93 ? 101 LEU A O   1 
ATOM   665  C  CB  . LEU A 1 103 ? -17.629 -14.857 -6.524  1.00 16.75 ? 101 LEU A CB  1 
ATOM   666  C  CG  . LEU A 1 103 ? -18.608 -13.690 -6.703  1.00 16.89 ? 101 LEU A CG  1 
ATOM   667  C  CD1 . LEU A 1 103 ? -19.434 -13.509 -5.436  1.00 15.30 ? 101 LEU A CD1 1 
ATOM   668  C  CD2 . LEU A 1 103 ? -17.840 -12.419 -6.996  1.00 15.24 ? 101 LEU A CD2 1 
ATOM   669  N  N   . ALA A 1 104 ? -15.869 -17.358 -7.093  1.00 18.71 ? 102 ALA A N   1 
ATOM   670  C  CA  . ALA A 1 104 ? -14.980 -18.411 -6.609  1.00 19.03 ? 102 ALA A CA  1 
ATOM   671  C  C   . ALA A 1 104 ? -13.692 -18.418 -7.402  1.00 19.06 ? 102 ALA A C   1 
ATOM   672  O  O   . ALA A 1 104 ? -12.614 -18.643 -6.858  1.00 18.90 ? 102 ALA A O   1 
ATOM   673  C  CB  . ALA A 1 104 ? -15.658 -19.771 -6.708  1.00 18.95 ? 102 ALA A CB  1 
ATOM   674  N  N   . GLU A 1 105 ? -13.814 -18.170 -8.697  1.00 19.89 ? 103 GLU A N   1 
ATOM   675  C  CA  . GLU A 1 105 ? -12.654 -18.130 -9.572  1.00 20.34 ? 103 GLU A CA  1 
ATOM   676  C  C   . GLU A 1 105 ? -11.694 -17.065 -9.057  1.00 19.80 ? 103 GLU A C   1 
ATOM   677  O  O   . GLU A 1 105 ? -10.556 -17.366 -8.702  1.00 20.00 ? 103 GLU A O   1 
ATOM   678  C  CB  . GLU A 1 105 ? -13.086 -17.782 -10.991 1.00 21.28 ? 103 GLU A CB  1 
ATOM   679  C  CG  . GLU A 1 105 ? -11.955 -17.741 -11.994 1.00 22.76 ? 103 GLU A CG  1 
ATOM   680  C  CD  . GLU A 1 105 ? -12.374 -17.059 -13.276 1.00 23.63 ? 103 GLU A CD  1 
ATOM   681  O  OE1 . GLU A 1 105 ? -13.598 -16.954 -13.506 1.00 24.06 ? 103 GLU A OE1 1 
ATOM   682  O  OE2 . GLU A 1 105 ? -11.489 -16.638 -14.050 1.00 23.97 ? 103 GLU A OE2 1 
ATOM   683  N  N   . VAL A 1 106 ? -12.169 -15.823 -9.011  1.00 19.31 ? 104 VAL A N   1 
ATOM   684  C  CA  . VAL A 1 106 ? -11.368 -14.697 -8.542  1.00 18.80 ? 104 VAL A CA  1 
ATOM   685  C  C   . VAL A 1 106 ? -10.800 -14.979 -7.157  1.00 18.69 ? 104 VAL A C   1 
ATOM   686  O  O   . VAL A 1 106 ? -9.636  -14.689 -6.876  1.00 18.64 ? 104 VAL A O   1 
ATOM   687  C  CB  . VAL A 1 106 ? -12.210 -13.419 -8.466  1.00 19.36 ? 104 VAL A CB  1 
ATOM   688  C  CG1 . VAL A 1 106 ? -11.365 -12.275 -7.947  1.00 18.42 ? 104 VAL A CG1 1 
ATOM   689  C  CG2 . VAL A 1 106 ? -12.791 -13.086 -9.850  1.00 19.94 ? 104 VAL A CG2 1 
ATOM   690  N  N   . GLU A 1 107 ? -11.632 -15.556 -6.300  1.00 18.20 ? 105 GLU A N   1 
ATOM   691  C  CA  . GLU A 1 107 ? -11.236 -15.891 -4.940  1.00 18.20 ? 105 GLU A CA  1 
ATOM   692  C  C   . GLU A 1 107 ? -10.021 -16.808 -4.944  1.00 17.59 ? 105 GLU A C   1 
ATOM   693  O  O   . GLU A 1 107 ? -9.150  -16.712 -4.079  1.00 17.23 ? 105 GLU A O   1 
ATOM   694  C  CB  . GLU A 1 107 ? -12.405 -16.556 -4.220  1.00 19.69 ? 105 GLU A CB  1 
ATOM   695  C  CG  . GLU A 1 107 ? -12.089 -17.040 -2.828  1.00 22.52 ? 105 GLU A CG  1 
ATOM   696  C  CD  . GLU A 1 107 ? -13.337 -17.416 -2.055  1.00 25.47 ? 105 GLU A CD  1 
ATOM   697  O  OE1 . GLU A 1 107 ? -13.204 -18.086 -1.011  1.00 26.85 ? 105 GLU A OE1 1 
ATOM   698  O  OE2 . GLU A 1 107 ? -14.454 -17.034 -2.477  1.00 27.28 ? 105 GLU A OE2 1 
ATOM   699  N  N   . GLY A 1 108 ? -9.961  -17.692 -5.932  1.00 17.08 ? 106 GLY A N   1 
ATOM   700  C  CA  . GLY A 1 108 ? -8.838  -18.602 -6.035  1.00 16.52 ? 106 GLY A CA  1 
ATOM   701  C  C   . GLY A 1 108 ? -7.563  -17.864 -6.376  1.00 16.42 ? 106 GLY A C   1 
ATOM   702  O  O   . GLY A 1 108 ? -6.514  -18.141 -5.797  1.00 16.37 ? 106 GLY A O   1 
ATOM   703  N  N   . TYR A 1 109 ? -7.644  -16.925 -7.315  1.00 16.25 ? 107 TYR A N   1 
ATOM   704  C  CA  . TYR A 1 109 ? -6.473  -16.150 -7.708  1.00 17.86 ? 107 TYR A CA  1 
ATOM   705  C  C   . TYR A 1 109 ? -5.954  -15.333 -6.525  1.00 17.88 ? 107 TYR A C   1 
ATOM   706  O  O   . TYR A 1 109 ? -4.770  -15.368 -6.211  1.00 18.72 ? 107 TYR A O   1 
ATOM   707  C  CB  . TYR A 1 109 ? -6.811  -15.173 -8.836  1.00 18.11 ? 107 TYR A CB  1 
ATOM   708  C  CG  . TYR A 1 109 ? -7.395  -15.786 -10.079 1.00 19.04 ? 107 TYR A CG  1 
ATOM   709  C  CD1 . TYR A 1 109 ? -8.300  -15.064 -10.855 1.00 20.12 ? 107 TYR A CD1 1 
ATOM   710  C  CD2 . TYR A 1 109 ? -7.023  -17.066 -10.512 1.00 19.59 ? 107 TYR A CD2 1 
ATOM   711  C  CE1 . TYR A 1 109 ? -8.828  -15.588 -12.029 1.00 20.27 ? 107 TYR A CE1 1 
ATOM   712  C  CE2 . TYR A 1 109 ? -7.545  -17.604 -11.698 1.00 19.02 ? 107 TYR A CE2 1 
ATOM   713  C  CZ  . TYR A 1 109 ? -8.451  -16.853 -12.445 1.00 20.03 ? 107 TYR A CZ  1 
ATOM   714  O  OH  . TYR A 1 109 ? -9.007  -17.347 -13.600 1.00 20.63 ? 107 TYR A OH  1 
ATOM   715  N  N   . VAL A 1 110 ? -6.848  -14.587 -5.883  1.00 18.16 ? 108 VAL A N   1 
ATOM   716  C  CA  . VAL A 1 110 ? -6.471  -13.745 -4.752  1.00 18.24 ? 108 VAL A CA  1 
ATOM   717  C  C   . VAL A 1 110 ? -5.852  -14.564 -3.622  1.00 18.52 ? 108 VAL A C   1 
ATOM   718  O  O   . VAL A 1 110 ? -4.933  -14.109 -2.945  1.00 18.17 ? 108 VAL A O   1 
ATOM   719  C  CB  . VAL A 1 110 ? -7.687  -12.967 -4.210  1.00 17.63 ? 108 VAL A CB  1 
ATOM   720  C  CG1 . VAL A 1 110 ? -7.230  -11.939 -3.190  1.00 16.38 ? 108 VAL A CG1 1 
ATOM   721  C  CG2 . VAL A 1 110 ? -8.421  -12.287 -5.362  1.00 17.31 ? 108 VAL A CG2 1 
ATOM   722  N  N   . THR A 1 111 ? -6.351  -15.775 -3.416  1.00 18.85 ? 109 THR A N   1 
ATOM   723  C  CA  . THR A 1 111 ? -5.792  -16.623 -2.370  1.00 19.94 ? 109 THR A CA  1 
ATOM   724  C  C   . THR A 1 111 ? -4.351  -17.013 -2.724  1.00 20.10 ? 109 THR A C   1 
ATOM   725  O  O   . THR A 1 111 ? -3.482  -17.045 -1.859  1.00 20.52 ? 109 THR A O   1 
ATOM   726  C  CB  . THR A 1 111 ? -6.649  -17.886 -2.167  1.00 19.70 ? 109 THR A CB  1 
ATOM   727  O  OG1 . THR A 1 111 ? -7.941  -17.495 -1.701  1.00 19.23 ? 109 THR A OG1 1 
ATOM   728  C  CG2 . THR A 1 111 ? -6.024  -18.806 -1.147  1.00 19.47 ? 109 THR A CG2 1 
ATOM   729  N  N   . ASP A 1 112 ? -4.098  -17.296 -3.996  1.00 20.50 ? 110 ASP A N   1 
ATOM   730  C  CA  . ASP A 1 112 ? -2.761  -17.652 -4.435  1.00 21.27 ? 110 ASP A CA  1 
ATOM   731  C  C   . ASP A 1 112 ? -1.829  -16.454 -4.294  1.00 22.31 ? 110 ASP A C   1 
ATOM   732  O  O   . ASP A 1 112 ? -0.712  -16.575 -3.776  1.00 22.67 ? 110 ASP A O   1 
ATOM   733  C  CB  . ASP A 1 112 ? -2.779  -18.106 -5.894  1.00 21.63 ? 110 ASP A CB  1 
ATOM   734  C  CG  . ASP A 1 112 ? -3.250  -19.543 -6.061  1.00 24.25 ? 110 ASP A CG  1 
ATOM   735  O  OD1 . ASP A 1 112 ? -3.670  -20.175 -5.059  1.00 24.98 ? 110 ASP A OD1 1 
ATOM   736  O  OD2 . ASP A 1 112 ? -3.199  -20.043 -7.209  1.00 25.00 ? 110 ASP A OD2 1 
ATOM   737  N  N   . PHE A 1 113 ? -2.282  -15.294 -4.753  1.00 22.22 ? 111 PHE A N   1 
ATOM   738  C  CA  . PHE A 1 113 ? -1.457  -14.102 -4.663  1.00 23.33 ? 111 PHE A CA  1 
ATOM   739  C  C   . PHE A 1 113 ? -1.184  -13.740 -3.205  1.00 23.53 ? 111 PHE A C   1 
ATOM   740  O  O   . PHE A 1 113 ? -0.089  -13.299 -2.858  1.00 24.34 ? 111 PHE A O   1 
ATOM   741  C  CB  . PHE A 1 113 ? -2.135  -12.947 -5.397  1.00 24.15 ? 111 PHE A CB  1 
ATOM   742  C  CG  . PHE A 1 113 ? -2.264  -13.172 -6.882  1.00 26.21 ? 111 PHE A CG  1 
ATOM   743  C  CD1 . PHE A 1 113 ? -3.367  -12.685 -7.582  1.00 26.85 ? 111 PHE A CD1 1 
ATOM   744  C  CD2 . PHE A 1 113 ? -1.295  -13.888 -7.576  1.00 26.70 ? 111 PHE A CD2 1 
ATOM   745  C  CE1 . PHE A 1 113 ? -3.505  -12.913 -8.947  1.00 27.25 ? 111 PHE A CE1 1 
ATOM   746  C  CE2 . PHE A 1 113 ? -1.423  -14.124 -8.949  1.00 27.88 ? 111 PHE A CE2 1 
ATOM   747  C  CZ  . PHE A 1 113 ? -2.530  -13.636 -9.634  1.00 27.74 ? 111 PHE A CZ  1 
ATOM   748  N  N   . ARG A 1 114 ? -2.171  -13.950 -2.344  1.00 23.16 ? 112 ARG A N   1 
ATOM   749  C  CA  . ARG A 1 114 ? -1.986  -13.636 -0.943  1.00 22.25 ? 112 ARG A CA  1 
ATOM   750  C  C   . ARG A 1 114 ? -0.998  -14.588 -0.275  1.00 22.07 ? 112 ARG A C   1 
ATOM   751  O  O   . ARG A 1 114 ? -0.217  -14.167 0.579   1.00 21.79 ? 112 ARG A O   1 
ATOM   752  C  CB  . ARG A 1 114 ? -3.308  -13.681 -0.181  1.00 22.02 ? 112 ARG A CB  1 
ATOM   753  C  CG  . ARG A 1 114 ? -3.103  -13.227 1.251   1.00 24.33 ? 112 ARG A CG  1 
ATOM   754  C  CD  . ARG A 1 114 ? -4.049  -13.885 2.188   1.00 24.77 ? 112 ARG A CD  1 
ATOM   755  N  NE  . ARG A 1 114 ? -4.002  -15.335 2.056   1.00 24.67 ? 112 ARG A NE  1 
ATOM   756  C  CZ  . ARG A 1 114 ? -4.931  -16.139 2.557   1.00 24.20 ? 112 ARG A CZ  1 
ATOM   757  N  NH1 . ARG A 1 114 ? -5.961  -15.625 3.222   1.00 22.62 ? 112 ARG A NH1 1 
ATOM   758  N  NH2 . ARG A 1 114 ? -4.843  -17.446 2.370   1.00 24.50 ? 112 ARG A NH2 1 
ATOM   759  N  N   . ASP A 1 115 ? -1.043  -15.870 -0.643  1.00 21.84 ? 113 ASP A N   1 
ATOM   760  C  CA  . ASP A 1 115 ? -0.124  -16.843 -0.059  1.00 21.29 ? 113 ASP A CA  1 
ATOM   761  C  C   . ASP A 1 115 ? 1.300   -16.505 -0.501  1.00 20.81 ? 113 ASP A C   1 
ATOM   762  O  O   . ASP A 1 115 ? 2.216   -16.447 0.317   1.00 19.88 ? 113 ASP A O   1 
ATOM   763  C  CB  . ASP A 1 115 ? -0.452  -18.283 -0.503  1.00 22.26 ? 113 ASP A CB  1 
ATOM   764  C  CG  . ASP A 1 115 ? -1.818  -18.780 -0.012  1.00 23.68 ? 113 ASP A CG  1 
ATOM   765  O  OD1 . ASP A 1 115 ? -2.239  -18.451 1.127   1.00 23.61 ? 113 ASP A OD1 1 
ATOM   766  O  OD2 . ASP A 1 115 ? -2.467  -19.536 -0.776  1.00 23.94 ? 113 ASP A OD2 1 
ATOM   767  N  N   . ALA A 1 116 ? 1.480   -16.270 -1.798  1.00 20.73 ? 114 ALA A N   1 
ATOM   768  C  CA  . ALA A 1 116 ? 2.803   -15.947 -2.326  1.00 20.58 ? 114 ALA A CA  1 
ATOM   769  C  C   . ALA A 1 116 ? 3.360   -14.724 -1.638  1.00 20.42 ? 114 ALA A C   1 
ATOM   770  O  O   . ALA A 1 116 ? 4.560   -14.646 -1.406  1.00 21.63 ? 114 ALA A O   1 
ATOM   771  C  CB  . ALA A 1 116 ? 2.749   -15.713 -3.831  1.00 19.28 ? 114 ALA A CB  1 
ATOM   772  N  N   . TRP A 1 117 ? 2.487   -13.772 -1.319  1.00 20.11 ? 115 TRP A N   1 
ATOM   773  C  CA  . TRP A 1 117 ? 2.898   -12.547 -0.642  1.00 19.95 ? 115 TRP A CA  1 
ATOM   774  C  C   . TRP A 1 117 ? 3.184   -12.852 0.826   1.00 21.17 ? 115 TRP A C   1 
ATOM   775  O  O   . TRP A 1 117 ? 4.142   -12.341 1.409   1.00 21.05 ? 115 TRP A O   1 
ATOM   776  C  CB  . TRP A 1 117 ? 1.802   -11.497 -0.760  1.00 18.13 ? 115 TRP A CB  1 
ATOM   777  C  CG  . TRP A 1 117 ? 2.218   -10.125 -0.306  1.00 17.49 ? 115 TRP A CG  1 
ATOM   778  C  CD1 . TRP A 1 117 ? 2.169   -9.620  0.970   1.00 15.96 ? 115 TRP A CD1 1 
ATOM   779  C  CD2 . TRP A 1 117 ? 2.725   -9.068  -1.135  1.00 16.13 ? 115 TRP A CD2 1 
ATOM   780  N  NE1 . TRP A 1 117 ? 2.609   -8.318  0.980   1.00 15.02 ? 115 TRP A NE1 1 
ATOM   781  C  CE2 . TRP A 1 117 ? 2.955   -7.952  -0.295  1.00 15.04 ? 115 TRP A CE2 1 
ATOM   782  C  CE3 . TRP A 1 117 ? 3.004   -8.956  -2.504  1.00 14.31 ? 115 TRP A CE3 1 
ATOM   783  C  CZ2 . TRP A 1 117 ? 3.450   -6.737  -0.783  1.00 13.71 ? 115 TRP A CZ2 1 
ATOM   784  C  CZ3 . TRP A 1 117 ? 3.496   -7.746  -2.988  1.00 14.16 ? 115 TRP A CZ3 1 
ATOM   785  C  CH2 . TRP A 1 117 ? 3.712   -6.653  -2.124  1.00 13.23 ? 115 TRP A CH2 1 
ATOM   786  N  N   . LYS A 1 118 ? 2.355   -13.699 1.418   1.00 22.33 ? 116 LYS A N   1 
ATOM   787  C  CA  . LYS A 1 118 ? 2.557   -14.083 2.804   1.00 24.53 ? 116 LYS A CA  1 
ATOM   788  C  C   . LYS A 1 118 ? 3.928   -14.771 2.907   1.00 25.71 ? 116 LYS A C   1 
ATOM   789  O  O   . LYS A 1 118 ? 4.571   -14.743 3.957   1.00 25.68 ? 116 LYS A O   1 
ATOM   790  C  CB  . LYS A 1 118 ? 1.422   -15.015 3.256   1.00 24.73 ? 116 LYS A CB  1 
ATOM   791  C  CG  . LYS A 1 118 ? 1.490   -15.438 4.711   1.00 26.96 ? 116 LYS A CG  1 
ATOM   792  C  CD  . LYS A 1 118 ? 0.104   -15.735 5.284   1.00 28.49 ? 116 LYS A CD  1 
ATOM   793  C  CE  . LYS A 1 118 ? -0.720  -14.447 5.396   1.00 30.97 ? 116 LYS A CE  1 
ATOM   794  N  NZ  . LYS A 1 118 ? -2.071  -14.592 6.051   1.00 31.05 ? 116 LYS A NZ  1 
ATOM   795  N  N   . GLN A 1 119 ? 4.379   -15.371 1.807   1.00 26.15 ? 117 GLN A N   1 
ATOM   796  C  CA  . GLN A 1 119 ? 5.678   -16.037 1.785   1.00 27.19 ? 117 GLN A CA  1 
ATOM   797  C  C   . GLN A 1 119 ? 6.788   -14.999 1.665   1.00 27.38 ? 117 GLN A C   1 
ATOM   798  O  O   . GLN A 1 119 ? 7.710   -14.977 2.472   1.00 27.40 ? 117 GLN A O   1 
ATOM   799  C  CB  . GLN A 1 119 ? 5.781   -17.017 0.607   1.00 27.10 ? 117 GLN A CB  1 
ATOM   800  C  CG  . GLN A 1 119 ? 5.033   -18.321 0.794   1.00 27.49 ? 117 GLN A CG  1 
ATOM   801  N  N   . ALA A 1 120 ? 6.691   -14.148 0.647   1.00 27.78 ? 118 ALA A N   1 
ATOM   802  C  CA  . ALA A 1 120 ? 7.679   -13.103 0.411   1.00 28.62 ? 118 ALA A CA  1 
ATOM   803  C  C   . ALA A 1 120 ? 8.042   -12.413 1.722   1.00 29.21 ? 118 ALA A C   1 
ATOM   804  O  O   . ALA A 1 120 ? 9.219   -12.262 2.047   1.00 28.38 ? 118 ALA A O   1 
ATOM   805  C  CB  . ALA A 1 120 ? 7.142   -12.086 -0.589  1.00 26.81 ? 118 ALA A CB  1 
ATOM   806  N  N   . ILE A 1 121 ? 7.022   -12.013 2.477   1.00 30.63 ? 119 ILE A N   1 
ATOM   807  C  CA  . ILE A 1 121 ? 7.223   -11.346 3.762   1.00 31.55 ? 119 ILE A CA  1 
ATOM   808  C  C   . ILE A 1 121 ? 8.175   -12.107 4.684   1.00 32.25 ? 119 ILE A C   1 
ATOM   809  O  O   . ILE A 1 121 ? 9.084   -11.448 5.222   1.00 33.33 ? 119 ILE A O   1 
ATOM   810  C  CB  . ILE A 1 121 ? 5.898   -11.155 4.514   1.00 31.63 ? 119 ILE A CB  1 
ATOM   811  C  CG1 . ILE A 1 121 ? 4.954   -10.264 3.703   1.00 31.30 ? 119 ILE A CG1 1 
ATOM   812  C  CG2 . ILE A 1 121 ? 6.169   -10.536 5.878   1.00 31.93 ? 119 ILE A CG2 1 
ATOM   813  C  CD1 . ILE A 1 121 ? 3.614   -10.027 4.371   1.00 30.39 ? 119 ILE A CD1 1 
ATOM   814  N  N   . VAL B 1 17  ? 5.048   -0.520  17.013  1.00 22.68 ? 15  VAL B N   1 
ATOM   815  C  CA  . VAL B 1 17  ? 6.130   0.348   16.463  1.00 23.21 ? 15  VAL B CA  1 
ATOM   816  C  C   . VAL B 1 17  ? 7.455   -0.403  16.253  1.00 23.56 ? 15  VAL B C   1 
ATOM   817  O  O   . VAL B 1 17  ? 8.153   -0.151  15.278  1.00 23.62 ? 15  VAL B O   1 
ATOM   818  C  CB  . VAL B 1 17  ? 6.355   1.590   17.373  1.00 23.77 ? 15  VAL B CB  1 
ATOM   819  C  CG1 . VAL B 1 17  ? 7.602   2.353   16.948  1.00 23.30 ? 15  VAL B CG1 1 
ATOM   820  C  CG2 . VAL B 1 17  ? 5.137   2.515   17.290  1.00 23.45 ? 15  VAL B CG2 1 
ATOM   821  N  N   . ASN B 1 18  ? 7.799   -1.323  17.156  1.00 23.58 ? 16  ASN B N   1 
ATOM   822  C  CA  . ASN B 1 18  ? 9.031   -2.102  17.015  1.00 23.25 ? 16  ASN B CA  1 
ATOM   823  C  C   . ASN B 1 18  ? 8.753   -3.417  16.300  1.00 23.06 ? 16  ASN B C   1 
ATOM   824  O  O   . ASN B 1 18  ? 9.678   -4.155  15.974  1.00 22.83 ? 16  ASN B O   1 
ATOM   825  C  CB  . ASN B 1 18  ? 9.628   -2.466  18.374  1.00 23.62 ? 16  ASN B CB  1 
ATOM   826  C  CG  . ASN B 1 18  ? 9.866   -1.273  19.250  1.00 24.48 ? 16  ASN B CG  1 
ATOM   827  O  OD1 . ASN B 1 18  ? 10.503  -0.304  18.844  1.00 25.58 ? 16  ASN B OD1 1 
ATOM   828  N  ND2 . ASN B 1 18  ? 9.360   -1.339  20.473  1.00 24.92 ? 16  ASN B ND2 1 
ATOM   829  N  N   . THR B 1 19  ? 7.479   -3.704  16.063  1.00 23.22 ? 17  THR B N   1 
ATOM   830  C  CA  . THR B 1 19  ? 7.084   -4.961  15.446  1.00 23.27 ? 17  THR B CA  1 
ATOM   831  C  C   . THR B 1 19  ? 6.432   -4.828  14.083  1.00 22.66 ? 17  THR B C   1 
ATOM   832  O  O   . THR B 1 19  ? 5.685   -5.711  13.669  1.00 24.32 ? 17  THR B O   1 
ATOM   833  C  CB  . THR B 1 19  ? 6.111   -5.717  16.367  1.00 23.69 ? 17  THR B CB  1 
ATOM   834  O  OG1 . THR B 1 19  ? 6.549   -5.589  17.720  1.00 25.27 ? 17  THR B OG1 1 
ATOM   835  C  CG2 . THR B 1 19  ? 6.070   -7.192  16.013  1.00 25.44 ? 17  THR B CG2 1 
ATOM   836  N  N   . ALA B 1 20  ? 6.695   -3.733  13.383  1.00 21.85 ? 18  ALA B N   1 
ATOM   837  C  CA  . ALA B 1 20  ? 6.111   -3.551  12.061  1.00 20.22 ? 18  ALA B CA  1 
ATOM   838  C  C   . ALA B 1 20  ? 6.700   -4.605  11.140  1.00 20.19 ? 18  ALA B C   1 
ATOM   839  O  O   . ALA B 1 20  ? 7.884   -4.922  11.228  1.00 19.42 ? 18  ALA B O   1 
ATOM   840  C  CB  . ALA B 1 20  ? 6.422   -2.168  11.533  1.00 19.22 ? 18  ALA B CB  1 
ATOM   841  N  N   . THR B 1 21  ? 5.860   -5.160  10.274  1.00 20.68 ? 19  THR B N   1 
ATOM   842  C  CA  . THR B 1 21  ? 6.289   -6.173  9.316   1.00 21.43 ? 19  THR B CA  1 
ATOM   843  C  C   . THR B 1 21  ? 6.138   -5.577  7.918   1.00 21.30 ? 19  THR B C   1 
ATOM   844  O  O   . THR B 1 21  ? 5.031   -5.448  7.397   1.00 21.49 ? 19  THR B O   1 
ATOM   845  C  CB  . THR B 1 21  ? 5.415   -7.454  9.397   1.00 22.83 ? 19  THR B CB  1 
ATOM   846  O  OG1 . THR B 1 21  ? 5.450   -7.991  10.727  1.00 23.65 ? 19  THR B OG1 1 
ATOM   847  C  CG2 . THR B 1 21  ? 5.926   -8.509  8.416   1.00 22.96 ? 19  THR B CG2 1 
ATOM   848  N  N   . PRO B 1 22  ? 7.252   -5.198  7.294   1.00 21.02 ? 20  PRO B N   1 
ATOM   849  C  CA  . PRO B 1 22  ? 7.166   -4.618  5.954   1.00 21.20 ? 20  PRO B CA  1 
ATOM   850  C  C   . PRO B 1 22  ? 6.396   -5.486  4.949   1.00 20.92 ? 20  PRO B C   1 
ATOM   851  O  O   . PRO B 1 22  ? 6.765   -6.626  4.687   1.00 20.65 ? 20  PRO B O   1 
ATOM   852  C  CB  . PRO B 1 22  ? 8.639   -4.413  5.575   1.00 22.22 ? 20  PRO B CB  1 
ATOM   853  C  CG  . PRO B 1 22  ? 9.374   -5.426  6.429   1.00 21.66 ? 20  PRO B CG  1 
ATOM   854  C  CD  . PRO B 1 22  ? 8.652   -5.336  7.731   1.00 20.73 ? 20  PRO B CD  1 
ATOM   855  N  N   . GLY B 1 23  ? 5.318   -4.938  4.396   1.00 20.54 ? 21  GLY B N   1 
ATOM   856  C  CA  . GLY B 1 23  ? 4.527   -5.679  3.431   1.00 19.81 ? 21  GLY B CA  1 
ATOM   857  C  C   . GLY B 1 23  ? 3.157   -6.109  3.926   1.00 19.89 ? 21  GLY B C   1 
ATOM   858  O  O   . GLY B 1 23  ? 2.327   -6.566  3.140   1.00 20.18 ? 21  GLY B O   1 
ATOM   859  N  N   . GLU B 1 24  ? 2.908   -5.960  5.222   1.00 19.35 ? 22  GLU B N   1 
ATOM   860  C  CA  . GLU B 1 24  ? 1.628   -6.348  5.809   1.00 19.99 ? 22  GLU B CA  1 
ATOM   861  C  C   . GLU B 1 24  ? 0.404   -5.577  5.300   1.00 19.90 ? 22  GLU B C   1 
ATOM   862  O  O   . GLU B 1 24  ? -0.708  -6.098  5.327   1.00 18.62 ? 22  GLU B O   1 
ATOM   863  C  CB  . GLU B 1 24  ? 1.705   -6.226  7.328   1.00 20.94 ? 22  GLU B CB  1 
ATOM   864  C  CG  . GLU B 1 24  ? 2.179   -4.864  7.798   1.00 22.09 ? 22  GLU B CG  1 
ATOM   865  C  CD  . GLU B 1 24  ? 2.791   -4.914  9.177   1.00 22.56 ? 22  GLU B CD  1 
ATOM   866  O  OE1 . GLU B 1 24  ? 3.624   -4.036  9.488   1.00 23.14 ? 22  GLU B OE1 1 
ATOM   867  O  OE2 . GLU B 1 24  ? 2.438   -5.827  9.950   1.00 23.19 ? 22  GLU B OE2 1 
ATOM   868  N  N   . LEU B 1 25  ? 0.598   -4.341  4.848   1.00 20.52 ? 23  LEU B N   1 
ATOM   869  C  CA  . LEU B 1 25  ? -0.522  -3.551  4.350   1.00 21.41 ? 23  LEU B CA  1 
ATOM   870  C  C   . LEU B 1 25  ? -1.151  -4.156  3.094   1.00 21.91 ? 23  LEU B C   1 
ATOM   871  O  O   . LEU B 1 25  ? -2.380  -4.186  2.957   1.00 22.11 ? 23  LEU B O   1 
ATOM   872  C  CB  . LEU B 1 25  ? -0.077  -2.116  4.070   1.00 22.12 ? 23  LEU B CB  1 
ATOM   873  C  CG  . LEU B 1 25  ? 0.381   -1.338  5.308   1.00 24.42 ? 23  LEU B CG  1 
ATOM   874  C  CD1 . LEU B 1 25  ? 0.637   0.130   4.937   1.00 24.31 ? 23  LEU B CD1 1 
ATOM   875  C  CD2 . LEU B 1 25  ? -0.699  -1.432  6.399   1.00 24.92 ? 23  LEU B CD2 1 
ATOM   876  N  N   . THR B 1 26  ? -0.315  -4.636  2.178   1.00 21.47 ? 24  THR B N   1 
ATOM   877  C  CA  . THR B 1 26  ? -0.811  -5.249  0.954   1.00 20.86 ? 24  THR B CA  1 
ATOM   878  C  C   . THR B 1 26  ? -1.510  -6.532  1.356   1.00 21.22 ? 24  THR B C   1 
ATOM   879  O  O   . THR B 1 26  ? -2.572  -6.860  0.830   1.00 21.71 ? 24  THR B O   1 
ATOM   880  C  CB  . THR B 1 26  ? 0.351   -5.565  -0.033  1.00 21.59 ? 24  THR B CB  1 
ATOM   881  O  OG1 . THR B 1 26  ? 0.783   -4.350  -0.669  1.00 21.14 ? 24  THR B OG1 1 
ATOM   882  C  CG2 . THR B 1 26  ? -0.084  -6.582  -1.097  1.00 20.58 ? 24  THR B CG2 1 
ATOM   883  N  N   . LEU B 1 27  ? -0.909  -7.250  2.302   1.00 21.40 ? 25  LEU B N   1 
ATOM   884  C  CA  . LEU B 1 27  ? -1.476  -8.504  2.802   1.00 22.20 ? 25  LEU B CA  1 
ATOM   885  C  C   . LEU B 1 27  ? -2.875  -8.256  3.342   1.00 22.10 ? 25  LEU B C   1 
ATOM   886  O  O   . LEU B 1 27  ? -3.796  -9.030  3.107   1.00 21.98 ? 25  LEU B O   1 
ATOM   887  C  CB  . LEU B 1 27  ? -0.602  -9.078  3.923   1.00 21.83 ? 25  LEU B CB  1 
ATOM   888  C  CG  . LEU B 1 27  ? -1.039  -10.437 4.479   1.00 21.06 ? 25  LEU B CG  1 
ATOM   889  C  CD1 . LEU B 1 27  ? -0.922  -11.492 3.386   1.00 21.19 ? 25  LEU B CD1 1 
ATOM   890  C  CD2 . LEU B 1 27  ? -0.165  -10.808 5.668   1.00 20.18 ? 25  LEU B CD2 1 
HETATM 891  N  N   . MSE B 1 28  ? -3.012  -7.159  4.069   1.00 23.97 ? 26  MSE B N   1 
HETATM 892  C  CA  . MSE B 1 28  ? -4.275  -6.757  4.661   1.00 25.76 ? 26  MSE B CA  1 
HETATM 893  C  C   . MSE B 1 28  ? -5.338  -6.508  3.588   1.00 23.54 ? 26  MSE B C   1 
HETATM 894  O  O   . MSE B 1 28  ? -6.498  -6.885  3.757   1.00 23.28 ? 26  MSE B O   1 
HETATM 895  C  CB  . MSE B 1 28  ? -4.050  -5.495  5.485   1.00 32.04 ? 26  MSE B CB  1 
HETATM 896  C  CG  . MSE B 1 28  ? -5.234  -5.029  6.301   1.00 40.53 ? 26  MSE B CG  1 
HETATM 897  SE SE  . MSE B 1 28  ? -4.698  -3.495  7.382   1.00 56.11 ? 26  MSE B SE  1 
HETATM 898  C  CE  . MSE B 1 28  ? -3.002  -4.195  8.079   1.00 46.63 ? 26  MSE B CE  1 
ATOM   899  N  N   . LEU B 1 29  ? -4.949  -5.878  2.481   1.00 21.08 ? 27  LEU B N   1 
ATOM   900  C  CA  . LEU B 1 29  ? -5.902  -5.610  1.417   1.00 18.79 ? 27  LEU B CA  1 
ATOM   901  C  C   . LEU B 1 29  ? -6.351  -6.930  0.815   1.00 18.29 ? 27  LEU B C   1 
ATOM   902  O  O   . LEU B 1 29  ? -7.532  -7.110  0.526   1.00 17.41 ? 27  LEU B O   1 
ATOM   903  C  CB  . LEU B 1 29  ? -5.283  -4.720  0.344   1.00 18.35 ? 27  LEU B CB  1 
ATOM   904  C  CG  . LEU B 1 29  ? -4.881  -3.299  0.755   1.00 17.70 ? 27  LEU B CG  1 
ATOM   905  C  CD1 . LEU B 1 29  ? -4.271  -2.566  -0.450  1.00 17.07 ? 27  LEU B CD1 1 
ATOM   906  C  CD2 . LEU B 1 29  ? -6.101  -2.552  1.278   1.00 17.06 ? 27  LEU B CD2 1 
ATOM   907  N  N   . TYR B 1 30  ? -5.401  -7.850  0.638   1.00 17.77 ? 28  TYR B N   1 
ATOM   908  C  CA  . TYR B 1 30  ? -5.690  -9.184  0.099   1.00 16.74 ? 28  TYR B CA  1 
ATOM   909  C  C   . TYR B 1 30  ? -6.719  -9.896  0.975   1.00 16.03 ? 28  TYR B C   1 
ATOM   910  O  O   . TYR B 1 30  ? -7.685  -10.475 0.472   1.00 16.09 ? 28  TYR B O   1 
ATOM   911  C  CB  . TYR B 1 30  ? -4.409  -10.020 0.035   1.00 16.53 ? 28  TYR B CB  1 
ATOM   912  C  CG  . TYR B 1 30  ? -3.645  -9.888  -1.258  1.00 17.57 ? 28  TYR B CG  1 
ATOM   913  C  CD1 . TYR B 1 30  ? -2.266  -10.099 -1.300  1.00 18.20 ? 28  TYR B CD1 1 
ATOM   914  C  CD2 . TYR B 1 30  ? -4.301  -9.559  -2.450  1.00 18.43 ? 28  TYR B CD2 1 
ATOM   915  C  CE1 . TYR B 1 30  ? -1.557  -9.981  -2.504  1.00 17.92 ? 28  TYR B CE1 1 
ATOM   916  C  CE2 . TYR B 1 30  ? -3.605  -9.443  -3.649  1.00 18.04 ? 28  TYR B CE2 1 
ATOM   917  C  CZ  . TYR B 1 30  ? -2.238  -9.654  -3.669  1.00 18.11 ? 28  TYR B CZ  1 
ATOM   918  O  OH  . TYR B 1 30  ? -1.562  -9.562  -4.860  1.00 19.12 ? 28  TYR B OH  1 
ATOM   919  N  N   . ASN B 1 31  ? -6.501  -9.857  2.289   1.00 15.21 ? 29  ASN B N   1 
ATOM   920  C  CA  . ASN B 1 31  ? -7.423  -10.475 3.236   1.00 13.40 ? 29  ASN B CA  1 
ATOM   921  C  C   . ASN B 1 31  ? -8.770  -9.771  3.183   1.00 12.32 ? 29  ASN B C   1 
ATOM   922  O  O   . ASN B 1 31  ? -9.820  -10.398 3.330   1.00 11.83 ? 29  ASN B O   1 
ATOM   923  C  CB  . ASN B 1 31  ? -6.862  -10.411 4.657   1.00 12.73 ? 29  ASN B CB  1 
ATOM   924  C  CG  . ASN B 1 31  ? -5.615  -11.254 4.827   1.00 13.96 ? 29  ASN B CG  1 
ATOM   925  O  OD1 . ASN B 1 31  ? -5.568  -12.401 4.382   1.00 14.99 ? 29  ASN B OD1 1 
ATOM   926  N  ND2 . ASN B 1 31  ? -4.597  -10.695 5.479   1.00 14.66 ? 29  ASN B ND2 1 
ATOM   927  N  N   . GLY B 1 32  ? -8.743  -8.464  2.962   1.00 11.61 ? 30  GLY B N   1 
ATOM   928  C  CA  . GLY B 1 32  ? -9.990  -7.730  2.885   1.00 11.72 ? 30  GLY B CA  1 
ATOM   929  C  C   . GLY B 1 32  ? -10.759 -8.096  1.630   1.00 11.70 ? 30  GLY B C   1 
ATOM   930  O  O   . GLY B 1 32  ? -11.972 -8.316  1.646   1.00 12.05 ? 30  GLY B O   1 
ATOM   931  N  N   . CYS B 1 33  ? -10.035 -8.166  0.527   1.00 11.97 ? 31  CYS B N   1 
ATOM   932  C  CA  . CYS B 1 33  ? -10.634 -8.488  -0.747  1.00 12.36 ? 31  CYS B CA  1 
ATOM   933  C  C   . CYS B 1 33  ? -11.324 -9.848  -0.670  1.00 13.08 ? 31  CYS B C   1 
ATOM   934  O  O   . CYS B 1 33  ? -12.459 -10.000 -1.122  1.00 13.15 ? 31  CYS B O   1 
ATOM   935  C  CB  . CYS B 1 33  ? -9.553  -8.482  -1.824  1.00 12.47 ? 31  CYS B CB  1 
ATOM   936  S  SG  . CYS B 1 33  ? -10.161 -8.504  -3.505  1.00 12.87 ? 31  CYS B SG  1 
ATOM   937  N  N   . LEU B 1 34  ? -10.651 -10.832 -0.083  1.00 13.09 ? 32  LEU B N   1 
ATOM   938  C  CA  . LEU B 1 34  ? -11.232 -12.162 0.031   1.00 13.49 ? 32  LEU B CA  1 
ATOM   939  C  C   . LEU B 1 34  ? -12.515 -12.175 0.861   1.00 13.07 ? 32  LEU B C   1 
ATOM   940  O  O   . LEU B 1 34  ? -13.476 -12.848 0.515   1.00 13.13 ? 32  LEU B O   1 
ATOM   941  C  CB  . LEU B 1 34  ? -10.205 -13.147 0.621   1.00 13.18 ? 32  LEU B CB  1 
ATOM   942  C  CG  . LEU B 1 34  ? -9.070  -13.582 -0.322  1.00 14.34 ? 32  LEU B CG  1 
ATOM   943  C  CD1 . LEU B 1 34  ? -8.054  -14.421 0.429   1.00 14.45 ? 32  LEU B CD1 1 
ATOM   944  C  CD2 . LEU B 1 34  ? -9.646  -14.380 -1.492  1.00 13.30 ? 32  LEU B CD2 1 
ATOM   945  N  N   . LYS B 1 35  ? -12.538 -11.423 1.952   1.00 13.63 ? 33  LYS B N   1 
ATOM   946  C  CA  . LYS B 1 35  ? -13.715 -11.397 2.808   1.00 14.68 ? 33  LYS B CA  1 
ATOM   947  C  C   . LYS B 1 35  ? -14.905 -10.792 2.075   1.00 14.96 ? 33  LYS B C   1 
ATOM   948  O  O   . LYS B 1 35  ? -16.030 -11.292 2.165   1.00 15.22 ? 33  LYS B O   1 
ATOM   949  C  CB  . LYS B 1 35  ? -13.422 -10.610 4.089   1.00 15.56 ? 33  LYS B CB  1 
ATOM   950  C  CG  . LYS B 1 35  ? -14.591 -10.597 5.059   1.00 18.61 ? 33  LYS B CG  1 
ATOM   951  C  CD  . LYS B 1 35  ? -14.229 -9.969  6.394   1.00 18.80 ? 33  LYS B CD  1 
ATOM   952  C  CE  . LYS B 1 35  ? -15.463 -9.884  7.278   1.00 19.39 ? 33  LYS B CE  1 
ATOM   953  N  NZ  . LYS B 1 35  ? -15.145 -9.368  8.639   1.00 21.50 ? 33  LYS B NZ  1 
ATOM   954  N  N   . PHE B 1 36  ? -14.648 -9.711  1.347   1.00 15.10 ? 34  PHE B N   1 
ATOM   955  C  CA  . PHE B 1 36  ? -15.686 -9.039  0.574   1.00 15.88 ? 34  PHE B CA  1 
ATOM   956  C  C   . PHE B 1 36  ? -16.230 -9.972  -0.512  1.00 15.22 ? 34  PHE B C   1 
ATOM   957  O  O   . PHE B 1 36  ? -17.436 -10.057 -0.715  1.00 15.08 ? 34  PHE B O   1 
ATOM   958  C  CB  . PHE B 1 36  ? -15.128 -7.762  -0.058  1.00 16.62 ? 34  PHE B CB  1 
ATOM   959  C  CG  . PHE B 1 36  ? -14.730 -6.714  0.944   1.00 17.36 ? 34  PHE B CG  1 
ATOM   960  C  CD1 . PHE B 1 36  ? -13.972 -5.618  0.555   1.00 17.45 ? 34  PHE B CD1 1 
ATOM   961  C  CD2 . PHE B 1 36  ? -15.140 -6.804  2.270   1.00 17.75 ? 34  PHE B CD2 1 
ATOM   962  C  CE1 . PHE B 1 36  ? -13.631 -4.627  1.468   1.00 17.48 ? 34  PHE B CE1 1 
ATOM   963  C  CE2 . PHE B 1 36  ? -14.801 -5.814  3.188   1.00 17.83 ? 34  PHE B CE2 1 
ATOM   964  C  CZ  . PHE B 1 36  ? -14.046 -4.724  2.784   1.00 17.22 ? 34  PHE B CZ  1 
ATOM   965  N  N   . ILE B 1 37  ? -15.347 -10.673 -1.209  1.00 14.74 ? 35  ILE B N   1 
ATOM   966  C  CA  . ILE B 1 37  ? -15.811 -11.594 -2.235  1.00 15.70 ? 35  ILE B CA  1 
ATOM   967  C  C   . ILE B 1 37  ? -16.676 -12.672 -1.580  1.00 15.74 ? 35  ILE B C   1 
ATOM   968  O  O   . ILE B 1 37  ? -17.787 -12.929 -2.035  1.00 15.66 ? 35  ILE B O   1 
ATOM   969  C  CB  . ILE B 1 37  ? -14.639 -12.246 -2.982  1.00 15.20 ? 35  ILE B CB  1 
ATOM   970  C  CG1 . ILE B 1 37  ? -13.847 -11.170 -3.722  1.00 14.41 ? 35  ILE B CG1 1 
ATOM   971  C  CG2 . ILE B 1 37  ? -15.161 -13.312 -3.955  1.00 14.91 ? 35  ILE B CG2 1 
ATOM   972  C  CD1 . ILE B 1 37  ? -12.487 -11.652 -4.225  1.00 14.56 ? 35  ILE B CD1 1 
ATOM   973  N  N   . ARG B 1 38  ? -16.179 -13.286 -0.508  1.00 16.09 ? 36  ARG B N   1 
ATOM   974  C  CA  . ARG B 1 38  ? -16.946 -14.316 0.195   1.00 16.70 ? 36  ARG B CA  1 
ATOM   975  C  C   . ARG B 1 38  ? -18.299 -13.775 0.664   1.00 15.71 ? 36  ARG B C   1 
ATOM   976  O  O   . ARG B 1 38  ? -19.319 -14.441 0.525   1.00 15.28 ? 36  ARG B O   1 
ATOM   977  C  CB  . ARG B 1 38  ? -16.187 -14.844 1.421   1.00 18.26 ? 36  ARG B CB  1 
ATOM   978  C  CG  . ARG B 1 38  ? -14.933 -15.647 1.135   1.00 22.50 ? 36  ARG B CG  1 
ATOM   979  C  CD  . ARG B 1 38  ? -14.336 -16.160 2.449   1.00 25.97 ? 36  ARG B CD  1 
ATOM   980  N  NE  . ARG B 1 38  ? -12.935 -15.776 2.644   1.00 28.59 ? 36  ARG B NE  1 
ATOM   981  C  CZ  . ARG B 1 38  ? -11.928 -16.213 1.893   1.00 30.96 ? 36  ARG B CZ  1 
ATOM   982  N  NH1 . ARG B 1 38  ? -12.160 -17.050 0.889   1.00 30.20 ? 36  ARG B NH1 1 
ATOM   983  N  NH2 . ARG B 1 38  ? -10.682 -15.820 2.146   1.00 31.75 ? 36  ARG B NH2 1 
ATOM   984  N  N   . LEU B 1 39  ? -18.306 -12.570 1.230   1.00 15.25 ? 37  LEU B N   1 
ATOM   985  C  CA  . LEU B 1 39  ? -19.555 -11.984 1.711   1.00 15.14 ? 37  LEU B CA  1 
ATOM   986  C  C   . LEU B 1 39  ? -20.496 -11.749 0.542   1.00 15.30 ? 37  LEU B C   1 
ATOM   987  O  O   . LEU B 1 39  ? -21.713 -11.912 0.669   1.00 16.71 ? 37  LEU B O   1 
ATOM   988  C  CB  . LEU B 1 39  ? -19.279 -10.676 2.461   1.00 13.98 ? 37  LEU B CB  1 
ATOM   989  C  CG  . LEU B 1 39  ? -18.789 -10.915 3.895   1.00 14.86 ? 37  LEU B CG  1 
ATOM   990  C  CD1 . LEU B 1 39  ? -18.288 -9.624  4.531   1.00 14.51 ? 37  LEU B CD1 1 
ATOM   991  C  CD2 . LEU B 1 39  ? -19.943 -11.505 4.718   1.00 13.43 ? 37  LEU B CD2 1 
ATOM   992  N  N   . ALA B 1 40  ? -19.918 -11.385 -0.598  1.00 13.38 ? 38  ALA B N   1 
ATOM   993  C  CA  . ALA B 1 40  ? -20.675 -11.141 -1.813  1.00 13.21 ? 38  ALA B CA  1 
ATOM   994  C  C   . ALA B 1 40  ? -21.372 -12.426 -2.265  1.00 13.75 ? 38  ALA B C   1 
ATOM   995  O  O   . ALA B 1 40  ? -22.524 -12.399 -2.707  1.00 12.96 ? 38  ALA B O   1 
ATOM   996  C  CB  . ALA B 1 40  ? -19.738 -10.636 -2.918  1.00 12.17 ? 38  ALA B CB  1 
ATOM   997  N  N   . ALA B 1 41  ? -20.665 -13.548 -2.170  1.00 13.89 ? 39  ALA B N   1 
ATOM   998  C  CA  . ALA B 1 41  ? -21.245 -14.830 -2.567  1.00 15.12 ? 39  ALA B CA  1 
ATOM   999  C  C   . ALA B 1 41  ? -22.427 -15.150 -1.653  1.00 14.91 ? 39  ALA B C   1 
ATOM   1000 O  O   . ALA B 1 41  ? -23.466 -15.613 -2.113  1.00 15.11 ? 39  ALA B O   1 
ATOM   1001 C  CB  . ALA B 1 41  ? -20.194 -15.943 -2.489  1.00 13.54 ? 39  ALA B CB  1 
ATOM   1002 N  N   . GLN B 1 42  ? -22.268 -14.891 -0.359  1.00 15.06 ? 40  GLN B N   1 
ATOM   1003 C  CA  . GLN B 1 42  ? -23.338 -15.146 0.601   1.00 16.29 ? 40  GLN B CA  1 
ATOM   1004 C  C   . GLN B 1 42  ? -24.526 -14.239 0.312   1.00 16.07 ? 40  GLN B C   1 
ATOM   1005 O  O   . GLN B 1 42  ? -25.674 -14.660 0.434   1.00 17.52 ? 40  GLN B O   1 
ATOM   1006 C  CB  . GLN B 1 42  ? -22.847 -14.914 2.039   1.00 15.87 ? 40  GLN B CB  1 
ATOM   1007 C  CG  . GLN B 1 42  ? -21.852 -15.960 2.534   1.00 18.63 ? 40  GLN B CG  1 
ATOM   1008 C  CD  . GLN B 1 42  ? -21.084 -15.518 3.782   1.00 20.69 ? 40  GLN B CD  1 
ATOM   1009 O  OE1 . GLN B 1 42  ? -21.649 -14.917 4.695   1.00 22.27 ? 40  GLN B OE1 1 
ATOM   1010 N  NE2 . GLN B 1 42  ? -19.793 -15.827 3.823   1.00 21.83 ? 40  GLN B NE2 1 
ATOM   1011 N  N   . ALA B 1 43  ? -24.254 -12.998 -0.073  1.00 16.06 ? 41  ALA B N   1 
ATOM   1012 C  CA  . ALA B 1 43  ? -25.320 -12.049 -0.368  1.00 16.14 ? 41  ALA B CA  1 
ATOM   1013 C  C   . ALA B 1 43  ? -26.143 -12.512 -1.562  1.00 17.07 ? 41  ALA B C   1 
ATOM   1014 O  O   . ALA B 1 43  ? -27.367 -12.332 -1.588  1.00 17.15 ? 41  ALA B O   1 
ATOM   1015 C  CB  . ALA B 1 43  ? -24.738 -10.679 -0.642  1.00 15.36 ? 41  ALA B CB  1 
ATOM   1016 N  N   . ILE B 1 44  ? -25.473 -13.108 -2.548  1.00 16.52 ? 42  ILE B N   1 
ATOM   1017 C  CA  . ILE B 1 44  ? -26.155 -13.597 -3.742  1.00 17.23 ? 42  ILE B CA  1 
ATOM   1018 C  C   . ILE B 1 44  ? -26.989 -14.836 -3.417  1.00 18.37 ? 42  ILE B C   1 
ATOM   1019 O  O   . ILE B 1 44  ? -28.163 -14.918 -3.762  1.00 18.89 ? 42  ILE B O   1 
ATOM   1020 C  CB  . ILE B 1 44  ? -25.143 -13.937 -4.877  1.00 15.82 ? 42  ILE B CB  1 
ATOM   1021 C  CG1 . ILE B 1 44  ? -24.584 -12.645 -5.472  1.00 14.93 ? 42  ILE B CG1 1 
ATOM   1022 C  CG2 . ILE B 1 44  ? -25.810 -14.751 -5.963  1.00 13.81 ? 42  ILE B CG2 1 
ATOM   1023 C  CD1 . ILE B 1 44  ? -23.493 -12.857 -6.507  1.00 15.39 ? 42  ILE B CD1 1 
ATOM   1024 N  N   . GLU B 1 45  ? -26.376 -15.799 -2.746  1.00 19.92 ? 43  GLU B N   1 
ATOM   1025 C  CA  . GLU B 1 45  ? -27.076 -17.021 -2.394  1.00 21.18 ? 43  GLU B CA  1 
ATOM   1026 C  C   . GLU B 1 45  ? -28.298 -16.744 -1.522  1.00 21.43 ? 43  GLU B C   1 
ATOM   1027 O  O   . GLU B 1 45  ? -29.205 -17.577 -1.433  1.00 20.66 ? 43  GLU B O   1 
ATOM   1028 C  CB  . GLU B 1 45  ? -26.104 -17.981 -1.700  1.00 21.97 ? 43  GLU B CB  1 
ATOM   1029 C  CG  . GLU B 1 45  ? -25.073 -18.551 -2.676  1.00 24.83 ? 43  GLU B CG  1 
ATOM   1030 C  CD  . GLU B 1 45  ? -23.863 -19.185 -2.007  1.00 27.22 ? 43  GLU B CD  1 
ATOM   1031 O  OE1 . GLU B 1 45  ? -22.955 -19.616 -2.752  1.00 29.13 ? 43  GLU B OE1 1 
ATOM   1032 O  OE2 . GLU B 1 45  ? -23.808 -19.253 -0.755  1.00 27.68 ? 43  GLU B OE2 1 
ATOM   1033 N  N   . ASN B 1 46  ? -28.341 -15.559 -0.917  1.00 21.73 ? 44  ASN B N   1 
ATOM   1034 C  CA  . ASN B 1 46  ? -29.449 -15.201 -0.041  1.00 22.22 ? 44  ASN B CA  1 
ATOM   1035 C  C   . ASN B 1 46  ? -30.297 -14.008 -0.489  1.00 22.81 ? 44  ASN B C   1 
ATOM   1036 O  O   . ASN B 1 46  ? -30.948 -13.358 0.321   1.00 23.13 ? 44  ASN B O   1 
ATOM   1037 C  CB  . ASN B 1 46  ? -28.906 -14.993 1.376   1.00 22.73 ? 44  ASN B CB  1 
ATOM   1038 C  CG  . ASN B 1 46  ? -28.412 -16.299 1.999   1.00 23.09 ? 44  ASN B CG  1 
ATOM   1039 O  OD1 . ASN B 1 46  ? -29.213 -17.133 2.424   1.00 22.84 ? 44  ASN B OD1 1 
ATOM   1040 N  ND2 . ASN B 1 46  ? -27.094 -16.489 2.026   1.00 21.52 ? 44  ASN B ND2 1 
ATOM   1041 N  N   . ASP B 1 47  ? -30.289 -13.730 -1.789  1.00 23.93 ? 45  ASP B N   1 
ATOM   1042 C  CA  . ASP B 1 47  ? -31.093 -12.651 -2.354  1.00 24.91 ? 45  ASP B CA  1 
ATOM   1043 C  C   . ASP B 1 47  ? -30.880 -11.278 -1.766  1.00 25.79 ? 45  ASP B C   1 
ATOM   1044 O  O   . ASP B 1 47  ? -31.813 -10.483 -1.704  1.00 26.12 ? 45  ASP B O   1 
ATOM   1045 C  CB  . ASP B 1 47  ? -32.568 -12.992 -2.238  1.00 24.73 ? 45  ASP B CB  1 
ATOM   1046 C  CG  . ASP B 1 47  ? -32.872 -14.350 -2.774  1.00 24.82 ? 45  ASP B CG  1 
ATOM   1047 O  OD1 . ASP B 1 47  ? -32.450 -14.615 -3.913  1.00 26.14 ? 45  ASP B OD1 1 
ATOM   1048 O  OD2 . ASP B 1 47  ? -33.522 -15.142 -2.067  1.00 24.04 ? 45  ASP B OD2 1 
ATOM   1049 N  N   . ASP B 1 48  ? -29.660 -10.994 -1.338  1.00 26.73 ? 46  ASP B N   1 
ATOM   1050 C  CA  . ASP B 1 48  ? -29.339 -9.688  -0.775  1.00 27.03 ? 46  ASP B CA  1 
ATOM   1051 C  C   . ASP B 1 48  ? -28.524 -8.948  -1.845  1.00 26.53 ? 46  ASP B C   1 
ATOM   1052 O  O   . ASP B 1 48  ? -27.303 -9.040  -1.881  1.00 26.51 ? 46  ASP B O   1 
ATOM   1053 C  CB  . ASP B 1 48  ? -28.514 -9.876  0.495   1.00 27.47 ? 46  ASP B CB  1 
ATOM   1054 C  CG  . ASP B 1 48  ? -28.458 -8.634  1.334   1.00 29.00 ? 46  ASP B CG  1 
ATOM   1055 O  OD1 . ASP B 1 48  ? -28.387 -7.528  0.758   1.00 31.26 ? 46  ASP B OD1 1 
ATOM   1056 O  OD2 . ASP B 1 48  ? -28.471 -8.764  2.575   1.00 30.60 ? 46  ASP B OD2 1 
HETATM 1057 N  N   . MSE B 1 49  ? -29.205 -8.227  -2.726  1.00 26.58 ? 47  MSE B N   1 
HETATM 1058 C  CA  . MSE B 1 49  ? -28.531 -7.515  -3.799  1.00 26.87 ? 47  MSE B CA  1 
HETATM 1059 C  C   . MSE B 1 49  ? -27.690 -6.324  -3.351  1.00 25.84 ? 47  MSE B C   1 
HETATM 1060 O  O   . MSE B 1 49  ? -26.573 -6.147  -3.832  1.00 25.78 ? 47  MSE B O   1 
HETATM 1061 C  CB  . MSE B 1 49  ? -29.547 -7.065  -4.850  1.00 29.06 ? 47  MSE B CB  1 
HETATM 1062 C  CG  . MSE B 1 49  ? -30.269 -8.207  -5.553  1.00 32.53 ? 47  MSE B CG  1 
HETATM 1063 SE SE  . MSE B 1 49  ? -29.100 -9.410  -6.556  1.00 38.84 ? 47  MSE B SE  1 
HETATM 1064 C  CE  . MSE B 1 49  ? -28.719 -10.702 -5.155  1.00 35.60 ? 47  MSE B CE  1 
ATOM   1065 N  N   . GLU B 1 50  ? -28.217 -5.516  -2.435  1.00 25.28 ? 48  GLU B N   1 
ATOM   1066 C  CA  . GLU B 1 50  ? -27.504 -4.337  -1.941  1.00 24.28 ? 48  GLU B CA  1 
ATOM   1067 C  C   . GLU B 1 50  ? -26.182 -4.700  -1.278  1.00 23.81 ? 48  GLU B C   1 
ATOM   1068 O  O   . GLU B 1 50  ? -25.177 -4.015  -1.454  1.00 22.90 ? 48  GLU B O   1 
ATOM   1069 C  CB  . GLU B 1 50  ? -28.366 -3.567  -0.939  1.00 24.19 ? 48  GLU B CB  1 
ATOM   1070 N  N   . ARG B 1 51  ? -26.180 -5.775  -0.506  1.00 23.64 ? 49  ARG B N   1 
ATOM   1071 C  CA  . ARG B 1 51  ? -24.959 -6.185  0.161   1.00 23.84 ? 49  ARG B CA  1 
ATOM   1072 C  C   . ARG B 1 51  ? -23.994 -6.881  -0.804  1.00 22.35 ? 49  ARG B C   1 
ATOM   1073 O  O   . ARG B 1 51  ? -22.791 -6.953  -0.554  1.00 22.79 ? 49  ARG B O   1 
ATOM   1074 C  CB  . ARG B 1 51  ? -25.294 -7.075  1.365   1.00 25.00 ? 49  ARG B CB  1 
ATOM   1075 C  CG  . ARG B 1 51  ? -25.938 -6.301  2.520   1.00 28.09 ? 49  ARG B CG  1 
ATOM   1076 C  CD  . ARG B 1 51  ? -26.135 -7.174  3.764   1.00 31.14 ? 49  ARG B CD  1 
ATOM   1077 N  NE  . ARG B 1 51  ? -24.930 -7.946  4.068   1.00 34.63 ? 49  ARG B NE  1 
ATOM   1078 C  CZ  . ARG B 1 51  ? -24.762 -8.704  5.151   1.00 36.29 ? 49  ARG B CZ  1 
ATOM   1079 N  NH1 . ARG B 1 51  ? -25.724 -8.802  6.060   1.00 36.93 ? 49  ARG B NH1 1 
ATOM   1080 N  NH2 . ARG B 1 51  ? -23.625 -9.378  5.321   1.00 37.25 ? 49  ARG B NH2 1 
ATOM   1081 N  N   . LYS B 1 52  ? -24.520 -7.381  -1.915  1.00 20.90 ? 50  LYS B N   1 
ATOM   1082 C  CA  . LYS B 1 52  ? -23.676 -8.039  -2.900  1.00 19.61 ? 50  LYS B CA  1 
ATOM   1083 C  C   . LYS B 1 52  ? -22.921 -6.959  -3.660  1.00 20.15 ? 50  LYS B C   1 
ATOM   1084 O  O   . LYS B 1 52  ? -21.714 -7.066  -3.900  1.00 20.21 ? 50  LYS B O   1 
ATOM   1085 C  CB  . LYS B 1 52  ? -24.506 -8.832  -3.902  1.00 17.78 ? 50  LYS B CB  1 
ATOM   1086 C  CG  . LYS B 1 52  ? -23.663 -9.338  -5.074  1.00 15.93 ? 50  LYS B CG  1 
ATOM   1087 C  CD  . LYS B 1 52  ? -24.475 -9.557  -6.336  1.00 14.81 ? 50  LYS B CD  1 
ATOM   1088 C  CE  . LYS B 1 52  ? -25.066 -8.255  -6.855  1.00 16.08 ? 50  LYS B CE  1 
ATOM   1089 N  NZ  . LYS B 1 52  ? -25.632 -8.387  -8.221  1.00 14.45 ? 50  LYS B NZ  1 
ATOM   1090 N  N   . ASN B 1 53  ? -23.651 -5.913  -4.029  1.00 19.69 ? 51  ASN B N   1 
ATOM   1091 C  CA  . ASN B 1 53  ? -23.075 -4.812  -4.782  1.00 20.66 ? 51  ASN B CA  1 
ATOM   1092 C  C   . ASN B 1 53  ? -22.019 -4.039  -3.990  1.00 19.88 ? 51  ASN B C   1 
ATOM   1093 O  O   . ASN B 1 53  ? -20.940 -3.758  -4.506  1.00 19.99 ? 51  ASN B O   1 
ATOM   1094 C  CB  . ASN B 1 53  ? -24.190 -3.873  -5.264  1.00 20.17 ? 51  ASN B CB  1 
ATOM   1095 C  CG  . ASN B 1 53  ? -23.697 -2.863  -6.272  1.00 21.59 ? 51  ASN B CG  1 
ATOM   1096 O  OD1 . ASN B 1 53  ? -23.007 -3.215  -7.235  1.00 22.61 ? 51  ASN B OD1 1 
ATOM   1097 N  ND2 . ASN B 1 53  ? -24.051 -1.596  -6.068  1.00 22.44 ? 51  ASN B ND2 1 
ATOM   1098 N  N   . GLU B 1 54  ? -22.325 -3.701  -2.741  1.00 19.23 ? 52  GLU B N   1 
ATOM   1099 C  CA  . GLU B 1 54  ? -21.383 -2.974  -1.896  1.00 19.57 ? 52  GLU B CA  1 
ATOM   1100 C  C   . GLU B 1 54  ? -20.067 -3.733  -1.734  1.00 19.20 ? 52  GLU B C   1 
ATOM   1101 O  O   . GLU B 1 54  ? -18.993 -3.163  -1.892  1.00 20.11 ? 52  GLU B O   1 
ATOM   1102 C  CB  . GLU B 1 54  ? -21.985 -2.726  -0.512  1.00 20.28 ? 52  GLU B CB  1 
ATOM   1103 C  CG  . GLU B 1 54  ? -23.114 -1.720  -0.493  1.00 21.96 ? 52  GLU B CG  1 
ATOM   1104 C  CD  . GLU B 1 54  ? -23.864 -1.709  0.826   1.00 23.94 ? 52  GLU B CD  1 
ATOM   1105 O  OE1 . GLU B 1 54  ? -24.794 -0.885  0.966   1.00 26.16 ? 52  GLU B OE1 1 
ATOM   1106 O  OE2 . GLU B 1 54  ? -23.538 -2.522  1.721   1.00 24.49 ? 52  GLU B OE2 1 
ATOM   1107 N  N   . ASN B 1 55  ? -20.153 -5.018  -1.403  1.00 18.03 ? 53  ASN B N   1 
ATOM   1108 C  CA  . ASN B 1 55  ? -18.964 -5.837  -1.223  1.00 16.70 ? 53  ASN B CA  1 
ATOM   1109 C  C   . ASN B 1 55  ? -18.131 -6.002  -2.498  1.00 15.81 ? 53  ASN B C   1 
ATOM   1110 O  O   . ASN B 1 55  ? -16.911 -5.974  -2.436  1.00 16.23 ? 53  ASN B O   1 
ATOM   1111 C  CB  . ASN B 1 55  ? -19.346 -7.217  -0.673  1.00 16.66 ? 53  ASN B CB  1 
ATOM   1112 C  CG  . ASN B 1 55  ? -19.651 -7.194  0.822   1.00 15.62 ? 53  ASN B CG  1 
ATOM   1113 O  OD1 . ASN B 1 55  ? -18.780 -6.893  1.641   1.00 14.55 ? 53  ASN B OD1 1 
ATOM   1114 N  ND2 . ASN B 1 55  ? -20.893 -7.518  1.181   1.00 14.78 ? 53  ASN B ND2 1 
ATOM   1115 N  N   . LEU B 1 56  ? -18.771 -6.201  -3.646  1.00 14.74 ? 54  LEU B N   1 
ATOM   1116 C  CA  . LEU B 1 56  ? -18.009 -6.346  -4.884  1.00 13.94 ? 54  LEU B CA  1 
ATOM   1117 C  C   . LEU B 1 56  ? -17.365 -5.015  -5.247  1.00 14.69 ? 54  LEU B C   1 
ATOM   1118 O  O   . LEU B 1 56  ? -16.243 -4.983  -5.778  1.00 14.26 ? 54  LEU B O   1 
ATOM   1119 C  CB  . LEU B 1 56  ? -18.902 -6.837  -6.027  1.00 12.08 ? 54  LEU B CB  1 
ATOM   1120 C  CG  . LEU B 1 56  ? -19.234 -8.325  -5.928  1.00 11.37 ? 54  LEU B CG  1 
ATOM   1121 C  CD1 . LEU B 1 56  ? -20.181 -8.756  -7.044  1.00 8.81  ? 54  LEU B CD1 1 
ATOM   1122 C  CD2 . LEU B 1 56  ? -17.914 -9.106  -5.985  1.00 9.49  ? 54  LEU B CD2 1 
ATOM   1123 N  N   . ILE B 1 57  ? -18.064 -3.919  -4.957  1.00 14.92 ? 55  ILE B N   1 
ATOM   1124 C  CA  . ILE B 1 57  ? -17.513 -2.598  -5.234  1.00 16.09 ? 55  ILE B CA  1 
ATOM   1125 C  C   . ILE B 1 57  ? -16.248 -2.429  -4.396  1.00 16.76 ? 55  ILE B C   1 
ATOM   1126 O  O   . ILE B 1 57  ? -15.252 -1.884  -4.868  1.00 17.29 ? 55  ILE B O   1 
ATOM   1127 C  CB  . ILE B 1 57  ? -18.498 -1.468  -4.880  1.00 15.94 ? 55  ILE B CB  1 
ATOM   1128 C  CG1 . ILE B 1 57  ? -19.659 -1.457  -5.878  1.00 16.47 ? 55  ILE B CG1 1 
ATOM   1129 C  CG2 . ILE B 1 57  ? -17.781 -0.129  -4.914  1.00 14.51 ? 55  ILE B CG2 1 
ATOM   1130 C  CD1 . ILE B 1 57  ? -20.791 -0.495  -5.513  1.00 16.48 ? 55  ILE B CD1 1 
ATOM   1131 N  N   . LYS B 1 58  ? -16.285 -2.913  -3.158  1.00 16.92 ? 56  LYS B N   1 
ATOM   1132 C  CA  . LYS B 1 58  ? -15.127 -2.808  -2.278  1.00 16.56 ? 56  LYS B CA  1 
ATOM   1133 C  C   . LYS B 1 58  ? -14.003 -3.764  -2.682  1.00 16.17 ? 56  LYS B C   1 
ATOM   1134 O  O   . LYS B 1 58  ? -12.825 -3.420  -2.586  1.00 16.06 ? 56  LYS B O   1 
ATOM   1135 C  CB  . LYS B 1 58  ? -15.554 -3.034  -0.826  1.00 16.02 ? 56  LYS B CB  1 
ATOM   1136 C  CG  . LYS B 1 58  ? -16.077 -1.752  -0.174  1.00 19.10 ? 56  LYS B CG  1 
ATOM   1137 C  CD  . LYS B 1 58  ? -16.610 -1.952  1.247   1.00 19.67 ? 56  LYS B CD  1 
ATOM   1138 C  CE  . LYS B 1 58  ? -17.944 -2.664  1.234   1.00 21.30 ? 56  LYS B CE  1 
ATOM   1139 N  NZ  . LYS B 1 58  ? -18.526 -2.789  2.605   1.00 24.50 ? 56  LYS B NZ  1 
ATOM   1140 N  N   . ALA B 1 59  ? -14.364 -4.956  -3.147  1.00 15.38 ? 57  ALA B N   1 
ATOM   1141 C  CA  . ALA B 1 59  ? -13.365 -5.928  -3.577  1.00 14.90 ? 57  ALA B CA  1 
ATOM   1142 C  C   . ALA B 1 59  ? -12.687 -5.333  -4.800  1.00 15.32 ? 57  ALA B C   1 
ATOM   1143 O  O   . ALA B 1 59  ? -11.477 -5.449  -4.993  1.00 16.54 ? 57  ALA B O   1 
ATOM   1144 C  CB  . ALA B 1 59  ? -14.030 -7.239  -3.943  1.00 13.75 ? 57  ALA B CB  1 
ATOM   1145 N  N   . GLN B 1 60  ? -13.489 -4.688  -5.630  1.00 14.79 ? 58  GLN B N   1 
ATOM   1146 C  CA  . GLN B 1 60  ? -12.984 -4.062  -6.830  1.00 13.41 ? 58  GLN B CA  1 
ATOM   1147 C  C   . GLN B 1 60  ? -12.052 -2.898  -6.530  1.00 12.79 ? 58  GLN B C   1 
ATOM   1148 O  O   . GLN B 1 60  ? -11.117 -2.640  -7.284  1.00 12.68 ? 58  GLN B O   1 
ATOM   1149 C  CB  . GLN B 1 60  ? -14.156 -3.566  -7.662  1.00 13.28 ? 58  GLN B CB  1 
ATOM   1150 C  CG  . GLN B 1 60  ? -14.946 -4.679  -8.309  1.00 14.40 ? 58  GLN B CG  1 
ATOM   1151 C  CD  . GLN B 1 60  ? -16.282 -4.204  -8.834  1.00 13.88 ? 58  GLN B CD  1 
ATOM   1152 O  OE1 . GLN B 1 60  ? -16.499 -3.003  -9.033  1.00 12.47 ? 58  GLN B OE1 1 
ATOM   1153 N  NE2 . GLN B 1 60  ? -17.185 -5.148  -9.072  1.00 14.76 ? 58  GLN B NE2 1 
ATOM   1154 N  N   . ASN B 1 61  ? -12.315 -2.189  -5.436  1.00 12.19 ? 59  ASN B N   1 
ATOM   1155 C  CA  . ASN B 1 61  ? -11.511 -1.037  -5.075  1.00 12.68 ? 59  ASN B CA  1 
ATOM   1156 C  C   . ASN B 1 61  ? -10.130 -1.416  -4.605  1.00 13.78 ? 59  ASN B C   1 
ATOM   1157 O  O   . ASN B 1 61  ? -9.163  -0.694  -4.849  1.00 14.82 ? 59  ASN B O   1 
ATOM   1158 C  CB  . ASN B 1 61  ? -12.200 -0.222  -4.001  1.00 12.21 ? 59  ASN B CB  1 
ATOM   1159 C  CG  . ASN B 1 61  ? -13.392 0.525   -4.529  1.00 12.65 ? 59  ASN B CG  1 
ATOM   1160 O  OD1 . ASN B 1 61  ? -13.641 0.544   -5.742  1.00 13.78 ? 59  ASN B OD1 1 
ATOM   1161 N  ND2 . ASN B 1 61  ? -14.139 1.155   -3.629  1.00 10.15 ? 59  ASN B ND2 1 
ATOM   1162 N  N   . ILE B 1 62  ? -10.040 -2.549  -3.925  1.00 13.66 ? 60  ILE B N   1 
ATOM   1163 C  CA  . ILE B 1 62  ? -8.768  -3.026  -3.437  1.00 13.75 ? 60  ILE B CA  1 
ATOM   1164 C  C   . ILE B 1 62  ? -7.902  -3.401  -4.630  1.00 14.65 ? 60  ILE B C   1 
ATOM   1165 O  O   . ILE B 1 62  ? -6.753  -2.984  -4.731  1.00 15.10 ? 60  ILE B O   1 
ATOM   1166 C  CB  . ILE B 1 62  ? -8.972  -4.233  -2.495  1.00 12.61 ? 60  ILE B CB  1 
ATOM   1167 C  CG1 . ILE B 1 62  ? -9.350  -3.719  -1.103  1.00 10.93 ? 60  ILE B CG1 1 
ATOM   1168 C  CG2 . ILE B 1 62  ? -7.718  -5.094  -2.455  1.00 12.22 ? 60  ILE B CG2 1 
ATOM   1169 C  CD1 . ILE B 1 62  ? -9.739  -4.801  -0.123  1.00 12.38 ? 60  ILE B CD1 1 
ATOM   1170 N  N   . ILE B 1 63  ? -8.471  -4.179  -5.541  1.00 15.43 ? 61  ILE B N   1 
ATOM   1171 C  CA  . ILE B 1 63  ? -7.755  -4.607  -6.729  1.00 16.06 ? 61  ILE B CA  1 
ATOM   1172 C  C   . ILE B 1 63  ? -7.199  -3.400  -7.492  1.00 17.24 ? 61  ILE B C   1 
ATOM   1173 O  O   . ILE B 1 63  ? -6.046  -3.404  -7.932  1.00 16.78 ? 61  ILE B O   1 
ATOM   1174 C  CB  . ILE B 1 63  ? -8.689  -5.424  -7.646  1.00 15.07 ? 61  ILE B CB  1 
ATOM   1175 C  CG1 . ILE B 1 63  ? -9.181  -6.651  -6.890  1.00 15.31 ? 61  ILE B CG1 1 
ATOM   1176 C  CG2 . ILE B 1 63  ? -7.964  -5.836  -8.915  1.00 12.93 ? 61  ILE B CG2 1 
ATOM   1177 C  CD1 . ILE B 1 63  ? -10.130 -7.515  -7.687  1.00 17.89 ? 61  ILE B CD1 1 
ATOM   1178 N  N   . GLN B 1 64  ? -8.025  -2.371  -7.654  1.00 18.57 ? 62  GLN B N   1 
ATOM   1179 C  CA  . GLN B 1 64  ? -7.604  -1.168  -8.358  1.00 18.71 ? 62  GLN B CA  1 
ATOM   1180 C  C   . GLN B 1 64  ? -6.522  -0.432  -7.568  1.00 17.82 ? 62  GLN B C   1 
ATOM   1181 O  O   . GLN B 1 64  ? -5.661  0.226   -8.155  1.00 18.24 ? 62  GLN B O   1 
ATOM   1182 C  CB  . GLN B 1 64  ? -8.800  -0.252  -8.596  1.00 19.69 ? 62  GLN B CB  1 
ATOM   1183 C  CG  . GLN B 1 64  ? -9.756  -0.756  -9.637  1.00 22.71 ? 62  GLN B CG  1 
ATOM   1184 C  CD  . GLN B 1 64  ? -9.116  -0.915  -11.013 1.00 25.56 ? 62  GLN B CD  1 
ATOM   1185 O  OE1 . GLN B 1 64  ? -8.340  -1.843  -11.256 1.00 26.97 ? 62  GLN B OE1 1 
ATOM   1186 N  NE2 . GLN B 1 64  ? -9.443  -0.004  -11.921 1.00 26.42 ? 62  GLN B NE2 1 
ATOM   1187 N  N   . GLU B 1 65  ? -6.565  -0.547  -6.244  1.00 16.55 ? 63  GLU B N   1 
ATOM   1188 C  CA  . GLU B 1 65  ? -5.570  0.093   -5.383  1.00 16.54 ? 63  GLU B CA  1 
ATOM   1189 C  C   . GLU B 1 65  ? -4.224  -0.587  -5.608  1.00 16.53 ? 63  GLU B C   1 
ATOM   1190 O  O   . GLU B 1 65  ? -3.184  0.068   -5.701  1.00 17.36 ? 63  GLU B O   1 
ATOM   1191 C  CB  . GLU B 1 65  ? -5.980  -0.042  -3.916  1.00 16.96 ? 63  GLU B CB  1 
ATOM   1192 C  CG  . GLU B 1 65  ? -4.977  0.500   -2.912  1.00 17.78 ? 63  GLU B CG  1 
ATOM   1193 C  CD  . GLU B 1 65  ? -4.707  1.979   -3.091  1.00 19.81 ? 63  GLU B CD  1 
ATOM   1194 O  OE1 . GLU B 1 65  ? -5.669  2.774   -3.135  1.00 19.54 ? 63  GLU B OE1 1 
ATOM   1195 O  OE2 . GLU B 1 65  ? -3.519  2.353   -3.184  1.00 22.41 ? 63  GLU B OE2 1 
ATOM   1196 N  N   . LEU B 1 66  ? -4.252  -1.911  -5.700  1.00 15.80 ? 64  LEU B N   1 
ATOM   1197 C  CA  . LEU B 1 66  ? -3.041  -2.689  -5.926  1.00 15.48 ? 64  LEU B CA  1 
ATOM   1198 C  C   . LEU B 1 66  ? -2.547  -2.455  -7.338  1.00 16.25 ? 64  LEU B C   1 
ATOM   1199 O  O   . LEU B 1 66  ? -1.342  -2.302  -7.574  1.00 15.60 ? 64  LEU B O   1 
ATOM   1200 C  CB  . LEU B 1 66  ? -3.323  -4.181  -5.733  1.00 13.71 ? 64  LEU B CB  1 
ATOM   1201 C  CG  . LEU B 1 66  ? -3.618  -4.560  -4.286  1.00 14.07 ? 64  LEU B CG  1 
ATOM   1202 C  CD1 . LEU B 1 66  ? -4.180  -5.986  -4.207  1.00 12.91 ? 64  LEU B CD1 1 
ATOM   1203 C  CD2 . LEU B 1 66  ? -2.331  -4.408  -3.475  1.00 13.10 ? 64  LEU B CD2 1 
ATOM   1204 N  N   . ASN B 1 67  ? -3.491  -2.436  -8.275  1.00 16.92 ? 65  ASN B N   1 
ATOM   1205 C  CA  . ASN B 1 67  ? -3.177  -2.237  -9.685  1.00 17.55 ? 65  ASN B CA  1 
ATOM   1206 C  C   . ASN B 1 67  ? -2.477  -0.902  -9.914  1.00 17.15 ? 65  ASN B C   1 
ATOM   1207 O  O   . ASN B 1 67  ? -1.476  -0.835  -10.625 1.00 16.58 ? 65  ASN B O   1 
ATOM   1208 C  CB  . ASN B 1 67  ? -4.459  -2.300  -10.515 1.00 18.82 ? 65  ASN B CB  1 
ATOM   1209 C  CG  . ASN B 1 67  ? -4.183  -2.465  -11.994 1.00 19.26 ? 65  ASN B CG  1 
ATOM   1210 O  OD1 . ASN B 1 67  ? -4.743  -1.746  -12.816 1.00 19.27 ? 65  ASN B OD1 1 
ATOM   1211 N  ND2 . ASN B 1 67  ? -3.307  -3.401  -12.340 1.00 20.35 ? 65  ASN B ND2 1 
ATOM   1212 N  N   . PHE B 1 68  ? -2.997  0.153   -9.293  1.00 16.30 ? 66  PHE B N   1 
ATOM   1213 C  CA  . PHE B 1 68  ? -2.410  1.476   -9.445  1.00 16.80 ? 66  PHE B CA  1 
ATOM   1214 C  C   . PHE B 1 68  ? -0.990  1.529   -8.908  1.00 16.79 ? 66  PHE B C   1 
ATOM   1215 O  O   . PHE B 1 68  ? -0.080  2.017   -9.581  1.00 15.92 ? 66  PHE B O   1 
ATOM   1216 C  CB  . PHE B 1 68  ? -3.232  2.530   -8.712  1.00 17.77 ? 66  PHE B CB  1 
ATOM   1217 C  CG  . PHE B 1 68  ? -2.752  3.921   -8.958  1.00 18.03 ? 66  PHE B CG  1 
ATOM   1218 C  CD1 . PHE B 1 68  ? -3.180  4.627   -10.074 1.00 17.64 ? 66  PHE B CD1 1 
ATOM   1219 C  CD2 . PHE B 1 68  ? -1.796  4.494   -8.125  1.00 17.99 ? 66  PHE B CD2 1 
ATOM   1220 C  CE1 . PHE B 1 68  ? -2.655  5.881   -10.361 1.00 18.27 ? 66  PHE B CE1 1 
ATOM   1221 C  CE2 . PHE B 1 68  ? -1.266  5.747   -8.406  1.00 17.56 ? 66  PHE B CE2 1 
ATOM   1222 C  CZ  . PHE B 1 68  ? -1.693  6.441   -9.528  1.00 17.11 ? 66  PHE B CZ  1 
ATOM   1223 N  N   . THR B 1 69  ? -0.814  1.036   -7.686  1.00 16.75 ? 67  THR B N   1 
ATOM   1224 C  CA  . THR B 1 69  ? 0.490   1.027   -7.046  1.00 16.24 ? 67  THR B CA  1 
ATOM   1225 C  C   . THR B 1 69  ? 1.503   0.179   -7.800  1.00 14.81 ? 67  THR B C   1 
ATOM   1226 O  O   . THR B 1 69  ? 2.652   0.575   -7.944  1.00 15.02 ? 67  THR B O   1 
ATOM   1227 C  CB  . THR B 1 69  ? 0.389   0.528   -5.593  1.00 17.22 ? 67  THR B CB  1 
ATOM   1228 O  OG1 . THR B 1 69  ? -0.463  1.410   -4.860  1.00 18.88 ? 67  THR B OG1 1 
ATOM   1229 C  CG2 . THR B 1 69  ? 1.768   0.511   -4.925  1.00 17.82 ? 67  THR B CG2 1 
ATOM   1230 N  N   . LEU B 1 70  ? 1.084   -0.984  -8.280  1.00 14.62 ? 68  LEU B N   1 
ATOM   1231 C  CA  . LEU B 1 70  ? 1.990   -1.859  -9.020  1.00 14.52 ? 68  LEU B CA  1 
ATOM   1232 C  C   . LEU B 1 70  ? 2.521   -1.143  -10.251 1.00 14.72 ? 68  LEU B C   1 
ATOM   1233 O  O   . LEU B 1 70  ? 3.731   -1.066  -10.473 1.00 14.31 ? 68  LEU B O   1 
ATOM   1234 C  CB  . LEU B 1 70  ? 1.267   -3.130  -9.465  1.00 14.38 ? 68  LEU B CB  1 
ATOM   1235 C  CG  . LEU B 1 70  ? 1.973   -4.037  -10.476 1.00 14.74 ? 68  LEU B CG  1 
ATOM   1236 C  CD1 . LEU B 1 70  ? 2.775   -5.105  -9.758  1.00 15.54 ? 68  LEU B CD1 1 
ATOM   1237 C  CD2 . LEU B 1 70  ? 0.932   -4.689  -11.365 1.00 15.06 ? 68  LEU B CD2 1 
ATOM   1238 N  N   . ASN B 1 71  ? 1.604   -0.613  -11.050 1.00 14.85 ? 69  ASN B N   1 
ATOM   1239 C  CA  . ASN B 1 71  ? 1.995   0.066   -12.272 1.00 14.77 ? 69  ASN B CA  1 
ATOM   1240 C  C   . ASN B 1 71  ? 2.877   1.279   -12.040 1.00 13.45 ? 69  ASN B C   1 
ATOM   1241 O  O   . ASN B 1 71  ? 3.871   1.452   -12.726 1.00 12.84 ? 69  ASN B O   1 
ATOM   1242 C  CB  . ASN B 1 71  ? 0.753   0.438   -13.088 1.00 15.26 ? 69  ASN B CB  1 
ATOM   1243 C  CG  . ASN B 1 71  ? 0.043   -0.783  -13.624 1.00 17.81 ? 69  ASN B CG  1 
ATOM   1244 O  OD1 . ASN B 1 71  ? 0.661   -1.642  -14.256 1.00 19.52 ? 69  ASN B OD1 1 
ATOM   1245 N  ND2 . ASN B 1 71  ? -1.262  -0.875  -13.374 1.00 19.68 ? 69  ASN B ND2 1 
ATOM   1246 N  N   . ARG B 1 72  ? 2.533   2.115   -11.073 1.00 14.26 ? 70  ARG B N   1 
ATOM   1247 C  CA  . ARG B 1 72  ? 3.360   3.284   -10.821 1.00 14.19 ? 70  ARG B CA  1 
ATOM   1248 C  C   . ARG B 1 72  ? 4.720   2.865   -10.289 1.00 13.87 ? 70  ARG B C   1 
ATOM   1249 O  O   . ARG B 1 72  ? 5.731   3.460   -10.646 1.00 13.91 ? 70  ARG B O   1 
ATOM   1250 C  CB  . ARG B 1 72  ? 2.701   4.247   -9.834  1.00 13.68 ? 70  ARG B CB  1 
ATOM   1251 C  CG  . ARG B 1 72  ? 3.600   5.443   -9.537  1.00 14.61 ? 70  ARG B CG  1 
ATOM   1252 C  CD  . ARG B 1 72  ? 2.875   6.585   -8.855  1.00 14.30 ? 70  ARG B CD  1 
ATOM   1253 N  NE  . ARG B 1 72  ? 3.741   7.755   -8.741  1.00 15.05 ? 70  ARG B NE  1 
ATOM   1254 C  CZ  . ARG B 1 72  ? 4.255   8.420   -9.776  1.00 14.67 ? 70  ARG B CZ  1 
ATOM   1255 N  NH1 . ARG B 1 72  ? 3.989   8.034   -11.020 1.00 13.35 ? 70  ARG B NH1 1 
ATOM   1256 N  NH2 . ARG B 1 72  ? 5.046   9.466   -9.565  1.00 13.81 ? 70  ARG B NH2 1 
ATOM   1257 N  N   . ASN B 1 73  ? 4.750   1.838   -9.444  1.00 14.03 ? 71  ASN B N   1 
ATOM   1258 C  CA  . ASN B 1 73  ? 6.012   1.370   -8.888  1.00 14.14 ? 71  ASN B CA  1 
ATOM   1259 C  C   . ASN B 1 73  ? 6.942   0.812   -9.954  1.00 14.65 ? 71  ASN B C   1 
ATOM   1260 O  O   . ASN B 1 73  ? 8.160   0.948   -9.840  1.00 14.77 ? 71  ASN B O   1 
ATOM   1261 C  CB  . ASN B 1 73  ? 5.781   0.327   -7.792  1.00 13.83 ? 71  ASN B CB  1 
ATOM   1262 C  CG  . ASN B 1 73  ? 5.522   0.963   -6.433  1.00 13.84 ? 71  ASN B CG  1 
ATOM   1263 O  OD1 . ASN B 1 73  ? 5.872   2.124   -6.211  1.00 14.82 ? 71  ASN B OD1 1 
ATOM   1264 N  ND2 . ASN B 1 73  ? 4.927   0.208   -5.519  1.00 12.38 ? 71  ASN B ND2 1 
ATOM   1265 N  N   . ILE B 1 74  ? 6.374   0.200   -10.989 1.00 14.91 ? 72  ILE B N   1 
ATOM   1266 C  CA  . ILE B 1 74  ? 7.183   -0.346  -12.075 1.00 15.66 ? 72  ILE B CA  1 
ATOM   1267 C  C   . ILE B 1 74  ? 7.798   0.793   -12.886 1.00 16.41 ? 72  ILE B C   1 
ATOM   1268 O  O   . ILE B 1 74  ? 8.895   0.661   -13.424 1.00 17.09 ? 72  ILE B O   1 
ATOM   1269 C  CB  . ILE B 1 74  ? 6.350   -1.266  -13.005 1.00 15.01 ? 72  ILE B CB  1 
ATOM   1270 C  CG1 . ILE B 1 74  ? 5.977   -2.551  -12.254 1.00 15.49 ? 72  ILE B CG1 1 
ATOM   1271 C  CG2 . ILE B 1 74  ? 7.135   -1.604  -14.261 1.00 14.13 ? 72  ILE B CG2 1 
ATOM   1272 C  CD1 . ILE B 1 74  ? 5.281   -3.605  -13.101 1.00 14.03 ? 72  ILE B CD1 1 
ATOM   1273 N  N   . GLU B 1 75  ? 7.095   1.917   -12.964 1.00 17.66 ? 73  GLU B N   1 
ATOM   1274 C  CA  . GLU B 1 75  ? 7.602   3.074   -13.699 1.00 18.96 ? 73  GLU B CA  1 
ATOM   1275 C  C   . GLU B 1 75  ? 8.729   3.743   -12.906 1.00 18.37 ? 73  GLU B C   1 
ATOM   1276 O  O   . GLU B 1 75  ? 9.726   4.176   -13.483 1.00 17.81 ? 73  GLU B O   1 
ATOM   1277 C  CB  . GLU B 1 75  ? 6.487   4.090   -13.957 1.00 20.20 ? 73  GLU B CB  1 
ATOM   1278 C  CG  . GLU B 1 75  ? 5.234   3.488   -14.524 1.00 24.28 ? 73  GLU B CG  1 
ATOM   1279 C  CD  . GLU B 1 75  ? 4.224   4.535   -14.960 1.00 28.11 ? 73  GLU B CD  1 
ATOM   1280 O  OE1 . GLU B 1 75  ? 3.022   4.197   -15.050 1.00 30.00 ? 73  GLU B OE1 1 
ATOM   1281 O  OE2 . GLU B 1 75  ? 4.629   5.691   -15.226 1.00 29.36 ? 73  GLU B OE2 1 
ATOM   1282 N  N   . LEU B 1 76  ? 8.565   3.829   -11.587 1.00 17.70 ? 74  LEU B N   1 
ATOM   1283 C  CA  . LEU B 1 76  ? 9.583   4.434   -10.733 1.00 17.11 ? 74  LEU B CA  1 
ATOM   1284 C  C   . LEU B 1 76  ? 10.840  3.577   -10.766 1.00 16.52 ? 74  LEU B C   1 
ATOM   1285 O  O   . LEU B 1 76  ? 11.958  4.076   -10.625 1.00 15.96 ? 74  LEU B O   1 
ATOM   1286 C  CB  . LEU B 1 76  ? 9.061   4.567   -9.300  1.00 17.15 ? 74  LEU B CB  1 
ATOM   1287 C  CG  . LEU B 1 76  ? 7.933   5.594   -9.117  1.00 17.79 ? 74  LEU B CG  1 
ATOM   1288 C  CD1 . LEU B 1 76  ? 7.302   5.461   -7.736  1.00 16.52 ? 74  LEU B CD1 1 
ATOM   1289 C  CD2 . LEU B 1 76  ? 8.488   6.991   -9.315  1.00 16.90 ? 74  LEU B CD2 1 
ATOM   1290 N  N   . SER B 1 77  ? 10.637  2.277   -10.961 1.00 17.39 ? 75  SER B N   1 
ATOM   1291 C  CA  . SER B 1 77  ? 11.715  1.299   -11.049 1.00 16.84 ? 75  SER B CA  1 
ATOM   1292 C  C   . SER B 1 77  ? 12.665  1.241   -9.846  1.00 17.28 ? 75  SER B C   1 
ATOM   1293 O  O   . SER B 1 77  ? 12.467  1.920   -8.832  1.00 17.08 ? 75  SER B O   1 
ATOM   1294 C  CB  . SER B 1 77  ? 12.519  1.530   -12.332 1.00 16.21 ? 75  SER B CB  1 
ATOM   1295 O  OG  . SER B 1 77  ? 13.229  2.757   -12.278 1.00 16.32 ? 75  SER B OG  1 
ATOM   1296 N  N   . ALA B 1 78  ? 13.707  0.425   -9.986  1.00 17.52 ? 76  ALA B N   1 
ATOM   1297 C  CA  . ALA B 1 78  ? 14.689  0.196   -8.932  1.00 17.94 ? 76  ALA B CA  1 
ATOM   1298 C  C   . ALA B 1 78  ? 15.389  1.430   -8.375  1.00 18.25 ? 76  ALA B C   1 
ATOM   1299 O  O   . ALA B 1 78  ? 15.835  1.428   -7.224  1.00 19.50 ? 76  ALA B O   1 
ATOM   1300 C  CB  . ALA B 1 78  ? 15.729  -0.806  -9.410  1.00 16.59 ? 76  ALA B CB  1 
ATOM   1301 N  N   . SER B 1 79  ? 15.503  2.482   -9.172  1.00 17.34 ? 77  SER B N   1 
ATOM   1302 C  CA  . SER B 1 79  ? 16.176  3.663   -8.675  1.00 16.34 ? 77  SER B CA  1 
ATOM   1303 C  C   . SER B 1 79  ? 15.376  4.275   -7.525  1.00 16.47 ? 77  SER B C   1 
ATOM   1304 O  O   . SER B 1 79  ? 15.952  4.880   -6.618  1.00 16.54 ? 77  SER B O   1 
ATOM   1305 C  CB  . SER B 1 79  ? 16.379  4.666   -9.801  1.00 15.22 ? 77  SER B CB  1 
ATOM   1306 O  OG  . SER B 1 79  ? 15.136  5.076   -10.315 1.00 17.47 ? 77  SER B OG  1 
HETATM 1307 N  N   . MSE B 1 80  ? 14.057  4.103   -7.548  1.00 16.38 ? 78  MSE B N   1 
HETATM 1308 C  CA  . MSE B 1 80  ? 13.210  4.629   -6.481  1.00 17.29 ? 78  MSE B CA  1 
HETATM 1309 C  C   . MSE B 1 80  ? 13.432  3.777   -5.232  1.00 16.62 ? 78  MSE B C   1 
HETATM 1310 O  O   . MSE B 1 80  ? 13.324  4.257   -4.101  1.00 14.67 ? 78  MSE B O   1 
HETATM 1311 C  CB  . MSE B 1 80  ? 11.738  4.572   -6.892  1.00 20.84 ? 78  MSE B CB  1 
HETATM 1312 C  CG  . MSE B 1 80  ? 10.759  5.069   -5.838  1.00 24.22 ? 78  MSE B CG  1 
HETATM 1313 SE SE  . MSE B 1 80  ? 11.149  6.858   -5.172  1.00 32.84 ? 78  MSE B SE  1 
HETATM 1314 C  CE  . MSE B 1 80  ? 11.019  7.871   -6.817  1.00 29.32 ? 78  MSE B CE  1 
ATOM   1315 N  N   . GLY B 1 81  ? 13.735  2.503   -5.455  1.00 16.38 ? 79  GLY B N   1 
ATOM   1316 C  CA  . GLY B 1 81  ? 13.989  1.597   -4.356  1.00 17.36 ? 79  GLY B CA  1 
ATOM   1317 C  C   . GLY B 1 81  ? 15.303  1.981   -3.694  1.00 18.15 ? 79  GLY B C   1 
ATOM   1318 O  O   . GLY B 1 81  ? 15.452  1.852   -2.474  1.00 18.16 ? 79  GLY B O   1 
ATOM   1319 N  N   . ALA B 1 82  ? 16.254  2.452   -4.501  1.00 17.76 ? 80  ALA B N   1 
ATOM   1320 C  CA  . ALA B 1 82  ? 17.559  2.872   -3.988  1.00 17.83 ? 80  ALA B CA  1 
ATOM   1321 C  C   . ALA B 1 82  ? 17.354  4.147   -3.179  1.00 18.05 ? 80  ALA B C   1 
ATOM   1322 O  O   . ALA B 1 82  ? 18.051  4.399   -2.203  1.00 17.50 ? 80  ALA B O   1 
ATOM   1323 C  CB  . ALA B 1 82  ? 18.522  3.127   -5.139  1.00 15.52 ? 80  ALA B CB  1 
HETATM 1324 N  N   . MSE B 1 83  ? 16.380  4.944   -3.607  1.00 19.63 ? 81  MSE B N   1 
HETATM 1325 C  CA  . MSE B 1 83  ? 16.027  6.196   -2.949  1.00 20.63 ? 81  MSE B CA  1 
HETATM 1326 C  C   . MSE B 1 83  ? 15.494  5.914   -1.533  1.00 19.46 ? 81  MSE B C   1 
HETATM 1327 O  O   . MSE B 1 83  ? 15.844  6.605   -0.578  1.00 18.34 ? 81  MSE B O   1 
HETATM 1328 C  CB  . MSE B 1 83  ? 14.958  6.905   -3.771  1.00 24.36 ? 81  MSE B CB  1 
HETATM 1329 C  CG  . MSE B 1 83  ? 15.114  8.396   -3.801  1.00 31.52 ? 81  MSE B CG  1 
HETATM 1330 SE SE  . MSE B 1 83  ? 16.725  8.907   -4.722  1.00 39.29 ? 81  MSE B SE  1 
HETATM 1331 C  CE  . MSE B 1 83  ? 16.149  10.646  -5.345  1.00 35.97 ? 81  MSE B CE  1 
ATOM   1332 N  N   . TYR B 1 84  ? 14.637  4.901   -1.416  1.00 18.26 ? 82  TYR B N   1 
ATOM   1333 C  CA  . TYR B 1 84  ? 14.074  4.504   -0.127  1.00 17.56 ? 82  TYR B CA  1 
ATOM   1334 C  C   . TYR B 1 84  ? 15.195  4.045   0.809   1.00 17.00 ? 82  TYR B C   1 
ATOM   1335 O  O   . TYR B 1 84  ? 15.271  4.480   1.951   1.00 15.76 ? 82  TYR B O   1 
ATOM   1336 C  CB  . TYR B 1 84  ? 13.078  3.357   -0.312  1.00 17.06 ? 82  TYR B CB  1 
ATOM   1337 C  CG  . TYR B 1 84  ? 11.747  3.762   -0.887  1.00 16.27 ? 82  TYR B CG  1 
ATOM   1338 C  CD1 . TYR B 1 84  ? 11.067  2.929   -1.773  1.00 15.06 ? 82  TYR B CD1 1 
ATOM   1339 C  CD2 . TYR B 1 84  ? 11.161  4.975   -0.545  1.00 15.28 ? 82  TYR B CD2 1 
ATOM   1340 C  CE1 . TYR B 1 84  ? 9.844   3.300   -2.303  1.00 14.40 ? 82  TYR B CE1 1 
ATOM   1341 C  CE2 . TYR B 1 84  ? 9.938   5.352   -1.070  1.00 14.19 ? 82  TYR B CE2 1 
ATOM   1342 C  CZ  . TYR B 1 84  ? 9.289   4.516   -1.945  1.00 14.17 ? 82  TYR B CZ  1 
ATOM   1343 O  OH  . TYR B 1 84  ? 8.089   4.902   -2.474  1.00 14.31 ? 82  TYR B OH  1 
ATOM   1344 N  N   . ASP B 1 85  ? 16.056  3.156   0.318   1.00 17.06 ? 83  ASP B N   1 
ATOM   1345 C  CA  . ASP B 1 85  ? 17.162  2.659   1.122   1.00 17.77 ? 83  ASP B CA  1 
ATOM   1346 C  C   . ASP B 1 85  ? 17.928  3.816   1.727   1.00 16.70 ? 83  ASP B C   1 
ATOM   1347 O  O   . ASP B 1 85  ? 18.221  3.818   2.920   1.00 16.00 ? 83  ASP B O   1 
ATOM   1348 C  CB  . ASP B 1 85  ? 18.122  1.808   0.282   1.00 20.49 ? 83  ASP B CB  1 
ATOM   1349 C  CG  . ASP B 1 85  ? 17.515  0.486   -0.134  1.00 23.41 ? 83  ASP B CG  1 
ATOM   1350 O  OD1 . ASP B 1 85  ? 16.805  -0.123  0.698   1.00 25.82 ? 83  ASP B OD1 1 
ATOM   1351 O  OD2 . ASP B 1 85  ? 17.755  0.049   -1.284  1.00 25.13 ? 83  ASP B OD2 1 
ATOM   1352 N  N   . TYR B 1 86  ? 18.251  4.801   0.901   1.00 15.87 ? 84  TYR B N   1 
ATOM   1353 C  CA  . TYR B 1 86  ? 18.983  5.960   1.377   1.00 17.41 ? 84  TYR B CA  1 
ATOM   1354 C  C   . TYR B 1 86  ? 18.244  6.675   2.510   1.00 18.95 ? 84  TYR B C   1 
ATOM   1355 O  O   . TYR B 1 86  ? 18.822  6.951   3.565   1.00 18.46 ? 84  TYR B O   1 
ATOM   1356 C  CB  . TYR B 1 86  ? 19.218  6.945   0.238   1.00 15.57 ? 84  TYR B CB  1 
ATOM   1357 C  CG  . TYR B 1 86  ? 19.904  8.214   0.690   1.00 15.65 ? 84  TYR B CG  1 
ATOM   1358 C  CD1 . TYR B 1 86  ? 21.233  8.202   1.110   1.00 14.94 ? 84  TYR B CD1 1 
ATOM   1359 C  CD2 . TYR B 1 86  ? 19.222  9.431   0.706   1.00 14.89 ? 84  TYR B CD2 1 
ATOM   1360 C  CE1 . TYR B 1 86  ? 21.864  9.374   1.534   1.00 14.50 ? 84  TYR B CE1 1 
ATOM   1361 C  CE2 . TYR B 1 86  ? 19.840  10.603  1.126   1.00 14.29 ? 84  TYR B CE2 1 
ATOM   1362 C  CZ  . TYR B 1 86  ? 21.159  10.570  1.537   1.00 14.54 ? 84  TYR B CZ  1 
ATOM   1363 O  OH  . TYR B 1 86  ? 21.774  11.735  1.942   1.00 14.57 ? 84  TYR B OH  1 
HETATM 1364 N  N   . MSE B 1 87  ? 16.967  6.973   2.276   1.00 20.68 ? 85  MSE B N   1 
HETATM 1365 C  CA  . MSE B 1 87  ? 16.140  7.673   3.255   1.00 22.47 ? 85  MSE B CA  1 
HETATM 1366 C  C   . MSE B 1 87  ? 16.068  6.899   4.542   1.00 22.35 ? 85  MSE B C   1 
HETATM 1367 O  O   . MSE B 1 87  ? 16.234  7.463   5.627   1.00 23.25 ? 85  MSE B O   1 
HETATM 1368 C  CB  . MSE B 1 87  ? 14.723  7.881   2.721   1.00 24.88 ? 85  MSE B CB  1 
HETATM 1369 C  CG  A MSE B 1 87  ? 14.754  8.741   1.472   0.50 26.82 ? 85  MSE B CG  1 
HETATM 1370 C  CG  B MSE B 1 87  ? 14.618  8.426   1.328   0.50 25.37 ? 85  MSE B CG  1 
HETATM 1371 SE SE  A MSE B 1 87  ? 13.053  9.138   0.729   0.50 31.81 ? 85  MSE B SE  1 
HETATM 1372 SE SE  B MSE B 1 87  ? 15.351  10.165  1.247   0.50 28.02 ? 85  MSE B SE  1 
HETATM 1373 C  CE  A MSE B 1 87  ? 12.812  7.525   -0.263  0.50 29.75 ? 85  MSE B CE  1 
HETATM 1374 C  CE  B MSE B 1 87  ? 15.912  10.138  -0.610  0.50 27.19 ? 85  MSE B CE  1 
ATOM   1375 N  N   . TYR B 1 88  ? 15.800  5.606   4.429   1.00 21.71 ? 86  TYR B N   1 
ATOM   1376 C  CA  . TYR B 1 88  ? 15.717  4.777   5.612   1.00 22.22 ? 86  TYR B CA  1 
ATOM   1377 C  C   . TYR B 1 88  ? 17.034  4.916   6.388   1.00 22.85 ? 86  TYR B C   1 
ATOM   1378 O  O   . TYR B 1 88  ? 17.043  5.206   7.589   1.00 22.09 ? 86  TYR B O   1 
ATOM   1379 C  CB  . TYR B 1 88  ? 15.492  3.327   5.211   1.00 21.48 ? 86  TYR B CB  1 
ATOM   1380 C  CG  . TYR B 1 88  ? 15.639  2.355   6.357   1.00 22.13 ? 86  TYR B CG  1 
ATOM   1381 C  CD1 . TYR B 1 88  ? 14.568  2.080   7.212   1.00 21.63 ? 86  TYR B CD1 1 
ATOM   1382 C  CD2 . TYR B 1 88  ? 16.859  1.724   6.600   1.00 21.40 ? 86  TYR B CD2 1 
ATOM   1383 C  CE1 . TYR B 1 88  ? 14.708  1.198   8.279   1.00 20.44 ? 86  TYR B CE1 1 
ATOM   1384 C  CE2 . TYR B 1 88  ? 17.007  0.838   7.664   1.00 21.68 ? 86  TYR B CE2 1 
ATOM   1385 C  CZ  . TYR B 1 88  ? 15.929  0.578   8.496   1.00 21.18 ? 86  TYR B CZ  1 
ATOM   1386 O  OH  . TYR B 1 88  ? 16.078  -0.319  9.530   1.00 21.76 ? 86  TYR B OH  1 
ATOM   1387 N  N   . ARG B 1 89  ? 18.139  4.730   5.668   1.00 23.24 ? 87  ARG B N   1 
ATOM   1388 C  CA  . ARG B 1 89  ? 19.486  4.804   6.228   1.00 23.17 ? 87  ARG B CA  1 
ATOM   1389 C  C   . ARG B 1 89  ? 19.757  6.148   6.893   1.00 22.74 ? 87  ARG B C   1 
ATOM   1390 O  O   . ARG B 1 89  ? 20.378  6.201   7.956   1.00 22.39 ? 87  ARG B O   1 
ATOM   1391 C  CB  . ARG B 1 89  ? 20.506  4.538   5.115   1.00 25.64 ? 87  ARG B CB  1 
ATOM   1392 C  CG  . ARG B 1 89  ? 21.940  4.515   5.568   1.00 29.35 ? 87  ARG B CG  1 
ATOM   1393 C  CD  . ARG B 1 89  ? 22.839  3.696   4.618   1.00 32.87 ? 87  ARG B CD  1 
ATOM   1394 N  NE  . ARG B 1 89  ? 22.991  4.270   3.279   1.00 34.76 ? 87  ARG B NE  1 
ATOM   1395 C  CZ  . ARG B 1 89  ? 22.164  4.036   2.261   1.00 36.26 ? 87  ARG B CZ  1 
ATOM   1396 N  NH1 . ARG B 1 89  ? 21.114  3.238   2.425   1.00 36.75 ? 87  ARG B NH1 1 
ATOM   1397 N  NH2 . ARG B 1 89  ? 22.398  4.582   1.070   1.00 36.27 ? 87  ARG B NH2 1 
ATOM   1398 N  N   . ARG B 1 90  ? 19.285  7.228   6.268   1.00 21.85 ? 88  ARG B N   1 
ATOM   1399 C  CA  . ARG B 1 90  ? 19.460  8.576   6.797   1.00 20.70 ? 88  ARG B CA  1 
ATOM   1400 C  C   . ARG B 1 90  ? 18.652  8.824   8.075   1.00 20.11 ? 88  ARG B C   1 
ATOM   1401 O  O   . ARG B 1 90  ? 19.150  9.445   9.007   1.00 19.91 ? 88  ARG B O   1 
ATOM   1402 C  CB  . ARG B 1 90  ? 19.072  9.612   5.740   1.00 21.24 ? 88  ARG B CB  1 
ATOM   1403 C  CG  . ARG B 1 90  ? 20.023  9.678   4.566   1.00 23.49 ? 88  ARG B CG  1 
ATOM   1404 C  CD  . ARG B 1 90  ? 21.424  10.132  4.983   1.00 24.31 ? 88  ARG B CD  1 
ATOM   1405 N  NE  . ARG B 1 90  ? 21.530  11.582  5.157   1.00 25.29 ? 88  ARG B NE  1 
ATOM   1406 C  CZ  . ARG B 1 90  ? 22.659  12.217  5.473   1.00 25.95 ? 88  ARG B CZ  1 
ATOM   1407 N  NH1 . ARG B 1 90  ? 23.780  11.537  5.659   1.00 25.42 ? 88  ARG B NH1 1 
ATOM   1408 N  NH2 . ARG B 1 90  ? 22.677  13.540  5.575   1.00 26.92 ? 88  ARG B NH2 1 
ATOM   1409 N  N   . LEU B 1 91  ? 17.404  8.363   8.109   1.00 19.63 ? 89  LEU B N   1 
ATOM   1410 C  CA  . LEU B 1 91  ? 16.562  8.533   9.294   1.00 19.76 ? 89  LEU B CA  1 
ATOM   1411 C  C   . LEU B 1 91  ? 17.185  7.815   10.491  1.00 20.48 ? 89  LEU B C   1 
ATOM   1412 O  O   . LEU B 1 91  ? 17.032  8.237   11.643  1.00 19.47 ? 89  LEU B O   1 
ATOM   1413 C  CB  . LEU B 1 91  ? 15.156  7.983   9.036   1.00 18.69 ? 89  LEU B CB  1 
ATOM   1414 C  CG  . LEU B 1 91  ? 14.290  8.829   8.107   1.00 18.73 ? 89  LEU B CG  1 
ATOM   1415 C  CD1 . LEU B 1 91  ? 12.879  8.247   7.996   1.00 19.53 ? 89  LEU B CD1 1 
ATOM   1416 C  CD2 . LEU B 1 91  ? 14.226  10.231  8.661   1.00 17.92 ? 89  LEU B CD2 1 
ATOM   1417 N  N   . VAL B 1 92  ? 17.890  6.725   10.207  1.00 20.97 ? 90  VAL B N   1 
ATOM   1418 C  CA  . VAL B 1 92  ? 18.555  5.963   11.245  1.00 21.74 ? 90  VAL B CA  1 
ATOM   1419 C  C   . VAL B 1 92  ? 19.753  6.760   11.720  1.00 23.00 ? 90  VAL B C   1 
ATOM   1420 O  O   . VAL B 1 92  ? 20.057  6.793   12.913  1.00 23.64 ? 90  VAL B O   1 
ATOM   1421 C  CB  . VAL B 1 92  ? 19.015  4.592   10.713  1.00 21.39 ? 90  VAL B CB  1 
ATOM   1422 C  CG1 . VAL B 1 92  ? 19.954  3.927   11.702  1.00 20.42 ? 90  VAL B CG1 1 
ATOM   1423 C  CG2 . VAL B 1 92  ? 17.799  3.711   10.474  1.00 20.94 ? 90  VAL B CG2 1 
ATOM   1424 N  N   . GLN B 1 93  ? 20.419  7.421   10.779  1.00 24.47 ? 91  GLN B N   1 
ATOM   1425 C  CA  . GLN B 1 93  ? 21.595  8.220   11.086  1.00 25.72 ? 91  GLN B CA  1 
ATOM   1426 C  C   . GLN B 1 93  ? 21.202  9.533   11.752  1.00 26.33 ? 91  GLN B C   1 
ATOM   1427 O  O   . GLN B 1 93  ? 21.989  10.116  12.497  1.00 26.91 ? 91  GLN B O   1 
ATOM   1428 C  CB  . GLN B 1 93  ? 22.389  8.499   9.812   1.00 27.39 ? 91  GLN B CB  1 
ATOM   1429 C  CG  . GLN B 1 93  ? 23.861  8.808   10.046  1.00 30.85 ? 91  GLN B CG  1 
ATOM   1430 C  CD  . GLN B 1 93  ? 24.554  7.750   10.902  1.00 32.45 ? 91  GLN B CD  1 
ATOM   1431 O  OE1 . GLN B 1 93  ? 24.186  6.569   10.868  1.00 33.13 ? 91  GLN B OE1 1 
ATOM   1432 N  NE2 . GLN B 1 93  ? 25.570  8.166   11.662  1.00 32.05 ? 91  GLN B NE2 1 
ATOM   1433 N  N   . ALA B 1 94  ? 19.988  10.001  11.487  1.00 25.95 ? 92  ALA B N   1 
ATOM   1434 C  CA  . ALA B 1 94  ? 19.513  11.242  12.087  1.00 26.61 ? 92  ALA B CA  1 
ATOM   1435 C  C   . ALA B 1 94  ? 19.009  10.954  13.501  1.00 27.60 ? 92  ALA B C   1 
ATOM   1436 O  O   . ALA B 1 94  ? 18.984  11.833  14.368  1.00 27.18 ? 92  ALA B O   1 
ATOM   1437 C  CB  . ALA B 1 94  ? 18.394  11.841  11.245  1.00 25.52 ? 92  ALA B CB  1 
ATOM   1438 N  N   . ASN B 1 95  ? 18.612  9.707   13.726  1.00 28.29 ? 93  ASN B N   1 
ATOM   1439 C  CA  . ASN B 1 95  ? 18.102  9.300   15.021  1.00 29.03 ? 93  ASN B CA  1 
ATOM   1440 C  C   . ASN B 1 95  ? 19.222  9.037   16.013  1.00 29.70 ? 93  ASN B C   1 
ATOM   1441 O  O   . ASN B 1 95  ? 19.005  9.058   17.218  1.00 30.26 ? 93  ASN B O   1 
ATOM   1442 C  CB  . ASN B 1 95  ? 17.246  8.046   14.869  1.00 29.26 ? 93  ASN B CB  1 
ATOM   1443 C  CG  . ASN B 1 95  ? 16.558  7.660   16.155  1.00 28.71 ? 93  ASN B CG  1 
ATOM   1444 O  OD1 . ASN B 1 95  ? 16.231  8.520   16.968  1.00 28.80 ? 93  ASN B OD1 1 
ATOM   1445 N  ND2 . ASN B 1 95  ? 16.315  6.366   16.338  1.00 27.57 ? 93  ASN B ND2 1 
ATOM   1446 N  N   . ILE B 1 96  ? 20.421  8.787   15.498  1.00 30.37 ? 94  ILE B N   1 
ATOM   1447 C  CA  . ILE B 1 96  ? 21.574  8.506   16.340  1.00 30.53 ? 94  ILE B CA  1 
ATOM   1448 C  C   . ILE B 1 96  ? 22.358  9.772   16.658  1.00 30.87 ? 94  ILE B C   1 
ATOM   1449 O  O   . ILE B 1 96  ? 23.003  9.876   17.708  1.00 30.72 ? 94  ILE B O   1 
ATOM   1450 C  CB  . ILE B 1 96  ? 22.505  7.487   15.646  1.00 31.11 ? 94  ILE B CB  1 
ATOM   1451 C  CG1 . ILE B 1 96  ? 21.885  6.090   15.721  1.00 31.01 ? 94  ILE B CG1 1 
ATOM   1452 C  CG2 . ILE B 1 96  ? 23.893  7.514   16.279  1.00 31.50 ? 94  ILE B CG2 1 
ATOM   1453 C  CD1 . ILE B 1 96  ? 22.657  5.038   14.956  1.00 30.77 ? 94  ILE B CD1 1 
ATOM   1454 N  N   . LYS B 1 97  ? 22.295  10.740  15.751  1.00 30.84 ? 95  LYS B N   1 
ATOM   1455 C  CA  . LYS B 1 97  ? 23.011  11.987  15.944  1.00 31.48 ? 95  LYS B CA  1 
ATOM   1456 C  C   . LYS B 1 97  ? 22.120  13.185  16.266  1.00 31.13 ? 95  LYS B C   1 
ATOM   1457 O  O   . LYS B 1 97  ? 22.614  14.300  16.431  1.00 31.51 ? 95  LYS B O   1 
ATOM   1458 C  CB  . LYS B 1 97  ? 23.876  12.276  14.717  1.00 32.27 ? 95  LYS B CB  1 
ATOM   1459 C  CG  . LYS B 1 97  ? 25.034  11.300  14.585  1.00 34.97 ? 95  LYS B CG  1 
ATOM   1460 C  CD  . LYS B 1 97  ? 25.894  11.568  13.357  1.00 36.49 ? 95  LYS B CD  1 
ATOM   1461 C  CE  . LYS B 1 97  ? 27.151  10.704  13.399  1.00 37.41 ? 95  LYS B CE  1 
ATOM   1462 N  NZ  . LYS B 1 97  ? 28.006  10.856  12.187  1.00 38.48 ? 95  LYS B NZ  1 
ATOM   1463 N  N   . ASN B 1 98  ? 20.812  12.961  16.373  1.00 30.58 ? 96  ASN B N   1 
ATOM   1464 C  CA  . ASN B 1 98  ? 19.895  14.053  16.692  1.00 30.66 ? 96  ASN B CA  1 
ATOM   1465 C  C   . ASN B 1 98  ? 20.157  15.215  15.738  1.00 30.37 ? 96  ASN B C   1 
ATOM   1466 O  O   . ASN B 1 98  ? 20.266  16.378  16.142  1.00 28.61 ? 96  ASN B O   1 
ATOM   1467 C  CB  . ASN B 1 98  ? 20.104  14.481  18.146  1.00 31.18 ? 96  ASN B CB  1 
ATOM   1468 C  CG  . ASN B 1 98  ? 19.746  13.378  19.127  1.00 32.02 ? 96  ASN B CG  1 
ATOM   1469 O  OD1 . ASN B 1 98  ? 18.576  13.075  19.324  1.00 32.30 ? 96  ASN B OD1 1 
ATOM   1470 N  ND2 . ASN B 1 98  ? 20.756  12.760  19.730  1.00 33.59 ? 96  ASN B ND2 1 
ATOM   1471 N  N   . ASP B 1 99  ? 20.245  14.868  14.458  1.00 30.51 ? 97  ASP B N   1 
ATOM   1472 C  CA  . ASP B 1 99  ? 20.518  15.821  13.403  1.00 30.17 ? 97  ASP B CA  1 
ATOM   1473 C  C   . ASP B 1 99  ? 19.257  16.259  12.653  1.00 29.86 ? 97  ASP B C   1 
ATOM   1474 O  O   . ASP B 1 99  ? 18.895  15.674  11.632  1.00 30.12 ? 97  ASP B O   1 
ATOM   1475 C  CB  . ASP B 1 99  ? 21.524  15.203  12.434  1.00 30.92 ? 97  ASP B CB  1 
ATOM   1476 C  CG  . ASP B 1 99  ? 21.963  16.165  11.349  1.00 32.53 ? 97  ASP B CG  1 
ATOM   1477 O  OD1 . ASP B 1 99  ? 22.715  15.721  10.451  1.00 34.16 ? 97  ASP B OD1 1 
ATOM   1478 O  OD2 . ASP B 1 99  ? 21.567  17.355  11.392  1.00 32.05 ? 97  ASP B OD2 1 
ATOM   1479 N  N   . THR B 1 100 ? 18.585  17.288  13.159  1.00 29.08 ? 98  THR B N   1 
ATOM   1480 C  CA  . THR B 1 100 ? 17.387  17.784  12.494  1.00 28.77 ? 98  THR B CA  1 
ATOM   1481 C  C   . THR B 1 100 ? 17.735  18.139  11.049  1.00 29.25 ? 98  THR B C   1 
ATOM   1482 O  O   . THR B 1 100 ? 16.853  18.256  10.196  1.00 28.90 ? 98  THR B O   1 
ATOM   1483 C  CB  . THR B 1 100 ? 16.837  19.034  13.189  1.00 28.12 ? 98  THR B CB  1 
ATOM   1484 O  OG1 . THR B 1 100 ? 17.857  20.033  13.246  1.00 27.32 ? 98  THR B OG1 1 
ATOM   1485 C  CG2 . THR B 1 100 ? 16.386  18.700  14.599  1.00 28.80 ? 98  THR B CG2 1 
ATOM   1486 N  N   . GLY B 1 101 ? 19.028  18.308  10.784  1.00 29.27 ? 99  GLY B N   1 
ATOM   1487 C  CA  . GLY B 1 101 ? 19.474  18.637  9.446   1.00 29.68 ? 99  GLY B CA  1 
ATOM   1488 C  C   . GLY B 1 101 ? 19.153  17.528  8.460   1.00 30.09 ? 99  GLY B C   1 
ATOM   1489 O  O   . GLY B 1 101 ? 18.661  17.784  7.360   1.00 30.02 ? 99  GLY B O   1 
HETATM 1490 N  N   . MSE B 1 102 ? 19.432  16.291  8.860   1.00 30.47 ? 100 MSE B N   1 
HETATM 1491 C  CA  . MSE B 1 102 ? 19.175  15.130  8.023   1.00 30.87 ? 100 MSE B CA  1 
HETATM 1492 C  C   . MSE B 1 102 ? 17.687  14.874  7.860   1.00 29.25 ? 100 MSE B C   1 
HETATM 1493 O  O   . MSE B 1 102 ? 17.253  14.320  6.845   1.00 28.81 ? 100 MSE B O   1 
HETATM 1494 C  CB  . MSE B 1 102 ? 19.841  13.898  8.614   1.00 34.96 ? 100 MSE B CB  1 
HETATM 1495 C  CG  . MSE B 1 102 ? 21.342  13.914  8.513   1.00 40.49 ? 100 MSE B CG  1 
HETATM 1496 SE SE  . MSE B 1 102 ? 22.089  12.244  9.097   1.00 49.20 ? 100 MSE B SE  1 
HETATM 1497 C  CE  . MSE B 1 102 ? 23.390  12.944  10.351  1.00 45.84 ? 100 MSE B CE  1 
ATOM   1498 N  N   . LEU B 1 103 ? 16.904  15.271  8.861   1.00 26.68 ? 101 LEU B N   1 
ATOM   1499 C  CA  . LEU B 1 103 ? 15.462  15.095  8.785   1.00 24.97 ? 101 LEU B CA  1 
ATOM   1500 C  C   . LEU B 1 103 ? 14.922  16.077  7.752   1.00 23.89 ? 101 LEU B C   1 
ATOM   1501 O  O   . LEU B 1 103 ? 13.917  15.816  7.091   1.00 24.19 ? 101 LEU B O   1 
ATOM   1502 C  CB  . LEU B 1 103 ? 14.810  15.363  10.143  1.00 24.56 ? 101 LEU B CB  1 
ATOM   1503 C  CG  . LEU B 1 103 ? 15.269  14.494  11.316  1.00 24.05 ? 101 LEU B CG  1 
ATOM   1504 C  CD1 . LEU B 1 103 ? 14.413  14.798  12.528  1.00 23.30 ? 101 LEU B CD1 1 
ATOM   1505 C  CD2 . LEU B 1 103 ? 15.170  13.023  10.945  1.00 23.19 ? 101 LEU B CD2 1 
ATOM   1506 N  N   . ALA B 1 104 ? 15.602  17.207  7.616   1.00 22.39 ? 102 ALA B N   1 
ATOM   1507 C  CA  . ALA B 1 104 ? 15.201  18.231  6.669   1.00 21.32 ? 102 ALA B CA  1 
ATOM   1508 C  C   . ALA B 1 104 ? 15.450  17.773  5.233   1.00 20.94 ? 102 ALA B C   1 
ATOM   1509 O  O   . ALA B 1 104 ? 14.631  18.009  4.340   1.00 20.45 ? 102 ALA B O   1 
ATOM   1510 C  CB  . ALA B 1 104 ? 15.963  19.526  6.948   1.00 20.86 ? 102 ALA B CB  1 
ATOM   1511 N  N   . GLU B 1 105 ? 16.575  17.112  4.999   1.00 20.39 ? 103 GLU B N   1 
ATOM   1512 C  CA  . GLU B 1 105 ? 16.850  16.673  3.646   1.00 20.35 ? 103 GLU B CA  1 
ATOM   1513 C  C   . GLU B 1 105 ? 15.897  15.541  3.269   1.00 19.18 ? 103 GLU B C   1 
ATOM   1514 O  O   . GLU B 1 105 ? 15.349  15.535  2.175   1.00 20.45 ? 103 GLU B O   1 
ATOM   1515 C  CB  . GLU B 1 105 ? 18.320  16.247  3.491   1.00 21.00 ? 103 GLU B CB  1 
ATOM   1516 C  CG  . GLU B 1 105 ? 18.614  14.790  3.761   1.00 23.52 ? 103 GLU B CG  1 
ATOM   1517 C  CD  . GLU B 1 105 ? 20.008  14.410  3.301   1.00 25.19 ? 103 GLU B CD  1 
ATOM   1518 O  OE1 . GLU B 1 105 ? 20.987  14.863  3.939   1.00 26.24 ? 103 GLU B OE1 1 
ATOM   1519 O  OE2 . GLU B 1 105 ? 20.126  13.673  2.293   1.00 25.07 ? 103 GLU B OE2 1 
ATOM   1520 N  N   . VAL B 1 106 ? 15.685  14.599  4.179   1.00 17.98 ? 104 VAL B N   1 
ATOM   1521 C  CA  . VAL B 1 106 ? 14.781  13.488  3.917   1.00 16.76 ? 104 VAL B CA  1 
ATOM   1522 C  C   . VAL B 1 106 ? 13.348  13.992  3.706   1.00 16.92 ? 104 VAL B C   1 
ATOM   1523 O  O   . VAL B 1 106 ? 12.602  13.463  2.880   1.00 16.02 ? 104 VAL B O   1 
ATOM   1524 C  CB  . VAL B 1 106 ? 14.819  12.466  5.074   1.00 16.20 ? 104 VAL B CB  1 
ATOM   1525 C  CG1 . VAL B 1 106 ? 13.699  11.438  4.909   1.00 14.90 ? 104 VAL B CG1 1 
ATOM   1526 C  CG2 . VAL B 1 106 ? 16.185  11.771  5.097   1.00 15.01 ? 104 VAL B CG2 1 
ATOM   1527 N  N   . GLU B 1 107 ? 12.971  15.027  4.443   1.00 17.29 ? 105 GLU B N   1 
ATOM   1528 C  CA  . GLU B 1 107 ? 11.645  15.598  4.301   1.00 18.15 ? 105 GLU B CA  1 
ATOM   1529 C  C   . GLU B 1 107 ? 11.516  16.226  2.921   1.00 17.90 ? 105 GLU B C   1 
ATOM   1530 O  O   . GLU B 1 107 ? 10.449  16.200  2.305   1.00 18.19 ? 105 GLU B O   1 
ATOM   1531 C  CB  . GLU B 1 107 ? 11.417  16.648  5.379   1.00 20.34 ? 105 GLU B CB  1 
ATOM   1532 C  CG  . GLU B 1 107 ? 10.153  17.456  5.203   1.00 22.93 ? 105 GLU B CG  1 
ATOM   1533 C  CD  . GLU B 1 107 ? 9.913   18.361  6.379   1.00 25.28 ? 105 GLU B CD  1 
ATOM   1534 O  OE1 . GLU B 1 107 ? 9.472   17.850  7.427   1.00 28.80 ? 105 GLU B OE1 1 
ATOM   1535 O  OE2 . GLU B 1 107 ? 10.176  19.576  6.265   1.00 26.53 ? 105 GLU B OE2 1 
ATOM   1536 N  N   . GLY B 1 108 ? 12.611  16.794  2.434   1.00 17.28 ? 106 GLY B N   1 
ATOM   1537 C  CA  . GLY B 1 108 ? 12.584  17.403  1.119   1.00 16.69 ? 106 GLY B CA  1 
ATOM   1538 C  C   . GLY B 1 108 ? 12.374  16.369  0.023   1.00 16.75 ? 106 GLY B C   1 
ATOM   1539 O  O   . GLY B 1 108 ? 11.716  16.648  -0.981  1.00 16.79 ? 106 GLY B O   1 
ATOM   1540 N  N   . TYR B 1 109 ? 12.931  15.175  0.205   1.00 15.94 ? 107 TYR B N   1 
ATOM   1541 C  CA  . TYR B 1 109 ? 12.791  14.126  -0.793  1.00 16.14 ? 107 TYR B CA  1 
ATOM   1542 C  C   . TYR B 1 109 ? 11.397  13.531  -0.772  1.00 15.32 ? 107 TYR B C   1 
ATOM   1543 O  O   . TYR B 1 109 ? 10.775  13.333  -1.818  1.00 14.68 ? 107 TYR B O   1 
ATOM   1544 C  CB  . TYR B 1 109 ? 13.812  13.007  -0.550  1.00 18.29 ? 107 TYR B CB  1 
ATOM   1545 C  CG  . TYR B 1 109 ? 15.214  13.331  -1.003  1.00 19.38 ? 107 TYR B CG  1 
ATOM   1546 C  CD1 . TYR B 1 109 ? 16.270  13.366  -0.092  1.00 20.09 ? 107 TYR B CD1 1 
ATOM   1547 C  CD2 . TYR B 1 109 ? 15.486  13.608  -2.346  1.00 20.15 ? 107 TYR B CD2 1 
ATOM   1548 C  CE1 . TYR B 1 109 ? 17.566  13.670  -0.504  1.00 21.04 ? 107 TYR B CE1 1 
ATOM   1549 C  CE2 . TYR B 1 109 ? 16.780  13.913  -2.773  1.00 21.36 ? 107 TYR B CE2 1 
ATOM   1550 C  CZ  . TYR B 1 109 ? 17.816  13.943  -1.844  1.00 21.53 ? 107 TYR B CZ  1 
ATOM   1551 O  OH  . TYR B 1 109 ? 19.095  14.252  -2.250  1.00 22.37 ? 107 TYR B OH  1 
ATOM   1552 N  N   . VAL B 1 110 ? 10.918  13.239  0.433   1.00 14.67 ? 108 VAL B N   1 
ATOM   1553 C  CA  . VAL B 1 110 ? 9.604   12.647  0.610   1.00 13.54 ? 108 VAL B CA  1 
ATOM   1554 C  C   . VAL B 1 110 ? 8.493   13.589  0.171   1.00 13.77 ? 108 VAL B C   1 
ATOM   1555 O  O   . VAL B 1 110 ? 7.490   13.152  -0.377  1.00 12.96 ? 108 VAL B O   1 
ATOM   1556 C  CB  . VAL B 1 110 ? 9.396   12.215  2.083   1.00 12.70 ? 108 VAL B CB  1 
ATOM   1557 C  CG1 . VAL B 1 110 ? 7.978   11.667  2.290   1.00 10.34 ? 108 VAL B CG1 1 
ATOM   1558 C  CG2 . VAL B 1 110 ? 10.437  11.155  2.447   1.00 10.98 ? 108 VAL B CG2 1 
ATOM   1559 N  N   . THR B 1 111 ? 8.679   14.885  0.395   1.00 14.39 ? 109 THR B N   1 
ATOM   1560 C  CA  . THR B 1 111 ? 7.673   15.854  -0.006  1.00 15.11 ? 109 THR B CA  1 
ATOM   1561 C  C   . THR B 1 111 ? 7.449   15.795  -1.510  1.00 16.13 ? 109 THR B C   1 
ATOM   1562 O  O   . THR B 1 111 ? 6.314   15.860  -1.972  1.00 17.66 ? 109 THR B O   1 
ATOM   1563 C  CB  . THR B 1 111 ? 8.080   17.287  0.378   1.00 15.30 ? 109 THR B CB  1 
ATOM   1564 O  OG1 . THR B 1 111 ? 8.068   17.420  1.806   1.00 15.77 ? 109 THR B OG1 1 
ATOM   1565 C  CG2 . THR B 1 111 ? 7.114   18.295  -0.237  1.00 15.00 ? 109 THR B CG2 1 
ATOM   1566 N  N   . ASP B 1 112 ? 8.525   15.670  -2.278  1.00 17.58 ? 110 ASP B N   1 
ATOM   1567 C  CA  . ASP B 1 112 ? 8.405   15.602  -3.733  1.00 18.22 ? 110 ASP B CA  1 
ATOM   1568 C  C   . ASP B 1 112 ? 7.800   14.288  -4.193  1.00 18.48 ? 110 ASP B C   1 
ATOM   1569 O  O   . ASP B 1 112 ? 7.095   14.250  -5.204  1.00 19.06 ? 110 ASP B O   1 
ATOM   1570 C  CB  . ASP B 1 112 ? 9.763   15.810  -4.411  1.00 19.14 ? 110 ASP B CB  1 
ATOM   1571 C  CG  . ASP B 1 112 ? 10.271  17.241  -4.286  1.00 20.66 ? 110 ASP B CG  1 
ATOM   1572 O  OD1 . ASP B 1 112 ? 9.445   18.179  -4.182  1.00 21.55 ? 110 ASP B OD1 1 
ATOM   1573 O  OD2 . ASP B 1 112 ? 11.502  17.434  -4.308  1.00 22.31 ? 110 ASP B OD2 1 
ATOM   1574 N  N   . PHE B 1 113 ? 8.067   13.212  -3.459  1.00 18.22 ? 111 PHE B N   1 
ATOM   1575 C  CA  . PHE B 1 113 ? 7.514   11.913  -3.828  1.00 18.63 ? 111 PHE B CA  1 
ATOM   1576 C  C   . PHE B 1 113 ? 6.002   11.936  -3.653  1.00 18.02 ? 111 PHE B C   1 
ATOM   1577 O  O   . PHE B 1 113 ? 5.251   11.431  -4.492  1.00 17.59 ? 111 PHE B O   1 
ATOM   1578 C  CB  . PHE B 1 113 ? 8.097   10.794  -2.954  1.00 20.59 ? 111 PHE B CB  1 
ATOM   1579 C  CG  . PHE B 1 113 ? 9.584   10.582  -3.124  1.00 22.64 ? 111 PHE B CG  1 
ATOM   1580 C  CD1 . PHE B 1 113 ? 10.275  9.720   -2.268  1.00 22.81 ? 111 PHE B CD1 1 
ATOM   1581 C  CD2 . PHE B 1 113 ? 10.298  11.257  -4.114  1.00 22.83 ? 111 PHE B CD2 1 
ATOM   1582 C  CE1 . PHE B 1 113 ? 11.643  9.538   -2.388  1.00 23.05 ? 111 PHE B CE1 1 
ATOM   1583 C  CE2 . PHE B 1 113 ? 11.668  11.083  -4.243  1.00 24.01 ? 111 PHE B CE2 1 
ATOM   1584 C  CZ  . PHE B 1 113 ? 12.345  10.222  -3.377  1.00 23.88 ? 111 PHE B CZ  1 
ATOM   1585 N  N   . ARG B 1 114 ? 5.553   12.534  -2.560  1.00 17.87 ? 112 ARG B N   1 
ATOM   1586 C  CA  . ARG B 1 114 ? 4.132   12.584  -2.294  1.00 18.50 ? 112 ARG B CA  1 
ATOM   1587 C  C   . ARG B 1 114 ? 3.408   13.441  -3.309  1.00 18.56 ? 112 ARG B C   1 
ATOM   1588 O  O   . ARG B 1 114 ? 2.416   13.006  -3.896  1.00 17.76 ? 112 ARG B O   1 
ATOM   1589 C  CB  . ARG B 1 114 ? 3.842   13.122  -0.899  1.00 18.46 ? 112 ARG B CB  1 
ATOM   1590 C  CG  . ARG B 1 114 ? 2.346   13.064  -0.621  1.00 19.24 ? 112 ARG B CG  1 
ATOM   1591 C  CD  . ARG B 1 114 ? 1.879   14.271  0.125   1.00 18.29 ? 112 ARG B CD  1 
ATOM   1592 N  NE  . ARG B 1 114 ? 2.608   15.458  -0.286  1.00 15.58 ? 112 ARG B NE  1 
ATOM   1593 C  CZ  . ARG B 1 114 ? 2.779   16.507  0.499   1.00 14.54 ? 112 ARG B CZ  1 
ATOM   1594 N  NH1 . ARG B 1 114 ? 2.266   16.504  1.719   1.00 12.91 ? 112 ARG B NH1 1 
ATOM   1595 N  NH2 . ARG B 1 114 ? 3.486   17.538  0.077   1.00 16.37 ? 112 ARG B NH2 1 
ATOM   1596 N  N   . ASP B 1 115 ? 3.896   14.663  -3.502  1.00 18.99 ? 113 ASP B N   1 
ATOM   1597 C  CA  . ASP B 1 115 ? 3.281   15.565  -4.464  1.00 20.09 ? 113 ASP B CA  1 
ATOM   1598 C  C   . ASP B 1 115 ? 3.227   14.870  -5.810  1.00 19.58 ? 113 ASP B C   1 
ATOM   1599 O  O   . ASP B 1 115 ? 2.193   14.884  -6.480  1.00 19.89 ? 113 ASP B O   1 
ATOM   1600 C  CB  . ASP B 1 115 ? 4.062   16.887  -4.562  1.00 21.77 ? 113 ASP B CB  1 
ATOM   1601 C  CG  . ASP B 1 115 ? 3.902   17.752  -3.312  1.00 23.83 ? 113 ASP B CG  1 
ATOM   1602 O  OD1 . ASP B 1 115 ? 2.825   17.672  -2.674  1.00 24.04 ? 113 ASP B OD1 1 
ATOM   1603 O  OD2 . ASP B 1 115 ? 4.836   18.517  -2.972  1.00 25.09 ? 113 ASP B OD2 1 
ATOM   1604 N  N   . ALA B 1 116 ? 4.339   14.245  -6.190  1.00 19.28 ? 114 ALA B N   1 
ATOM   1605 C  CA  . ALA B 1 116 ? 4.419   13.521  -7.455  1.00 18.29 ? 114 ALA B CA  1 
ATOM   1606 C  C   . ALA B 1 116 ? 3.403   12.379  -7.485  1.00 17.78 ? 114 ALA B C   1 
ATOM   1607 O  O   . ALA B 1 116 ? 2.815   12.084  -8.523  1.00 18.12 ? 114 ALA B O   1 
ATOM   1608 C  CB  . ALA B 1 116 ? 5.826   12.980  -7.656  1.00 17.89 ? 114 ALA B CB  1 
ATOM   1609 N  N   . TRP B 1 117 ? 3.196   11.735  -6.346  1.00 17.51 ? 115 TRP B N   1 
ATOM   1610 C  CA  . TRP B 1 117 ? 2.234   10.639  -6.276  1.00 17.43 ? 115 TRP B CA  1 
ATOM   1611 C  C   . TRP B 1 117 ? 0.808   11.181  -6.330  1.00 18.10 ? 115 TRP B C   1 
ATOM   1612 O  O   . TRP B 1 117 ? -0.076  10.581  -6.948  1.00 17.68 ? 115 TRP B O   1 
ATOM   1613 C  CB  . TRP B 1 117 ? 2.435   9.846   -4.980  1.00 15.91 ? 115 TRP B CB  1 
ATOM   1614 C  CG  . TRP B 1 117 ? 1.633   8.581   -4.925  1.00 13.98 ? 115 TRP B CG  1 
ATOM   1615 C  CD1 . TRP B 1 117 ? 0.305   8.460   -4.632  1.00 12.12 ? 115 TRP B CD1 1 
ATOM   1616 C  CD2 . TRP B 1 117 ? 2.098   7.260   -5.241  1.00 12.96 ? 115 TRP B CD2 1 
ATOM   1617 N  NE1 . TRP B 1 117 ? -0.087  7.147   -4.750  1.00 13.07 ? 115 TRP B NE1 1 
ATOM   1618 C  CE2 . TRP B 1 117 ? 0.992   6.389   -5.125  1.00 12.11 ? 115 TRP B CE2 1 
ATOM   1619 C  CE3 . TRP B 1 117 ? 3.342   6.730   -5.614  1.00 12.59 ? 115 TRP B CE3 1 
ATOM   1620 C  CZ2 . TRP B 1 117 ? 1.090   5.016   -5.372  1.00 12.08 ? 115 TRP B CZ2 1 
ATOM   1621 C  CZ3 . TRP B 1 117 ? 3.439   5.357   -5.862  1.00 12.61 ? 115 TRP B CZ3 1 
ATOM   1622 C  CH2 . TRP B 1 117 ? 2.320   4.519   -5.739  1.00 12.66 ? 115 TRP B CH2 1 
ATOM   1623 N  N   . LYS B 1 118 ? 0.597   12.317  -5.672  1.00 18.66 ? 116 LYS B N   1 
ATOM   1624 C  CA  . LYS B 1 118 ? -0.708  12.967  -5.631  1.00 20.97 ? 116 LYS B CA  1 
ATOM   1625 C  C   . LYS B 1 118 ? -1.131  13.303  -7.068  1.00 21.68 ? 116 LYS B C   1 
ATOM   1626 O  O   . LYS B 1 118 ? -2.286  13.113  -7.457  1.00 20.13 ? 116 LYS B O   1 
ATOM   1627 C  CB  . LYS B 1 118 ? -0.602  14.236  -4.789  1.00 22.16 ? 116 LYS B CB  1 
ATOM   1628 C  CG  . LYS B 1 118 ? -1.909  14.866  -4.339  1.00 24.95 ? 116 LYS B CG  1 
ATOM   1629 C  CD  . LYS B 1 118 ? -1.651  16.308  -3.876  1.00 28.22 ? 116 LYS B CD  1 
ATOM   1630 C  CE  . LYS B 1 118 ? -0.401  16.388  -2.973  1.00 30.90 ? 116 LYS B CE  1 
ATOM   1631 N  NZ  . LYS B 1 118 ? 0.205   17.764  -2.861  1.00 32.16 ? 116 LYS B NZ  1 
ATOM   1632 N  N   . GLN B 1 119 ? -0.175  13.795  -7.848  1.00 22.97 ? 117 GLN B N   1 
ATOM   1633 C  CA  . GLN B 1 119 ? -0.414  14.131  -9.241  1.00 25.00 ? 117 GLN B CA  1 
ATOM   1634 C  C   . GLN B 1 119 ? -0.887  12.889  -9.980  1.00 25.44 ? 117 GLN B C   1 
ATOM   1635 O  O   . GLN B 1 119 ? -1.980  12.869  -10.547 1.00 26.38 ? 117 GLN B O   1 
ATOM   1636 C  CB  . GLN B 1 119 ? 0.870   14.623  -9.909  1.00 27.02 ? 117 GLN B CB  1 
ATOM   1637 C  CG  . GLN B 1 119 ? 1.151   16.101  -9.780  1.00 29.70 ? 117 GLN B CG  1 
ATOM   1638 C  CD  . GLN B 1 119 ? 2.265   16.534  -10.715 1.00 31.83 ? 117 GLN B CD  1 
ATOM   1639 O  OE1 . GLN B 1 119 ? 2.233   16.234  -11.912 1.00 32.44 ? 117 GLN B OE1 1 
ATOM   1640 N  NE2 . GLN B 1 119 ? 3.256   17.247  -10.176 1.00 32.72 ? 117 GLN B NE2 1 
ATOM   1641 N  N   . ALA B 1 120 ? -0.047  11.857  -9.975  1.00 25.13 ? 118 ALA B N   1 
ATOM   1642 C  CA  . ALA B 1 120 ? -0.360  10.600  -10.641 1.00 25.24 ? 118 ALA B CA  1 
ATOM   1643 C  C   . ALA B 1 120 ? -1.770  10.095  -10.312 1.00 25.52 ? 118 ALA B C   1 
ATOM   1644 O  O   . ALA B 1 120 ? -2.352  9.333   -11.080 1.00 25.90 ? 118 ALA B O   1 
ATOM   1645 C  CB  . ALA B 1 120 ? 0.683   9.549   -10.272 1.00 23.62 ? 118 ALA B CB  1 
ATOM   1646 N  N   . ILE B 1 121 ? -2.314  10.522  -9.176  1.00 26.34 ? 119 ILE B N   1 
ATOM   1647 C  CA  . ILE B 1 121 ? -3.663  10.127  -8.756  1.00 27.38 ? 119 ILE B CA  1 
ATOM   1648 C  C   . ILE B 1 121 ? -4.714  10.924  -9.522  1.00 28.43 ? 119 ILE B C   1 
ATOM   1649 O  O   . ILE B 1 121 ? -5.498  10.371  -10.288 1.00 28.37 ? 119 ILE B O   1 
ATOM   1650 C  CB  . ILE B 1 121 ? -3.888  10.391  -7.246  1.00 27.38 ? 119 ILE B CB  1 
ATOM   1651 C  CG1 . ILE B 1 121 ? -3.197  9.326   -6.401  1.00 26.64 ? 119 ILE B CG1 1 
ATOM   1652 C  CG2 . ILE B 1 121 ? -5.377  10.433  -6.935  1.00 26.90 ? 119 ILE B CG2 1 
ATOM   1653 C  CD1 . ILE B 1 121 ? -3.363  9.576   -4.913  1.00 26.41 ? 119 ILE B CD1 1 
ATOM   1654 N  N   . GLN B 1 122 ? -4.728  12.233  -9.288  1.00 30.40 ? 120 GLN B N   1 
ATOM   1655 C  CA  . GLN B 1 122 ? -5.674  13.131  -9.938  1.00 32.29 ? 120 GLN B CA  1 
ATOM   1656 C  C   . GLN B 1 122 ? -5.609  12.892  -11.440 1.00 33.46 ? 120 GLN B C   1 
ATOM   1657 O  O   . GLN B 1 122 ? -6.636  12.847  -12.121 1.00 34.00 ? 120 GLN B O   1 
ATOM   1658 C  CB  . GLN B 1 122 ? -5.303  14.588  -9.638  1.00 32.70 ? 120 GLN B CB  1 
ATOM   1659 C  CG  . GLN B 1 122 ? -4.907  14.843  -8.196  1.00 33.19 ? 120 GLN B CG  1 
ATOM   1660 C  CD  . GLN B 1 122 ? -4.242  16.198  -7.999  1.00 33.87 ? 120 GLN B CD  1 
ATOM   1661 O  OE1 . GLN B 1 122 ? -3.390  16.609  -8.793  1.00 33.36 ? 120 GLN B OE1 1 
ATOM   1662 N  NE2 . GLN B 1 122 ? -4.616  16.891  -6.928  1.00 33.97 ? 120 GLN B NE2 1 
ATOM   1663 N  N   . SER B 1 123 ? -4.385  12.733  -11.935 1.00 34.77 ? 121 SER B N   1 
ATOM   1664 C  CA  . SER B 1 123 ? -4.095  12.501  -13.345 1.00 36.07 ? 121 SER B CA  1 
ATOM   1665 C  C   . SER B 1 123 ? -4.867  11.336  -13.970 1.00 37.88 ? 121 SER B C   1 
ATOM   1666 O  O   . SER B 1 123 ? -4.523  10.861  -15.054 1.00 37.95 ? 121 SER B O   1 
ATOM   1667 C  CB  . SER B 1 123 ? -2.595  12.272  -13.510 1.00 35.55 ? 121 SER B CB  1 
ATOM   1668 O  OG  . SER B 1 123 ? -2.280  11.865  -14.824 1.00 35.75 ? 121 SER B OG  1 
ATOM   1669 N  N   . GLU B 1 124 ? -5.906  10.878  -13.280 1.00 40.44 ? 122 GLU B N   1 
ATOM   1670 C  CA  . GLU B 1 124 ? -6.745  9.778   -13.753 1.00 42.45 ? 122 GLU B CA  1 
ATOM   1671 C  C   . GLU B 1 124 ? -8.134  9.911   -13.137 1.00 43.19 ? 122 GLU B C   1 
ATOM   1672 O  O   . GLU B 1 124 ? -9.115  9.972   -13.910 1.00 43.73 ? 122 GLU B O   1 
ATOM   1673 C  CB  . GLU B 1 124 ? -6.139  8.432   -13.358 1.00 42.95 ? 122 GLU B CB  1 
ATOM   1674 C  CG  . GLU B 1 124 ? -4.719  8.246   -13.837 1.00 45.09 ? 122 GLU B CG  1 
ATOM   1675 C  CD  . GLU B 1 124 ? -4.115  6.941   -13.372 1.00 46.93 ? 122 GLU B CD  1 
ATOM   1676 O  OE1 . GLU B 1 124 ? -2.891  6.756   -13.553 1.00 47.59 ? 122 GLU B OE1 1 
ATOM   1677 O  OE2 . GLU B 1 124 ? -4.865  6.100   -12.828 1.00 47.83 ? 122 GLU B OE2 1 
HETATM 1678 O  O   . HOH C 2 .   ? 7.833   -1.676  8.036   1.00 14.30 ? 144 HOH A O   1 
HETATM 1679 O  O   . HOH C 2 .   ? 10.388  -7.258  -15.059 1.00 28.56 ? 145 HOH A O   1 
HETATM 1680 O  O   . HOH C 2 .   ? -15.038 -0.094  -8.907  1.00 23.06 ? 146 HOH A O   1 
HETATM 1681 O  O   . HOH C 2 .   ? -11.028 8.956   -1.853  1.00 27.30 ? 147 HOH A O   1 
HETATM 1682 O  O   . HOH C 2 .   ? 12.290  0.594   11.413  1.00 20.97 ? 148 HOH A O   1 
HETATM 1683 O  O   . HOH C 2 .   ? 0.594   -6.556  -5.943  1.00 24.63 ? 149 HOH A O   1 
HETATM 1684 O  O   . HOH D 2 .   ? 21.710  16.666  5.890   1.00 27.29 ? 144 HOH B O   1 
HETATM 1685 O  O   . HOH D 2 .   ? 6.093   9.310   -6.143  1.00 20.35 ? 145 HOH B O   1 
HETATM 1686 O  O   . HOH D 2 .   ? 4.830   -2.270  7.950   1.00 26.33 ? 146 HOH B O   1 
HETATM 1687 O  O   . HOH D 2 .   ? -15.851 3.350   -5.563  1.00 11.03 ? 147 HOH B O   1 
HETATM 1688 O  O   . HOH D 2 .   ? -9.521  2.219   -5.426  1.00 22.04 ? 148 HOH B O   1 
HETATM 1689 O  O   . HOH D 2 .   ? 16.450  4.281   14.630  1.00 25.36 ? 149 HOH B O   1 
# 
